data_8C21
#
_entry.id   8C21
#
loop_
_entity.id
_entity.type
_entity.pdbx_description
1 polymer '5-hydroxytryptamine receptor 3A'
2 non-polymer SEROTONIN
#
_entity_poly.entity_id   1
_entity_poly.type   'polypeptide(L)'
_entity_poly.pdbx_seq_one_letter_code
;MWSHPQFEKGGGSGGGSGGGSWSHPQFEKGGGSGGGSGGGSWSHPQFEKGGGSGGGSGGGSWSHPQFEKENLYFQGATQA
RDTTQPALLRLSDHLLANYKKGVRPVRDWRKPTTVSIDVIMYAILNVDEKNQVLTTYIWYRQYWTDEFLQWTPEDFDNVT
KLSIPTDSIWVPDILINEFVDVGKSPNIPYVYVHHRGEVQNYKPLQLVTACSLDIYNFPFDVQNCSLTFTSWLHTIQDIN
ITLWRSPEEVRSDKSIFINQGEWELLEVFPQFKEFSIDISNSYAEMKFYVIIRRRPLFYAVSLLLPSIFLMVVDIVGFCL
PPDSGERVSFKITLLLGYSVFLIIVSDTLPATAIGTPLIGVYFVVCMALLVISLAETIFIVRLVHKQDLQRPVPDWLRHL
VLDRIAWILCLGEQPMAHRPPATFQANKTDDCSGSDLLPAMGNHCSHVGGPQDLEKTPRGRGSPLPPPREASLAVRGLLQ
ELSSIRHFLEKRDEMREVARDWLRVGYVLDRLLFRIYLLAVLAYSITLVTLWSIWHSS
;
_entity_poly.pdbx_strand_id   A,B,C,D
#
loop_
_chem_comp.id
_chem_comp.type
_chem_comp.name
_chem_comp.formula
SRO non-polymer SEROTONIN 'C10 H12 N2 O'
#
# COMPACT_ATOMS: atom_id res chain seq x y z
N THR A 84 8.55 53.94 -25.69
CA THR A 84 8.57 54.35 -24.29
C THR A 84 8.16 53.19 -23.38
N GLN A 85 7.06 53.39 -22.64
CA GLN A 85 6.58 52.34 -21.76
C GLN A 85 6.05 51.17 -22.58
N PRO A 86 6.24 49.93 -22.10
CA PRO A 86 5.69 48.77 -22.82
C PRO A 86 4.17 48.84 -22.88
N ALA A 87 3.62 48.33 -23.99
CA ALA A 87 2.17 48.36 -24.18
C ALA A 87 1.46 47.54 -23.11
N LEU A 88 1.96 46.34 -22.83
CA LEU A 88 1.33 45.50 -21.81
C LEU A 88 1.39 46.14 -20.44
N LEU A 89 2.53 46.71 -20.07
CA LEU A 89 2.68 47.31 -18.75
C LEU A 89 1.77 48.52 -18.60
N ARG A 90 1.74 49.39 -19.62
CA ARG A 90 0.88 50.57 -19.56
C ARG A 90 -0.59 50.17 -19.52
N LEU A 91 -0.98 49.18 -20.32
CA LEU A 91 -2.37 48.74 -20.32
C LEU A 91 -2.77 48.14 -18.98
N SER A 92 -1.90 47.32 -18.39
CA SER A 92 -2.22 46.74 -17.08
C SER A 92 -2.27 47.79 -15.99
N ASP A 93 -1.40 48.80 -16.08
CA ASP A 93 -1.45 49.90 -15.12
C ASP A 93 -2.74 50.70 -15.27
N HIS A 94 -3.19 50.91 -16.50
CA HIS A 94 -4.40 51.68 -16.72
C HIS A 94 -5.65 50.91 -16.31
N LEU A 95 -5.66 49.60 -16.54
CA LEU A 95 -6.86 48.81 -16.25
C LEU A 95 -7.10 48.70 -14.75
N LEU A 96 -6.07 48.36 -13.99
CA LEU A 96 -6.22 48.05 -12.57
C LEU A 96 -5.99 49.25 -11.65
N ALA A 97 -5.79 50.45 -12.22
CA ALA A 97 -5.59 51.62 -11.38
C ALA A 97 -6.85 51.97 -10.59
N ASN A 98 -7.99 52.05 -11.28
CA ASN A 98 -9.27 52.37 -10.64
C ASN A 98 -10.08 51.14 -10.29
N TYR A 99 -9.59 49.95 -10.59
CA TYR A 99 -10.33 48.73 -10.32
C TYR A 99 -10.17 48.31 -8.86
N LYS A 100 -11.28 47.91 -8.26
CA LYS A 100 -11.27 47.41 -6.88
C LYS A 100 -11.94 46.04 -6.86
N LYS A 101 -11.26 45.07 -6.23
CA LYS A 101 -11.82 43.73 -6.12
C LYS A 101 -12.91 43.70 -5.05
N GLY A 102 -13.93 42.87 -5.30
CA GLY A 102 -15.04 42.73 -4.38
C GLY A 102 -16.32 43.41 -4.80
N VAL A 103 -16.26 44.30 -5.79
CA VAL A 103 -17.44 44.96 -6.32
C VAL A 103 -17.84 44.27 -7.62
N ARG A 104 -19.15 44.20 -7.87
CA ARG A 104 -19.62 43.56 -9.08
C ARG A 104 -19.19 44.38 -10.29
N PRO A 105 -18.58 43.76 -11.31
CA PRO A 105 -18.03 44.54 -12.43
C PRO A 105 -19.08 45.34 -13.20
N VAL A 106 -20.33 44.89 -13.19
CA VAL A 106 -21.37 45.58 -13.96
C VAL A 106 -21.55 46.98 -13.42
N ARG A 107 -21.40 47.97 -14.32
CA ARG A 107 -21.57 49.37 -13.93
C ARG A 107 -23.00 49.65 -13.50
N ASP A 108 -23.97 49.13 -14.24
CA ASP A 108 -25.37 49.32 -13.89
C ASP A 108 -25.70 48.57 -12.61
N TRP A 109 -26.62 49.12 -11.83
CA TRP A 109 -27.03 48.55 -10.56
C TRP A 109 -28.21 47.59 -10.68
N ARG A 110 -28.73 47.38 -11.90
CA ARG A 110 -29.94 46.60 -12.08
C ARG A 110 -29.69 45.28 -12.79
N LYS A 111 -29.18 45.29 -14.01
CA LYS A 111 -29.07 44.05 -14.77
C LYS A 111 -27.97 43.17 -14.21
N PRO A 112 -28.16 41.85 -14.20
CA PRO A 112 -27.24 40.94 -13.50
C PRO A 112 -25.99 40.66 -14.31
N THR A 113 -25.19 39.73 -13.80
CA THR A 113 -23.93 39.31 -14.42
C THR A 113 -24.02 37.83 -14.75
N THR A 114 -24.25 37.52 -16.02
CA THR A 114 -24.25 36.12 -16.45
C THR A 114 -22.86 35.53 -16.30
N VAL A 115 -22.80 34.27 -15.89
CA VAL A 115 -21.55 33.56 -15.66
C VAL A 115 -21.69 32.18 -16.30
N SER A 116 -21.14 32.02 -17.50
CA SER A 116 -21.19 30.74 -18.19
C SER A 116 -20.30 29.72 -17.48
N ILE A 117 -20.69 28.45 -17.57
CA ILE A 117 -19.98 27.35 -16.92
C ILE A 117 -19.75 26.26 -17.95
N ASP A 118 -18.65 25.52 -17.78
CA ASP A 118 -18.33 24.40 -18.67
C ASP A 118 -17.45 23.43 -17.89
N VAL A 119 -18.00 22.28 -17.53
CA VAL A 119 -17.32 21.29 -16.72
C VAL A 119 -17.01 20.08 -17.59
N ILE A 120 -15.75 19.64 -17.58
CA ILE A 120 -15.30 18.49 -18.35
C ILE A 120 -14.66 17.51 -17.39
N MET A 121 -15.22 16.32 -17.28
CA MET A 121 -14.67 15.29 -16.41
C MET A 121 -13.40 14.71 -17.00
N TYR A 122 -12.37 14.56 -16.16
CA TYR A 122 -11.10 13.99 -16.58
C TYR A 122 -10.87 12.58 -16.03
N ALA A 123 -11.13 12.36 -14.75
CA ALA A 123 -10.93 11.04 -14.16
C ALA A 123 -11.72 10.92 -12.87
N ILE A 124 -12.02 9.69 -12.50
CA ILE A 124 -12.63 9.37 -11.21
C ILE A 124 -11.52 8.71 -10.39
N LEU A 125 -10.85 9.53 -9.57
CA LEU A 125 -9.65 9.06 -8.87
C LEU A 125 -9.99 8.03 -7.81
N ASN A 126 -10.98 8.32 -6.97
CA ASN A 126 -11.29 7.45 -5.85
C ASN A 126 -12.76 7.56 -5.51
N VAL A 127 -13.36 6.44 -5.10
CA VAL A 127 -14.74 6.38 -4.64
C VAL A 127 -14.71 5.62 -3.31
N ASP A 128 -14.63 6.35 -2.21
CA ASP A 128 -14.60 5.73 -0.87
C ASP A 128 -16.03 5.62 -0.37
N GLU A 129 -16.58 4.41 -0.48
CA GLU A 129 -17.97 4.19 -0.08
C GLU A 129 -18.12 4.18 1.44
N LYS A 130 -17.06 3.80 2.17
CA LYS A 130 -17.12 3.84 3.62
C LYS A 130 -17.23 5.26 4.14
N ASN A 131 -16.49 6.19 3.52
CA ASN A 131 -16.52 7.59 3.92
C ASN A 131 -17.53 8.41 3.14
N GLN A 132 -18.21 7.81 2.16
CA GLN A 132 -19.22 8.50 1.34
C GLN A 132 -18.65 9.75 0.68
N VAL A 133 -17.46 9.62 0.10
CA VAL A 133 -16.79 10.71 -0.59
C VAL A 133 -16.41 10.26 -2.00
N LEU A 134 -16.70 11.10 -2.98
CA LEU A 134 -16.35 10.87 -4.37
C LEU A 134 -15.23 11.81 -4.75
N THR A 135 -14.08 11.25 -5.15
CA THR A 135 -12.93 12.03 -5.55
C THR A 135 -12.86 12.04 -7.08
N THR A 136 -12.94 13.23 -7.66
CA THR A 136 -12.93 13.40 -9.11
C THR A 136 -11.80 14.34 -9.52
N TYR A 137 -11.78 14.67 -10.81
CA TYR A 137 -10.85 15.65 -11.35
C TYR A 137 -11.49 16.24 -12.60
N ILE A 138 -11.93 17.50 -12.50
CA ILE A 138 -12.66 18.14 -13.58
C ILE A 138 -11.85 19.34 -14.08
N TRP A 139 -12.29 19.87 -15.22
CA TRP A 139 -11.70 21.08 -15.81
C TRP A 139 -12.82 22.11 -15.88
N TYR A 140 -12.90 22.96 -14.86
CA TYR A 140 -14.02 23.87 -14.66
C TYR A 140 -13.67 25.23 -15.25
N ARG A 141 -14.51 25.73 -16.15
CA ARG A 141 -14.26 26.95 -16.88
C ARG A 141 -15.39 27.94 -16.69
N GLN A 142 -15.05 29.22 -16.54
CA GLN A 142 -16.01 30.29 -16.38
C GLN A 142 -15.78 31.35 -17.46
N TYR A 143 -16.88 31.98 -17.91
CA TYR A 143 -16.83 33.01 -18.94
C TYR A 143 -17.82 34.10 -18.55
N TRP A 144 -17.34 35.13 -17.86
CA TRP A 144 -18.16 36.27 -17.50
C TRP A 144 -17.60 37.53 -18.16
N THR A 145 -18.50 38.36 -18.68
CA THR A 145 -18.11 39.57 -19.43
C THR A 145 -17.96 40.72 -18.46
N ASP A 146 -16.73 40.95 -17.99
CA ASP A 146 -16.44 42.08 -17.14
C ASP A 146 -16.63 43.39 -17.91
N GLU A 147 -17.07 44.42 -17.21
CA GLU A 147 -17.33 45.71 -17.82
C GLU A 147 -16.26 46.75 -17.55
N PHE A 148 -15.55 46.65 -16.42
CA PHE A 148 -14.50 47.60 -16.10
C PHE A 148 -13.23 47.36 -16.91
N LEU A 149 -13.02 46.14 -17.41
CA LEU A 149 -11.81 45.80 -18.15
C LEU A 149 -12.04 45.93 -19.66
N GLN A 150 -12.43 47.14 -20.07
CA GLN A 150 -12.66 47.46 -21.47
C GLN A 150 -11.67 48.54 -21.89
N TRP A 151 -11.03 48.34 -23.04
CA TRP A 151 -10.05 49.30 -23.53
C TRP A 151 -10.08 49.32 -25.04
N THR A 152 -9.72 50.47 -25.61
CA THR A 152 -9.60 50.61 -27.05
C THR A 152 -8.26 50.05 -27.51
N PRO A 153 -8.23 49.05 -28.40
CA PRO A 153 -6.94 48.49 -28.83
C PRO A 153 -6.03 49.52 -29.49
N GLU A 154 -6.58 50.49 -30.21
CA GLU A 154 -5.75 51.46 -30.91
C GLU A 154 -4.97 52.36 -29.95
N ASP A 155 -5.37 52.45 -28.70
CA ASP A 155 -4.69 53.29 -27.72
C ASP A 155 -3.58 52.57 -26.96
N PHE A 156 -3.44 51.26 -27.16
CA PHE A 156 -2.45 50.46 -26.44
C PHE A 156 -1.70 49.55 -27.40
N ASP A 157 -1.29 50.10 -28.54
CA ASP A 157 -0.47 49.40 -29.52
C ASP A 157 -1.14 48.11 -29.98
N ASN A 158 -2.44 48.20 -30.28
CA ASN A 158 -3.21 47.11 -30.87
C ASN A 158 -3.15 45.84 -30.03
N VAL A 159 -3.21 45.99 -28.71
CA VAL A 159 -3.29 44.84 -27.80
C VAL A 159 -4.77 44.54 -27.61
N THR A 160 -5.24 43.48 -28.29
CA THR A 160 -6.64 43.08 -28.22
C THR A 160 -6.89 41.97 -27.21
N LYS A 161 -5.87 41.58 -26.44
CA LYS A 161 -6.03 40.52 -25.45
C LYS A 161 -4.92 40.66 -24.42
N LEU A 162 -5.30 40.57 -23.14
CA LEU A 162 -4.36 40.74 -22.04
C LEU A 162 -4.53 39.60 -21.04
N SER A 163 -3.45 39.23 -20.37
CA SER A 163 -3.48 38.22 -19.33
C SER A 163 -3.38 38.93 -17.98
N ILE A 164 -4.48 38.91 -17.23
CA ILE A 164 -4.57 39.62 -15.95
C ILE A 164 -4.52 38.60 -14.83
N PRO A 165 -3.76 38.82 -13.77
CA PRO A 165 -3.76 37.89 -12.64
C PRO A 165 -5.14 37.76 -12.02
N THR A 166 -5.49 36.53 -11.64
CA THR A 166 -6.84 36.25 -11.14
C THR A 166 -7.07 36.80 -9.74
N ASP A 167 -6.03 37.26 -9.05
CA ASP A 167 -6.17 37.84 -7.73
C ASP A 167 -6.34 39.34 -7.74
N SER A 168 -6.44 39.96 -8.92
CA SER A 168 -6.57 41.40 -9.04
C SER A 168 -7.91 41.84 -9.59
N ILE A 169 -8.80 40.91 -9.92
CA ILE A 169 -10.11 41.25 -10.48
C ILE A 169 -11.18 40.42 -9.79
N TRP A 170 -12.43 40.83 -10.00
CA TRP A 170 -13.57 40.12 -9.44
C TRP A 170 -13.75 38.78 -10.15
N VAL A 171 -13.95 37.72 -9.36
CA VAL A 171 -14.18 36.39 -9.89
C VAL A 171 -15.44 35.85 -9.21
N PRO A 172 -16.36 35.22 -9.95
CA PRO A 172 -17.60 34.73 -9.33
C PRO A 172 -17.31 33.74 -8.22
N ASP A 173 -18.09 33.84 -7.15
CA ASP A 173 -17.92 32.99 -5.98
C ASP A 173 -18.81 31.75 -6.07
N ILE A 174 -18.58 30.99 -7.14
CA ILE A 174 -19.33 29.77 -7.40
C ILE A 174 -18.62 28.60 -6.73
N LEU A 175 -19.28 27.99 -5.75
CA LEU A 175 -18.77 26.83 -5.05
C LEU A 175 -19.69 25.64 -5.29
N ILE A 176 -19.30 24.49 -4.72
CA ILE A 176 -20.05 23.25 -4.89
C ILE A 176 -20.86 23.01 -3.63
N ASN A 177 -22.16 22.74 -3.81
CA ASN A 177 -23.03 22.49 -2.66
C ASN A 177 -22.66 21.21 -1.94
N GLU A 178 -22.19 20.20 -2.67
CA GLU A 178 -21.76 18.94 -2.09
C GLU A 178 -20.30 18.97 -1.65
N PHE A 179 -19.76 20.15 -1.38
CA PHE A 179 -18.35 20.29 -1.06
C PHE A 179 -18.00 19.54 0.22
N VAL A 180 -16.87 18.82 0.18
CA VAL A 180 -16.32 18.15 1.35
C VAL A 180 -14.89 18.63 1.56
N ASP A 181 -14.06 18.51 0.52
CA ASP A 181 -12.70 18.98 0.56
C ASP A 181 -12.35 19.44 -0.85
N VAL A 182 -11.45 20.41 -0.94
CA VAL A 182 -11.08 20.94 -2.26
C VAL A 182 -9.93 20.16 -2.87
N GLY A 183 -9.19 19.40 -2.07
CA GLY A 183 -8.05 18.67 -2.60
C GLY A 183 -6.90 19.60 -2.93
N LYS A 184 -5.91 19.01 -3.60
CA LYS A 184 -4.72 19.75 -4.05
C LYS A 184 -4.77 19.83 -5.57
N SER A 185 -5.00 21.04 -6.09
CA SER A 185 -5.10 21.27 -7.51
C SER A 185 -4.11 22.36 -7.91
N PRO A 186 -3.59 22.30 -9.14
CA PRO A 186 -2.63 23.31 -9.57
C PRO A 186 -3.24 24.71 -9.56
N ASN A 187 -2.44 25.69 -9.18
CA ASN A 187 -2.89 27.07 -9.09
C ASN A 187 -2.60 27.77 -10.42
N ILE A 188 -3.67 28.17 -11.11
CA ILE A 188 -3.55 28.92 -12.36
C ILE A 188 -3.81 30.39 -12.04
N PRO A 189 -2.78 31.24 -12.01
CA PRO A 189 -2.95 32.63 -11.56
C PRO A 189 -3.26 33.64 -12.65
N TYR A 190 -3.61 33.23 -13.86
CA TYR A 190 -3.85 34.16 -14.95
C TYR A 190 -5.22 33.90 -15.58
N VAL A 191 -5.83 34.98 -16.07
CA VAL A 191 -7.06 34.90 -16.86
C VAL A 191 -6.98 35.94 -17.97
N TYR A 192 -7.27 35.53 -19.21
CA TYR A 192 -7.37 36.49 -20.30
C TYR A 192 -8.57 37.41 -20.16
N VAL A 193 -8.39 38.64 -20.61
CA VAL A 193 -9.47 39.60 -20.82
C VAL A 193 -9.30 40.16 -22.23
N HIS A 194 -10.40 40.21 -22.99
CA HIS A 194 -10.33 40.71 -24.35
C HIS A 194 -10.61 42.21 -24.36
N HIS A 195 -10.53 42.81 -25.55
CA HIS A 195 -10.69 44.26 -25.67
C HIS A 195 -12.11 44.73 -25.41
N ARG A 196 -13.02 43.82 -25.05
CA ARG A 196 -14.37 44.20 -24.65
C ARG A 196 -14.71 43.68 -23.26
N GLY A 197 -13.72 43.23 -22.50
CA GLY A 197 -13.97 42.70 -21.18
C GLY A 197 -14.70 41.37 -21.21
N GLU A 198 -14.04 40.33 -21.71
CA GLU A 198 -14.62 38.99 -21.80
C GLU A 198 -13.64 38.04 -21.12
N VAL A 199 -13.77 37.90 -19.80
CA VAL A 199 -12.82 37.13 -19.00
C VAL A 199 -13.11 35.65 -19.15
N GLN A 200 -12.04 34.84 -19.13
CA GLN A 200 -12.14 33.39 -19.17
C GLN A 200 -11.25 32.82 -18.08
N ASN A 201 -11.77 31.84 -17.33
CA ASN A 201 -11.09 31.31 -16.15
C ASN A 201 -11.11 29.78 -16.21
N TYR A 202 -10.08 29.20 -16.82
CA TYR A 202 -9.92 27.76 -16.85
C TYR A 202 -9.14 27.32 -15.62
N LYS A 203 -9.65 26.29 -14.94
CA LYS A 203 -8.99 25.80 -13.74
C LYS A 203 -9.26 24.33 -13.54
N PRO A 204 -8.24 23.54 -13.19
CA PRO A 204 -8.48 22.13 -12.84
C PRO A 204 -8.83 21.98 -11.37
N LEU A 205 -9.82 21.14 -11.09
CA LEU A 205 -10.33 20.95 -9.75
C LEU A 205 -10.30 19.47 -9.40
N GLN A 206 -9.64 19.14 -8.29
CA GLN A 206 -9.67 17.78 -7.73
C GLN A 206 -10.74 17.77 -6.65
N LEU A 207 -11.99 17.72 -7.08
CA LEU A 207 -13.11 17.85 -6.16
C LEU A 207 -13.30 16.58 -5.33
N VAL A 208 -13.70 16.77 -4.08
CA VAL A 208 -14.13 15.69 -3.21
C VAL A 208 -15.54 16.04 -2.76
N THR A 209 -16.51 15.23 -3.16
CA THR A 209 -17.91 15.51 -2.89
C THR A 209 -18.56 14.32 -2.18
N ALA A 210 -19.63 14.60 -1.46
CA ALA A 210 -20.36 13.58 -0.72
C ALA A 210 -21.59 13.16 -1.51
N CYS A 211 -21.61 11.91 -1.95
CA CYS A 211 -22.75 11.33 -2.63
C CYS A 211 -23.06 9.97 -2.04
N SER A 212 -24.35 9.64 -2.03
CA SER A 212 -24.78 8.36 -1.47
C SER A 212 -24.38 7.23 -2.40
N LEU A 213 -23.61 6.29 -1.87
CA LEU A 213 -23.09 5.16 -2.64
C LEU A 213 -23.62 3.86 -2.06
N ASP A 214 -24.15 3.00 -2.93
CA ASP A 214 -24.67 1.70 -2.55
C ASP A 214 -23.80 0.62 -3.18
N ILE A 215 -23.26 -0.26 -2.35
CA ILE A 215 -22.44 -1.38 -2.82
C ILE A 215 -23.18 -2.70 -2.69
N TYR A 216 -24.51 -2.66 -2.63
CA TYR A 216 -25.29 -3.88 -2.54
C TYR A 216 -25.16 -4.76 -3.78
N ASN A 217 -24.74 -4.19 -4.91
CA ASN A 217 -24.62 -4.92 -6.16
C ASN A 217 -23.17 -5.10 -6.58
N PHE A 218 -22.25 -5.15 -5.62
CA PHE A 218 -20.84 -5.31 -5.95
C PHE A 218 -20.62 -6.64 -6.67
N PRO A 219 -19.81 -6.65 -7.74
CA PRO A 219 -19.15 -5.50 -8.36
C PRO A 219 -19.93 -4.89 -9.53
N PHE A 220 -21.16 -5.36 -9.74
CA PHE A 220 -22.00 -4.86 -10.84
C PHE A 220 -22.93 -3.76 -10.33
N ASP A 221 -22.32 -2.64 -9.94
CA ASP A 221 -23.05 -1.54 -9.31
C ASP A 221 -22.96 -0.28 -10.16
N VAL A 222 -24.07 0.44 -10.27
CA VAL A 222 -24.16 1.71 -10.99
C VAL A 222 -24.49 2.78 -9.96
N GLN A 223 -23.64 3.81 -9.88
CA GLN A 223 -23.82 4.87 -8.91
C GLN A 223 -24.34 6.14 -9.58
N ASN A 224 -24.93 7.01 -8.76
CA ASN A 224 -25.53 8.26 -9.23
C ASN A 224 -25.15 9.35 -8.23
N CYS A 225 -24.04 10.05 -8.51
CA CYS A 225 -23.53 11.09 -7.63
C CYS A 225 -23.78 12.46 -8.26
N SER A 226 -24.34 13.36 -7.47
CA SER A 226 -24.66 14.70 -7.94
C SER A 226 -23.44 15.60 -7.88
N LEU A 227 -23.57 16.78 -8.50
CA LEU A 227 -22.53 17.80 -8.47
C LEU A 227 -23.23 19.15 -8.68
N THR A 228 -23.43 19.89 -7.58
CA THR A 228 -24.22 21.10 -7.59
C THR A 228 -23.32 22.31 -7.42
N PHE A 229 -23.39 23.23 -8.38
CA PHE A 229 -22.69 24.51 -8.31
C PHE A 229 -23.68 25.59 -7.94
N THR A 230 -23.41 26.33 -6.86
CA THR A 230 -24.35 27.28 -6.31
C THR A 230 -23.79 28.70 -6.36
N SER A 231 -24.67 29.67 -6.10
CA SER A 231 -24.33 31.08 -6.15
C SER A 231 -23.68 31.59 -4.88
N TRP A 232 -23.76 30.84 -3.78
CA TRP A 232 -23.25 31.25 -2.47
C TRP A 232 -23.87 32.57 -2.02
N LEU A 233 -23.07 33.65 -2.08
CA LEU A 233 -23.52 34.93 -1.53
C LEU A 233 -24.64 35.53 -2.37
N HIS A 234 -24.46 35.58 -3.68
CA HIS A 234 -25.45 36.23 -4.54
C HIS A 234 -26.73 35.42 -4.62
N THR A 235 -27.84 36.12 -4.83
CA THR A 235 -29.19 35.54 -4.79
C THR A 235 -29.94 35.88 -6.08
N ILE A 236 -29.27 35.61 -7.21
CA ILE A 236 -29.69 35.88 -8.59
C ILE A 236 -30.05 37.36 -8.73
N GLN A 237 -30.38 37.79 -9.95
CA GLN A 237 -30.40 39.18 -10.43
C GLN A 237 -29.09 39.88 -10.08
N ASP A 238 -28.08 39.10 -9.68
CA ASP A 238 -26.69 39.52 -9.60
C ASP A 238 -25.80 38.59 -10.41
N ILE A 239 -25.95 37.28 -10.24
CA ILE A 239 -25.22 36.27 -10.99
C ILE A 239 -26.21 35.23 -11.48
N ASN A 240 -26.20 34.97 -12.78
CA ASN A 240 -27.10 34.00 -13.40
C ASN A 240 -26.24 32.91 -14.03
N ILE A 241 -26.10 31.79 -13.33
CA ILE A 241 -25.26 30.70 -13.83
C ILE A 241 -25.93 30.05 -15.03
N THR A 242 -25.23 30.05 -16.16
CA THR A 242 -25.71 29.44 -17.39
C THR A 242 -24.62 28.56 -17.97
N LEU A 243 -25.00 27.71 -18.92
CA LEU A 243 -24.06 26.77 -19.53
C LEU A 243 -23.43 27.39 -20.76
N TRP A 244 -22.11 27.21 -20.88
CA TRP A 244 -21.41 27.64 -22.08
C TRP A 244 -21.88 26.85 -23.31
N ARG A 245 -22.14 25.56 -23.13
CA ARG A 245 -22.63 24.71 -24.20
C ARG A 245 -23.89 24.00 -23.74
N SER A 246 -24.72 23.59 -24.69
CA SER A 246 -25.98 22.94 -24.38
C SER A 246 -25.72 21.60 -23.69
N PRO A 247 -26.66 21.13 -22.88
CA PRO A 247 -26.46 19.83 -22.18
C PRO A 247 -26.01 18.70 -23.08
N GLU A 248 -26.36 18.72 -24.36
CA GLU A 248 -25.95 17.65 -25.26
C GLU A 248 -24.43 17.58 -25.40
N GLU A 249 -23.78 18.74 -25.47
CA GLU A 249 -22.32 18.75 -25.59
C GLU A 249 -21.65 18.27 -24.31
N VAL A 250 -22.15 18.70 -23.15
CA VAL A 250 -21.52 18.32 -21.89
C VAL A 250 -21.84 16.89 -21.49
N ARG A 251 -22.90 16.29 -22.05
CA ARG A 251 -23.23 14.91 -21.71
C ARG A 251 -22.14 13.96 -22.18
N SER A 252 -21.68 14.12 -23.42
CA SER A 252 -20.65 13.25 -23.99
C SER A 252 -19.27 13.91 -23.89
N ASP A 253 -18.83 14.14 -22.66
CA ASP A 253 -17.51 14.71 -22.41
C ASP A 253 -16.46 13.63 -22.18
N LYS A 254 -16.36 12.70 -23.12
CA LYS A 254 -15.42 11.60 -23.05
C LYS A 254 -14.18 11.83 -23.92
N SER A 255 -13.99 13.04 -24.43
CA SER A 255 -12.85 13.31 -25.30
C SER A 255 -11.53 13.26 -24.53
N ILE A 256 -11.56 13.59 -23.24
CA ILE A 256 -10.34 13.61 -22.42
C ILE A 256 -10.39 12.63 -21.27
N PHE A 257 -11.51 11.97 -21.03
CA PHE A 257 -11.63 11.10 -19.87
C PHE A 257 -10.68 9.90 -19.98
N ILE A 258 -10.05 9.57 -18.86
CA ILE A 258 -9.22 8.37 -18.78
C ILE A 258 -10.14 7.19 -18.51
N ASN A 259 -10.56 6.50 -19.56
CA ASN A 259 -11.60 5.48 -19.49
C ASN A 259 -11.03 4.07 -19.42
N GLN A 260 -9.88 3.89 -18.77
CA GLN A 260 -9.32 2.56 -18.54
C GLN A 260 -9.24 2.22 -17.05
N GLY A 261 -9.83 3.04 -16.19
CA GLY A 261 -9.83 2.80 -14.76
C GLY A 261 -10.96 1.89 -14.32
N GLU A 262 -11.12 1.77 -13.01
CA GLU A 262 -12.16 0.91 -12.45
C GLU A 262 -13.55 1.44 -12.79
N TRP A 263 -13.75 2.75 -12.71
CA TRP A 263 -15.05 3.37 -12.90
C TRP A 263 -15.19 3.89 -14.32
N GLU A 264 -16.33 3.62 -14.94
CA GLU A 264 -16.63 4.08 -16.29
C GLU A 264 -17.66 5.19 -16.22
N LEU A 265 -17.34 6.34 -16.79
CA LEU A 265 -18.24 7.48 -16.78
C LEU A 265 -19.34 7.25 -17.81
N LEU A 266 -20.59 7.13 -17.35
CA LEU A 266 -21.70 6.92 -18.26
C LEU A 266 -22.18 8.22 -18.88
N GLU A 267 -22.48 9.22 -18.06
CA GLU A 267 -23.00 10.48 -18.57
C GLU A 267 -22.77 11.57 -17.54
N VAL A 268 -22.85 12.82 -17.99
CA VAL A 268 -22.82 13.99 -17.13
C VAL A 268 -24.01 14.85 -17.54
N PHE A 269 -25.14 14.68 -16.86
CA PHE A 269 -26.37 15.37 -17.24
C PHE A 269 -26.58 16.58 -16.34
N PRO A 270 -26.57 17.79 -16.88
CA PRO A 270 -26.83 18.97 -16.04
C PRO A 270 -28.30 19.32 -15.96
N GLN A 271 -28.72 19.74 -14.77
CA GLN A 271 -30.09 20.18 -14.53
C GLN A 271 -30.06 21.56 -13.89
N PHE A 272 -30.89 22.47 -14.41
CA PHE A 272 -30.99 23.82 -13.89
C PHE A 272 -32.28 23.96 -13.10
N LYS A 273 -32.18 24.45 -11.87
CA LYS A 273 -33.34 24.60 -11.00
C LYS A 273 -33.01 25.67 -9.97
N GLU A 274 -34.02 26.44 -9.59
CA GLU A 274 -33.85 27.56 -8.66
C GLU A 274 -34.40 27.19 -7.29
N PHE A 275 -33.55 27.32 -6.27
CA PHE A 275 -33.95 27.12 -4.89
C PHE A 275 -33.88 28.43 -4.12
N SER A 276 -34.88 28.67 -3.28
CA SER A 276 -35.01 29.92 -2.54
C SER A 276 -35.10 29.64 -1.06
N ILE A 277 -34.28 30.35 -0.28
CA ILE A 277 -34.40 30.28 1.18
C ILE A 277 -35.72 30.91 1.62
N ASP A 278 -36.09 32.04 1.01
CA ASP A 278 -37.35 32.73 1.27
C ASP A 278 -37.99 33.11 -0.05
N ILE A 279 -39.26 33.50 0.02
CA ILE A 279 -40.00 33.85 -1.19
C ILE A 279 -39.53 35.18 -1.78
N SER A 280 -38.80 35.99 -1.01
CA SER A 280 -38.36 37.29 -1.51
C SER A 280 -37.42 37.14 -2.69
N ASN A 281 -36.48 36.21 -2.62
CA ASN A 281 -35.50 36.02 -3.69
C ASN A 281 -35.08 34.55 -3.73
N SER A 282 -34.56 34.14 -4.88
CA SER A 282 -34.18 32.76 -5.13
C SER A 282 -32.72 32.69 -5.54
N TYR A 283 -32.15 31.49 -5.44
CA TYR A 283 -30.78 31.23 -5.86
C TYR A 283 -30.77 30.46 -7.18
N ALA A 284 -29.63 30.53 -7.86
CA ALA A 284 -29.43 29.82 -9.11
C ALA A 284 -28.35 28.77 -8.93
N GLU A 285 -28.55 27.59 -9.53
CA GLU A 285 -27.61 26.50 -9.36
C GLU A 285 -27.73 25.53 -10.54
N MET A 286 -26.71 24.68 -10.66
CA MET A 286 -26.69 23.60 -11.63
C MET A 286 -26.63 22.27 -10.90
N LYS A 287 -27.07 21.22 -11.58
CA LYS A 287 -27.05 19.85 -11.04
C LYS A 287 -26.35 18.95 -12.05
N PHE A 288 -25.03 18.86 -11.93
CA PHE A 288 -24.21 18.04 -12.83
C PHE A 288 -24.30 16.58 -12.35
N TYR A 289 -25.40 15.93 -12.72
CA TYR A 289 -25.58 14.52 -12.38
C TYR A 289 -24.52 13.67 -13.07
N VAL A 290 -23.65 13.06 -12.28
CA VAL A 290 -22.57 12.22 -12.79
C VAL A 290 -22.91 10.78 -12.45
N ILE A 291 -23.14 9.96 -13.46
CA ILE A 291 -23.46 8.54 -13.29
C ILE A 291 -22.23 7.76 -13.74
N ILE A 292 -21.63 7.03 -12.80
CA ILE A 292 -20.45 6.23 -13.05
C ILE A 292 -20.80 4.76 -12.84
N ARG A 293 -20.31 3.91 -13.74
CA ARG A 293 -20.55 2.48 -13.67
C ARG A 293 -19.25 1.74 -13.49
N ARG A 294 -19.21 0.84 -12.51
CA ARG A 294 -17.99 0.12 -12.18
C ARG A 294 -17.73 -0.98 -13.20
N ARG A 295 -16.46 -1.18 -13.54
CA ARG A 295 -16.06 -2.25 -14.46
C ARG A 295 -15.81 -3.52 -13.66
N PRO A 296 -16.61 -4.58 -13.86
CA PRO A 296 -16.42 -5.80 -13.06
C PRO A 296 -15.24 -6.66 -13.48
N LEU A 297 -14.62 -6.38 -14.64
CA LEU A 297 -13.49 -7.19 -15.07
C LEU A 297 -12.29 -7.05 -14.14
N PHE A 298 -12.23 -5.99 -13.34
CA PHE A 298 -11.16 -5.86 -12.37
C PHE A 298 -11.25 -6.94 -11.29
N TYR A 299 -12.47 -7.26 -10.86
CA TYR A 299 -12.70 -8.23 -9.81
C TYR A 299 -13.11 -9.60 -10.34
N ALA A 300 -13.23 -9.76 -11.66
CA ALA A 300 -13.63 -11.05 -12.21
C ALA A 300 -12.61 -12.14 -11.88
N VAL A 301 -11.32 -11.82 -12.01
CA VAL A 301 -10.27 -12.79 -11.71
C VAL A 301 -9.88 -12.77 -10.24
N SER A 302 -10.25 -11.73 -9.49
CA SER A 302 -9.85 -11.62 -8.09
C SER A 302 -10.86 -12.27 -7.15
N LEU A 303 -12.17 -12.12 -7.42
CA LEU A 303 -13.20 -12.65 -6.56
C LEU A 303 -14.07 -13.70 -7.24
N LEU A 304 -14.65 -13.37 -8.40
CA LEU A 304 -15.70 -14.22 -8.97
C LEU A 304 -15.14 -15.58 -9.39
N LEU A 305 -14.07 -15.59 -10.17
CA LEU A 305 -13.48 -16.86 -10.58
C LEU A 305 -12.93 -17.66 -9.40
N PRO A 306 -12.16 -17.09 -8.47
CA PRO A 306 -11.78 -17.88 -7.28
C PRO A 306 -12.97 -18.36 -6.48
N SER A 307 -14.02 -17.56 -6.36
CA SER A 307 -15.19 -17.98 -5.59
C SER A 307 -15.85 -19.19 -6.24
N ILE A 308 -16.10 -19.13 -7.55
CA ILE A 308 -16.74 -20.25 -8.22
C ILE A 308 -15.83 -21.47 -8.25
N PHE A 309 -14.51 -21.25 -8.32
CA PHE A 309 -13.58 -22.37 -8.25
C PHE A 309 -13.66 -23.07 -6.90
N LEU A 310 -13.74 -22.30 -5.82
CA LEU A 310 -13.90 -22.90 -4.49
C LEU A 310 -15.25 -23.59 -4.34
N MET A 311 -16.31 -23.03 -4.94
CA MET A 311 -17.60 -23.71 -4.89
C MET A 311 -17.53 -25.08 -5.57
N VAL A 312 -16.94 -25.12 -6.76
CA VAL A 312 -16.83 -26.39 -7.48
C VAL A 312 -15.95 -27.36 -6.72
N VAL A 313 -14.87 -26.85 -6.11
CA VAL A 313 -13.97 -27.69 -5.31
C VAL A 313 -14.72 -28.28 -4.12
N ASP A 314 -15.54 -27.46 -3.44
CA ASP A 314 -16.31 -27.97 -2.32
C ASP A 314 -17.31 -29.03 -2.77
N ILE A 315 -17.91 -28.84 -3.95
CA ILE A 315 -18.85 -29.83 -4.47
C ILE A 315 -18.14 -31.16 -4.72
N VAL A 316 -17.01 -31.13 -5.42
CA VAL A 316 -16.31 -32.37 -5.72
C VAL A 316 -15.66 -32.96 -4.47
N GLY A 317 -15.46 -32.16 -3.43
CA GLY A 317 -14.98 -32.70 -2.16
C GLY A 317 -16.06 -33.30 -1.31
N PHE A 318 -17.31 -32.86 -1.49
CA PHE A 318 -18.43 -33.64 -0.96
C PHE A 318 -18.59 -34.95 -1.72
N CYS A 319 -18.41 -34.92 -3.03
CA CYS A 319 -18.72 -36.09 -3.85
C CYS A 319 -17.71 -37.22 -3.64
N LEU A 320 -16.41 -36.91 -3.68
CA LEU A 320 -15.40 -37.94 -3.83
C LEU A 320 -15.24 -38.84 -2.62
N PRO A 321 -14.77 -38.36 -1.46
CA PRO A 321 -14.36 -39.27 -0.40
C PRO A 321 -15.57 -39.89 0.27
N PRO A 322 -15.42 -41.09 0.84
CA PRO A 322 -16.51 -41.65 1.65
C PRO A 322 -16.79 -40.77 2.85
N ASP A 323 -18.07 -40.76 3.26
CA ASP A 323 -18.48 -39.88 4.36
C ASP A 323 -17.77 -40.23 5.66
N SER A 324 -17.62 -41.52 5.94
CA SER A 324 -16.94 -41.99 7.14
C SER A 324 -15.47 -42.31 6.90
N GLY A 325 -14.95 -42.05 5.70
CA GLY A 325 -13.59 -42.38 5.35
C GLY A 325 -12.60 -41.30 5.76
N GLU A 326 -11.44 -41.32 5.11
CA GLU A 326 -10.35 -40.39 5.41
C GLU A 326 -10.64 -39.04 4.73
N ARG A 327 -11.61 -38.33 5.28
CA ARG A 327 -12.04 -37.05 4.73
C ARG A 327 -11.78 -35.87 5.66
N VAL A 328 -11.69 -36.09 6.97
CA VAL A 328 -11.56 -34.97 7.91
C VAL A 328 -10.29 -34.18 7.64
N SER A 329 -9.20 -34.86 7.28
CA SER A 329 -7.97 -34.14 6.93
C SER A 329 -8.17 -33.30 5.67
N PHE A 330 -8.76 -33.90 4.64
CA PHE A 330 -9.03 -33.14 3.42
C PHE A 330 -10.00 -32.01 3.68
N LYS A 331 -11.02 -32.25 4.51
CA LYS A 331 -11.99 -31.20 4.80
C LYS A 331 -11.35 -30.05 5.57
N ILE A 332 -10.46 -30.33 6.51
CA ILE A 332 -9.83 -29.23 7.24
C ILE A 332 -8.84 -28.48 6.34
N THR A 333 -8.15 -29.18 5.44
CA THR A 333 -7.30 -28.47 4.48
C THR A 333 -8.14 -27.56 3.59
N LEU A 334 -9.30 -28.05 3.15
CA LEU A 334 -10.22 -27.23 2.37
C LEU A 334 -10.72 -26.04 3.16
N LEU A 335 -11.02 -26.25 4.45
CA LEU A 335 -11.47 -25.15 5.30
C LEU A 335 -10.39 -24.09 5.44
N LEU A 336 -9.13 -24.51 5.60
CA LEU A 336 -8.03 -23.56 5.68
C LEU A 336 -7.89 -22.78 4.39
N GLY A 337 -7.98 -23.47 3.25
CA GLY A 337 -7.91 -22.77 1.97
C GLY A 337 -9.04 -21.76 1.79
N TYR A 338 -10.26 -22.14 2.17
CA TYR A 338 -11.39 -21.24 2.01
C TYR A 338 -11.32 -20.09 3.01
N SER A 339 -10.70 -20.32 4.18
CA SER A 339 -10.44 -19.22 5.11
C SER A 339 -9.42 -18.25 4.53
N VAL A 340 -8.40 -18.76 3.84
CA VAL A 340 -7.48 -17.87 3.12
C VAL A 340 -8.24 -17.06 2.09
N PHE A 341 -9.16 -17.70 1.37
CA PHE A 341 -9.97 -16.99 0.40
C PHE A 341 -10.80 -15.89 1.05
N LEU A 342 -11.38 -16.17 2.22
CA LEU A 342 -12.13 -15.15 2.93
C LEU A 342 -11.24 -14.03 3.43
N ILE A 343 -9.99 -14.33 3.80
CA ILE A 343 -9.04 -13.27 4.15
C ILE A 343 -8.81 -12.36 2.94
N ILE A 344 -8.63 -12.96 1.77
CA ILE A 344 -8.47 -12.18 0.54
C ILE A 344 -9.70 -11.33 0.27
N VAL A 345 -10.89 -11.92 0.45
CA VAL A 345 -12.14 -11.21 0.21
C VAL A 345 -12.26 -10.01 1.15
N SER A 346 -11.97 -10.22 2.44
CA SER A 346 -12.02 -9.12 3.40
C SER A 346 -10.99 -8.05 3.08
N ASP A 347 -9.87 -8.44 2.49
CA ASP A 347 -8.88 -7.45 2.05
C ASP A 347 -9.24 -6.82 0.71
N THR A 348 -10.29 -7.32 0.03
CA THR A 348 -10.69 -6.79 -1.27
C THR A 348 -12.03 -6.08 -1.24
N LEU A 349 -13.05 -6.67 -0.62
CA LEU A 349 -14.37 -6.06 -0.62
C LEU A 349 -14.40 -4.77 0.17
N PRO A 350 -15.24 -3.82 -0.22
CA PRO A 350 -15.42 -2.59 0.57
C PRO A 350 -16.53 -2.74 1.60
N ALA A 351 -16.47 -1.87 2.60
CA ALA A 351 -17.41 -1.89 3.72
C ALA A 351 -18.18 -0.58 3.77
N THR A 352 -19.46 -0.68 4.12
CA THR A 352 -20.33 0.47 4.23
C THR A 352 -21.22 0.32 5.46
N ALA A 353 -21.75 1.45 5.93
CA ALA A 353 -22.71 1.41 7.02
C ALA A 353 -24.01 0.72 6.63
N ILE A 354 -24.32 0.68 5.33
CA ILE A 354 -25.50 -0.04 4.87
C ILE A 354 -25.35 -1.53 5.13
N GLY A 355 -24.19 -2.09 4.79
CA GLY A 355 -23.93 -3.49 5.01
C GLY A 355 -23.05 -4.06 3.92
N THR A 356 -22.85 -5.38 4.00
CA THR A 356 -22.01 -6.08 3.05
C THR A 356 -22.72 -6.22 1.71
N PRO A 357 -21.99 -6.43 0.61
CA PRO A 357 -22.63 -6.66 -0.69
C PRO A 357 -23.39 -7.98 -0.74
N LEU A 358 -23.98 -8.28 -1.90
CA LEU A 358 -24.80 -9.47 -2.02
C LEU A 358 -23.99 -10.76 -2.08
N ILE A 359 -22.68 -10.66 -2.31
CA ILE A 359 -21.85 -11.86 -2.41
C ILE A 359 -21.19 -12.24 -1.08
N GLY A 360 -21.02 -11.28 -0.17
CA GLY A 360 -20.51 -11.62 1.15
C GLY A 360 -21.43 -12.55 1.91
N VAL A 361 -22.73 -12.39 1.72
CA VAL A 361 -23.71 -13.28 2.35
C VAL A 361 -23.49 -14.71 1.85
N TYR A 362 -23.32 -14.88 0.55
CA TYR A 362 -23.09 -16.21 -0.01
C TYR A 362 -21.77 -16.80 0.50
N PHE A 363 -20.73 -15.98 0.58
CA PHE A 363 -19.45 -16.47 1.10
C PHE A 363 -19.59 -16.94 2.54
N VAL A 364 -20.28 -16.17 3.37
CA VAL A 364 -20.46 -16.55 4.78
C VAL A 364 -21.30 -17.82 4.87
N VAL A 365 -22.33 -17.94 4.03
CA VAL A 365 -23.17 -19.13 4.04
C VAL A 365 -22.35 -20.37 3.67
N CYS A 366 -21.52 -20.26 2.64
CA CYS A 366 -20.69 -21.39 2.24
C CYS A 366 -19.69 -21.76 3.32
N MET A 367 -19.09 -20.76 3.98
CA MET A 367 -18.22 -21.04 5.12
C MET A 367 -18.97 -21.79 6.22
N ALA A 368 -20.19 -21.34 6.54
CA ALA A 368 -20.94 -21.98 7.60
C ALA A 368 -21.28 -23.43 7.25
N LEU A 369 -21.72 -23.67 6.02
CA LEU A 369 -22.05 -25.05 5.62
C LEU A 369 -20.81 -25.93 5.61
N LEU A 370 -19.67 -25.41 5.16
CA LEU A 370 -18.45 -26.22 5.16
C LEU A 370 -18.03 -26.55 6.58
N VAL A 371 -18.12 -25.58 7.50
CA VAL A 371 -17.78 -25.84 8.89
C VAL A 371 -18.73 -26.88 9.50
N ILE A 372 -20.02 -26.77 9.19
CA ILE A 372 -20.99 -27.74 9.71
C ILE A 372 -20.69 -29.13 9.19
N SER A 373 -20.35 -29.24 7.90
CA SER A 373 -20.02 -30.54 7.34
C SER A 373 -18.78 -31.13 7.99
N LEU A 374 -17.75 -30.32 8.21
CA LEU A 374 -16.54 -30.81 8.85
C LEU A 374 -16.83 -31.28 10.28
N ALA A 375 -17.60 -30.50 11.03
CA ALA A 375 -17.92 -30.87 12.40
C ALA A 375 -18.73 -32.17 12.44
N GLU A 376 -19.71 -32.30 11.55
CA GLU A 376 -20.51 -33.52 11.52
C GLU A 376 -19.67 -34.74 11.15
N THR A 377 -18.77 -34.59 10.17
CA THR A 377 -17.90 -35.70 9.80
C THR A 377 -16.99 -36.09 10.96
N ILE A 378 -16.45 -35.09 11.67
CA ILE A 378 -15.61 -35.38 12.84
C ILE A 378 -16.41 -36.14 13.88
N PHE A 379 -17.65 -35.70 14.15
CA PHE A 379 -18.46 -36.37 15.15
C PHE A 379 -18.74 -37.82 14.76
N ILE A 380 -19.08 -38.04 13.49
CA ILE A 380 -19.39 -39.39 13.03
C ILE A 380 -18.17 -40.30 13.10
N VAL A 381 -17.01 -39.80 12.68
CA VAL A 381 -15.82 -40.65 12.70
C VAL A 381 -15.39 -40.94 14.13
N ARG A 382 -15.53 -39.95 15.03
CA ARG A 382 -15.21 -40.19 16.43
C ARG A 382 -16.14 -41.24 17.03
N LEU A 383 -17.43 -41.17 16.72
CA LEU A 383 -18.36 -42.14 17.26
C LEU A 383 -18.11 -43.54 16.69
N VAL A 384 -17.81 -43.64 15.40
CA VAL A 384 -17.60 -44.97 14.83
C VAL A 384 -16.30 -45.59 15.34
N HIS A 385 -15.27 -44.77 15.58
CA HIS A 385 -14.04 -45.29 16.17
C HIS A 385 -14.16 -45.50 17.68
N LYS A 386 -15.18 -44.92 18.31
CA LYS A 386 -15.37 -45.13 19.74
C LYS A 386 -15.69 -46.59 20.04
N GLN A 387 -16.56 -47.20 19.24
CA GLN A 387 -16.98 -48.61 19.32
C GLN A 387 -17.78 -48.91 20.57
N LEU A 389 -21.06 -47.34 22.59
CA LEU A 389 -22.15 -46.38 22.64
C LEU A 389 -23.20 -46.84 23.64
N PRO A 392 -27.31 -47.76 20.44
CA PRO A 392 -26.97 -47.81 19.00
C PRO A 392 -27.54 -46.63 18.22
N VAL A 393 -28.78 -46.25 18.53
CA VAL A 393 -29.37 -45.02 18.00
C VAL A 393 -30.14 -44.31 19.09
N PRO A 394 -30.17 -42.98 19.05
CA PRO A 394 -30.99 -42.24 20.02
C PRO A 394 -32.47 -42.54 19.91
N ASP A 395 -32.95 -42.84 18.70
CA ASP A 395 -34.33 -43.19 18.37
C ASP A 395 -35.31 -42.03 18.55
N TRP A 396 -34.86 -40.88 19.03
CA TRP A 396 -35.71 -39.70 19.07
C TRP A 396 -35.68 -38.93 17.75
N LEU A 397 -34.76 -39.28 16.85
CA LEU A 397 -34.65 -38.66 15.54
C LEU A 397 -34.71 -39.64 14.39
N ARG A 398 -34.52 -40.94 14.63
CA ARG A 398 -34.50 -41.90 13.53
C ARG A 398 -35.85 -41.96 12.83
N HIS A 399 -36.94 -41.81 13.56
CA HIS A 399 -38.27 -41.83 12.95
C HIS A 399 -38.44 -40.68 11.97
N LEU A 400 -37.99 -39.47 12.34
CA LEU A 400 -38.14 -38.33 11.46
C LEU A 400 -37.12 -38.33 10.32
N VAL A 401 -35.91 -38.84 10.58
CA VAL A 401 -34.90 -38.90 9.52
C VAL A 401 -35.36 -39.83 8.39
N LEU A 402 -35.86 -41.01 8.75
CA LEU A 402 -36.36 -41.94 7.75
C LEU A 402 -37.58 -41.38 7.04
N ASP A 403 -38.48 -40.74 7.79
CA ASP A 403 -39.72 -40.24 7.20
C ASP A 403 -39.46 -38.99 6.36
N ARG A 404 -38.65 -38.06 6.85
CA ARG A 404 -38.46 -36.76 6.21
C ARG A 404 -37.06 -36.55 5.67
N ILE A 405 -36.02 -36.70 6.51
CA ILE A 405 -34.67 -36.41 6.07
C ILE A 405 -34.23 -37.39 4.99
N ALA A 406 -34.66 -38.64 5.08
CA ALA A 406 -34.33 -39.61 4.05
C ALA A 406 -34.94 -39.25 2.70
N TRP A 407 -36.01 -38.46 2.69
CA TRP A 407 -36.65 -38.03 1.45
C TRP A 407 -36.08 -36.71 0.95
N ILE A 408 -34.75 -36.63 0.86
CA ILE A 408 -34.12 -35.46 0.26
C ILE A 408 -34.34 -35.45 -1.24
N LEU A 409 -34.25 -36.62 -1.87
CA LEU A 409 -34.46 -36.73 -3.31
C LEU A 409 -35.93 -36.59 -3.67
N GLU A 497 -22.48 -54.61 14.98
CA GLU A 497 -22.67 -53.73 13.84
C GLU A 497 -23.64 -52.59 14.20
N VAL A 498 -23.74 -52.29 15.50
CA VAL A 498 -24.62 -51.22 15.96
C VAL A 498 -24.16 -49.88 15.41
N ALA A 499 -22.88 -49.73 15.10
CA ALA A 499 -22.36 -48.50 14.53
C ALA A 499 -22.74 -48.32 13.06
N ARG A 500 -23.26 -49.37 12.40
CA ARG A 500 -23.64 -49.24 11.01
C ARG A 500 -24.81 -48.27 10.83
N ASP A 501 -25.76 -48.29 11.77
CA ASP A 501 -26.85 -47.31 11.72
C ASP A 501 -26.33 -45.89 11.91
N TRP A 502 -25.34 -45.71 12.79
CA TRP A 502 -24.72 -44.40 12.96
C TRP A 502 -24.04 -43.95 11.68
N LEU A 503 -23.33 -44.87 11.02
CA LEU A 503 -22.70 -44.53 9.75
C LEU A 503 -23.74 -44.17 8.70
N ARG A 504 -24.85 -44.89 8.66
CA ARG A 504 -25.90 -44.61 7.68
C ARG A 504 -26.52 -43.24 7.92
N VAL A 505 -26.80 -42.89 9.18
CA VAL A 505 -27.40 -41.59 9.45
C VAL A 505 -26.41 -40.47 9.16
N GLY A 506 -25.12 -40.71 9.44
CA GLY A 506 -24.10 -39.73 9.05
C GLY A 506 -24.06 -39.53 7.55
N TYR A 507 -24.18 -40.63 6.79
CA TYR A 507 -24.22 -40.53 5.33
C TYR A 507 -25.45 -39.75 4.88
N VAL A 508 -26.60 -39.98 5.52
CA VAL A 508 -27.82 -39.27 5.14
C VAL A 508 -27.66 -37.77 5.37
N LEU A 509 -27.13 -37.39 6.54
CA LEU A 509 -26.92 -35.97 6.81
C LEU A 509 -25.87 -35.37 5.89
N ASP A 510 -24.84 -36.14 5.52
CA ASP A 510 -23.86 -35.63 4.57
C ASP A 510 -24.49 -35.38 3.21
N ARG A 511 -25.36 -36.30 2.76
CA ARG A 511 -26.05 -36.09 1.50
C ARG A 511 -26.98 -34.88 1.56
N LEU A 512 -27.66 -34.68 2.68
CA LEU A 512 -28.49 -33.50 2.85
C LEU A 512 -27.66 -32.22 2.77
N LEU A 513 -26.49 -32.22 3.43
CA LEU A 513 -25.62 -31.05 3.37
C LEU A 513 -25.11 -30.82 1.95
N PHE A 514 -24.82 -31.90 1.21
CA PHE A 514 -24.42 -31.75 -0.18
C PHE A 514 -25.53 -31.12 -1.01
N ARG A 515 -26.77 -31.55 -0.81
CA ARG A 515 -27.89 -30.96 -1.52
C ARG A 515 -28.06 -29.49 -1.18
N ILE A 516 -27.90 -29.15 0.11
CA ILE A 516 -28.00 -27.75 0.54
C ILE A 516 -26.92 -26.91 -0.12
N TYR A 517 -25.69 -27.44 -0.16
CA TYR A 517 -24.60 -26.70 -0.80
C TYR A 517 -24.83 -26.54 -2.29
N LEU A 518 -25.38 -27.57 -2.95
CA LEU A 518 -25.69 -27.45 -4.37
C LEU A 518 -26.75 -26.37 -4.60
N LEU A 519 -27.78 -26.32 -3.74
CA LEU A 519 -28.78 -25.27 -3.87
C LEU A 519 -28.16 -23.89 -3.66
N ALA A 520 -27.26 -23.78 -2.68
CA ALA A 520 -26.60 -22.49 -2.41
C ALA A 520 -25.76 -22.05 -3.60
N VAL A 521 -25.01 -22.97 -4.21
CA VAL A 521 -24.18 -22.59 -5.35
C VAL A 521 -25.05 -22.28 -6.56
N LEU A 522 -26.21 -22.95 -6.71
CA LEU A 522 -27.12 -22.60 -7.78
C LEU A 522 -27.66 -21.19 -7.59
N ALA A 523 -28.02 -20.83 -6.35
CA ALA A 523 -28.47 -19.47 -6.08
C ALA A 523 -27.36 -18.46 -6.35
N TYR A 524 -26.13 -18.78 -5.96
CA TYR A 524 -25.00 -17.89 -6.23
C TYR A 524 -24.79 -17.70 -7.73
N SER A 525 -24.93 -18.77 -8.51
CA SER A 525 -24.79 -18.65 -9.95
C SER A 525 -25.92 -17.81 -10.55
N ILE A 526 -27.14 -17.97 -10.05
CA ILE A 526 -28.28 -17.24 -10.61
C ILE A 526 -28.15 -15.74 -10.30
N THR A 527 -27.81 -15.40 -9.06
CA THR A 527 -27.78 -13.99 -8.69
C THR A 527 -26.70 -13.22 -9.42
N LEU A 528 -25.58 -13.87 -9.77
CA LEU A 528 -24.53 -13.18 -10.51
C LEU A 528 -25.02 -12.72 -11.87
N VAL A 529 -25.80 -13.56 -12.56
CA VAL A 529 -26.34 -13.17 -13.86
C VAL A 529 -27.38 -12.07 -13.70
N THR A 530 -28.19 -12.14 -12.64
CA THR A 530 -29.17 -11.09 -12.39
C THR A 530 -28.50 -9.75 -12.11
N LEU A 531 -27.43 -9.77 -11.30
CA LEU A 531 -26.68 -8.54 -11.06
C LEU A 531 -26.02 -8.03 -12.33
N TRP A 532 -25.49 -8.94 -13.15
CA TRP A 532 -24.87 -8.55 -14.40
C TRP A 532 -25.87 -7.93 -15.36
N SER A 533 -27.08 -8.50 -15.42
CA SER A 533 -28.11 -7.97 -16.31
C SER A 533 -28.51 -6.55 -15.93
N ILE A 534 -28.65 -6.29 -14.63
CA ILE A 534 -28.97 -4.94 -14.16
C ILE A 534 -27.85 -3.98 -14.52
N TRP A 535 -26.60 -4.40 -14.29
CA TRP A 535 -25.45 -3.58 -14.66
C TRP A 535 -25.38 -3.38 -16.17
N HIS A 536 -25.66 -4.43 -16.94
CA HIS A 536 -25.65 -4.33 -18.40
C HIS A 536 -26.81 -3.52 -18.94
N SER A 537 -27.92 -3.42 -18.19
CA SER A 537 -29.08 -2.68 -18.67
C SER A 537 -28.78 -1.21 -18.85
N SER A 538 -27.81 -0.68 -18.11
CA SER A 538 -27.44 0.72 -18.22
C SER A 538 -26.56 0.96 -19.44
N THR B 84 27.01 52.93 4.15
CA THR B 84 26.04 52.89 3.06
C THR B 84 25.26 51.58 3.07
N GLN B 85 24.24 51.51 2.22
CA GLN B 85 23.42 50.31 2.14
C GLN B 85 24.21 49.16 1.53
N PRO B 86 23.88 47.92 1.87
CA PRO B 86 24.55 46.77 1.26
C PRO B 86 24.25 46.68 -0.23
N ALA B 87 25.16 46.02 -0.94
CA ALA B 87 25.01 45.90 -2.39
C ALA B 87 23.76 45.12 -2.76
N LEU B 88 23.49 44.02 -2.04
CA LEU B 88 22.33 43.20 -2.37
C LEU B 88 21.02 43.96 -2.15
N LEU B 89 20.93 44.72 -1.05
CA LEU B 89 19.71 45.45 -0.76
C LEU B 89 19.43 46.49 -1.83
N ARG B 90 20.45 47.25 -2.23
CA ARG B 90 20.25 48.28 -3.24
C ARG B 90 19.82 47.67 -4.57
N LEU B 91 20.47 46.59 -4.98
CA LEU B 91 20.12 45.94 -6.24
C LEU B 91 18.71 45.36 -6.21
N SER B 92 18.34 44.72 -5.09
CA SER B 92 16.99 44.16 -4.98
C SER B 92 15.94 45.27 -5.01
N ASP B 93 16.20 46.38 -4.32
CA ASP B 93 15.28 47.51 -4.36
C ASP B 93 15.17 48.07 -5.78
N HIS B 94 16.31 48.21 -6.46
CA HIS B 94 16.28 48.75 -7.82
C HIS B 94 15.50 47.84 -8.77
N LEU B 95 15.67 46.53 -8.63
CA LEU B 95 14.96 45.61 -9.51
C LEU B 95 13.47 45.58 -9.20
N LEU B 96 13.10 45.49 -7.92
CA LEU B 96 11.72 45.27 -7.52
C LEU B 96 10.93 46.55 -7.29
N ALA B 97 11.53 47.72 -7.51
CA ALA B 97 10.79 48.98 -7.46
C ALA B 97 10.18 49.26 -8.82
N ASN B 98 8.89 49.59 -8.82
CA ASN B 98 8.11 49.80 -10.04
C ASN B 98 8.12 48.55 -10.93
N TYR B 99 8.20 47.38 -10.30
CA TYR B 99 8.13 46.10 -10.99
C TYR B 99 6.76 45.49 -10.72
N LYS B 100 6.07 45.08 -11.78
CA LYS B 100 4.72 44.55 -11.69
C LYS B 100 4.70 43.13 -12.26
N LYS B 101 4.54 42.15 -11.38
CA LYS B 101 4.30 40.79 -11.84
C LYS B 101 2.89 40.68 -12.42
N GLY B 102 2.63 39.56 -13.08
CA GLY B 102 1.41 39.43 -13.84
C GLY B 102 1.44 40.10 -15.19
N VAL B 103 2.55 40.71 -15.56
CA VAL B 103 2.77 41.28 -16.89
C VAL B 103 3.91 40.52 -17.54
N ARG B 104 3.68 40.03 -18.75
CA ARG B 104 4.69 39.23 -19.42
C ARG B 104 5.90 40.10 -19.73
N PRO B 105 7.10 39.75 -19.25
CA PRO B 105 8.28 40.64 -19.37
C PRO B 105 8.88 40.70 -20.78
N VAL B 106 8.22 41.47 -21.63
CA VAL B 106 8.69 41.73 -22.99
C VAL B 106 8.51 43.21 -23.29
N ARG B 107 9.49 43.80 -23.97
CA ARG B 107 9.35 45.18 -24.43
C ARG B 107 8.56 45.28 -25.72
N ASP B 108 8.24 44.15 -26.34
CA ASP B 108 7.33 44.09 -27.49
C ASP B 108 6.42 42.91 -27.28
N TRP B 109 5.10 43.15 -27.25
CA TRP B 109 4.15 42.09 -26.94
C TRP B 109 3.98 41.08 -28.07
N ARG B 110 4.56 41.34 -29.23
CA ARG B 110 4.39 40.45 -30.39
C ARG B 110 5.42 39.34 -30.46
N LYS B 111 6.41 39.32 -29.57
CA LYS B 111 7.42 38.27 -29.56
C LYS B 111 7.20 37.37 -28.35
N PRO B 112 7.01 36.06 -28.53
CA PRO B 112 6.75 35.18 -27.40
C PRO B 112 7.96 35.02 -26.50
N THR B 113 7.69 34.66 -25.26
CA THR B 113 8.74 34.37 -24.29
C THR B 113 9.09 32.89 -24.36
N THR B 114 10.33 32.59 -24.72
CA THR B 114 10.77 31.22 -24.87
C THR B 114 11.17 30.65 -23.51
N VAL B 115 10.45 29.63 -23.07
CA VAL B 115 10.68 29.00 -21.77
C VAL B 115 11.38 27.67 -22.05
N SER B 116 12.70 27.66 -21.98
CA SER B 116 13.45 26.42 -22.15
C SER B 116 13.16 25.48 -20.98
N ILE B 117 12.95 24.21 -21.30
CA ILE B 117 12.52 23.21 -20.33
C ILE B 117 13.49 22.05 -20.36
N ASP B 118 13.92 21.61 -19.18
CA ASP B 118 14.80 20.45 -19.04
C ASP B 118 14.29 19.59 -17.89
N VAL B 119 14.20 18.29 -18.12
CA VAL B 119 13.62 17.35 -17.16
C VAL B 119 14.61 16.22 -16.94
N ILE B 120 14.90 15.93 -15.67
CA ILE B 120 15.73 14.80 -15.29
C ILE B 120 14.85 13.83 -14.51
N MET B 121 14.82 12.58 -14.94
CA MET B 121 14.04 11.56 -14.25
C MET B 121 14.86 10.99 -13.09
N TYR B 122 14.33 11.11 -11.87
CA TYR B 122 15.02 10.66 -10.67
C TYR B 122 14.57 9.28 -10.20
N ALA B 123 13.26 9.06 -10.08
CA ALA B 123 12.76 7.78 -9.61
C ALA B 123 11.33 7.58 -10.08
N ILE B 124 10.93 6.31 -10.13
CA ILE B 124 9.55 5.93 -10.41
C ILE B 124 9.00 5.32 -9.14
N LEU B 125 8.31 6.14 -8.34
CA LEU B 125 7.89 5.71 -7.01
C LEU B 125 6.87 4.58 -7.08
N ASN B 126 5.91 4.67 -8.01
CA ASN B 126 4.86 3.68 -8.08
C ASN B 126 4.21 3.72 -9.45
N VAL B 127 3.87 2.54 -9.97
CA VAL B 127 3.13 2.39 -11.22
C VAL B 127 1.86 1.64 -10.87
N ASP B 128 0.76 2.36 -10.69
CA ASP B 128 -0.50 1.78 -10.24
C ASP B 128 -1.33 1.39 -11.45
N GLU B 129 -1.42 0.08 -11.72
CA GLU B 129 -2.28 -0.39 -12.79
C GLU B 129 -3.76 -0.36 -12.42
N LYS B 130 -4.06 -0.32 -11.12
CA LYS B 130 -5.45 -0.27 -10.68
C LYS B 130 -6.13 1.02 -11.15
N ASN B 131 -5.49 2.16 -10.88
CA ASN B 131 -6.05 3.47 -11.21
C ASN B 131 -5.44 4.08 -12.47
N GLN B 132 -4.51 3.38 -13.12
CA GLN B 132 -3.83 3.87 -14.32
C GLN B 132 -3.15 5.21 -14.06
N VAL B 133 -2.49 5.32 -12.92
CA VAL B 133 -1.77 6.54 -12.53
C VAL B 133 -0.30 6.20 -12.33
N LEU B 134 0.57 7.03 -12.88
CA LEU B 134 2.01 6.87 -12.74
C LEU B 134 2.53 7.87 -11.71
N THR B 135 3.20 7.37 -10.69
CA THR B 135 3.83 8.22 -9.68
C THR B 135 5.33 8.25 -9.95
N THR B 136 5.85 9.43 -10.24
CA THR B 136 7.25 9.59 -10.59
C THR B 136 7.78 10.88 -9.97
N TYR B 137 9.10 10.94 -9.81
CA TYR B 137 9.77 12.07 -9.20
C TYR B 137 10.85 12.56 -10.15
N ILE B 138 10.73 13.80 -10.59
CA ILE B 138 11.65 14.36 -11.58
C ILE B 138 12.26 15.64 -11.03
N TRP B 139 13.44 15.98 -11.55
CA TRP B 139 14.09 17.24 -11.27
C TRP B 139 13.86 18.15 -12.48
N TYR B 140 13.17 19.26 -12.25
CA TYR B 140 12.65 20.09 -13.34
C TYR B 140 13.34 21.45 -13.31
N ARG B 141 13.80 21.90 -14.48
CA ARG B 141 14.47 23.19 -14.62
C ARG B 141 13.75 24.01 -15.69
N GLN B 142 13.59 25.30 -15.41
CA GLN B 142 13.00 26.24 -16.35
C GLN B 142 14.01 27.33 -16.67
N TYR B 143 13.79 27.98 -17.82
CA TYR B 143 14.76 28.95 -18.33
C TYR B 143 14.03 29.93 -19.24
N TRP B 144 13.77 31.13 -18.72
CA TRP B 144 13.20 32.21 -19.51
C TRP B 144 13.97 33.49 -19.23
N THR B 145 13.77 34.48 -20.10
CA THR B 145 14.46 35.76 -20.00
C THR B 145 13.46 36.84 -19.59
N ASP B 146 13.74 37.50 -18.47
CA ASP B 146 12.93 38.60 -17.98
C ASP B 146 13.63 39.90 -18.33
N GLU B 147 13.00 40.71 -19.18
CA GLU B 147 13.64 41.92 -19.69
C GLU B 147 13.54 43.10 -18.73
N PHE B 148 12.79 42.97 -17.65
CA PHE B 148 12.72 44.03 -16.64
C PHE B 148 13.74 43.84 -15.52
N LEU B 149 14.24 42.62 -15.33
CA LEU B 149 15.24 42.35 -14.31
C LEU B 149 16.65 42.38 -14.91
N GLN B 150 16.99 43.53 -15.48
CA GLN B 150 18.30 43.75 -16.08
C GLN B 150 18.99 44.89 -15.36
N TRP B 151 20.26 44.68 -15.01
CA TRP B 151 21.03 45.72 -14.33
C TRP B 151 22.47 45.65 -14.81
N THR B 152 23.14 46.79 -14.78
CA THR B 152 24.55 46.83 -15.16
C THR B 152 25.41 46.35 -14.00
N PRO B 153 26.31 45.39 -14.23
CA PRO B 153 27.17 44.91 -13.13
C PRO B 153 28.14 45.95 -12.62
N GLU B 154 28.38 47.03 -13.37
CA GLU B 154 29.34 48.04 -12.92
C GLU B 154 28.92 48.65 -11.60
N ASP B 155 27.63 48.69 -11.31
CA ASP B 155 27.12 49.17 -10.04
C ASP B 155 26.81 48.00 -9.11
N PHE B 156 26.35 48.32 -7.91
CA PHE B 156 26.00 47.32 -6.90
C PHE B 156 27.18 46.42 -6.55
N ASP B 157 28.39 47.00 -6.55
CA ASP B 157 29.61 46.31 -6.12
C ASP B 157 29.90 45.07 -6.96
N ASN B 158 29.67 45.18 -8.27
CA ASN B 158 30.06 44.15 -9.24
C ASN B 158 29.42 42.80 -8.92
N VAL B 159 28.09 42.79 -8.92
CA VAL B 159 27.31 41.58 -8.70
C VAL B 159 26.61 41.21 -10.00
N THR B 160 26.72 39.95 -10.40
CA THR B 160 26.16 39.48 -11.67
C THR B 160 25.16 38.35 -11.49
N LYS B 161 24.53 38.25 -10.31
CA LYS B 161 23.58 37.18 -10.05
C LYS B 161 22.84 37.51 -8.76
N LEU B 162 21.58 37.09 -8.68
CA LEU B 162 20.74 37.43 -7.54
C LEU B 162 19.89 36.22 -7.17
N SER B 163 19.05 36.38 -6.16
CA SER B 163 18.22 35.32 -5.59
C SER B 163 16.79 35.81 -5.38
N ILE B 164 16.22 36.43 -6.41
CA ILE B 164 14.87 37.01 -6.30
C ILE B 164 13.88 35.94 -5.89
N PRO B 165 12.97 36.21 -4.95
CA PRO B 165 11.97 35.20 -4.58
C PRO B 165 11.06 34.86 -5.75
N THR B 166 10.61 33.60 -5.78
CA THR B 166 9.78 33.13 -6.89
C THR B 166 8.45 33.87 -6.94
N ASP B 167 7.84 34.12 -5.78
CA ASP B 167 6.54 34.75 -5.72
C ASP B 167 6.60 36.27 -5.81
N SER B 168 7.71 36.83 -6.30
CA SER B 168 7.86 38.26 -6.46
C SER B 168 8.09 38.69 -7.90
N ILE B 169 8.09 37.75 -8.85
CA ILE B 169 8.34 38.02 -10.25
C ILE B 169 7.33 37.25 -11.09
N TRP B 170 7.47 37.34 -12.41
CA TRP B 170 6.60 36.64 -13.35
C TRP B 170 7.18 35.26 -13.63
N VAL B 171 6.42 34.23 -13.28
CA VAL B 171 6.80 32.84 -13.52
C VAL B 171 5.77 32.24 -14.45
N PRO B 172 6.16 31.59 -15.56
CA PRO B 172 5.17 31.14 -16.54
C PRO B 172 4.26 30.03 -16.04
N ASP B 173 3.34 29.59 -16.90
CA ASP B 173 2.23 28.73 -16.50
C ASP B 173 2.40 27.29 -16.96
N ILE B 174 3.63 26.85 -17.25
CA ILE B 174 3.84 25.49 -17.73
C ILE B 174 3.47 24.50 -16.65
N LEU B 175 2.62 23.53 -17.00
CA LEU B 175 2.26 22.43 -16.12
C LEU B 175 1.90 21.24 -16.98
N ILE B 176 1.97 20.05 -16.39
CA ILE B 176 1.73 18.82 -17.12
C ILE B 176 0.24 18.58 -17.26
N ASN B 177 -0.21 18.33 -18.49
CA ASN B 177 -1.61 18.05 -18.76
C ASN B 177 -2.08 16.77 -18.07
N GLU B 178 -1.17 15.86 -17.77
CA GLU B 178 -1.53 14.52 -17.28
C GLU B 178 -1.74 14.48 -15.77
N PHE B 179 -1.63 15.60 -15.06
CA PHE B 179 -1.85 15.60 -13.62
C PHE B 179 -3.22 15.05 -13.26
N VAL B 180 -3.23 14.08 -12.35
CA VAL B 180 -4.42 13.73 -11.59
C VAL B 180 -4.27 14.08 -10.12
N ASP B 181 -3.09 14.53 -9.70
CA ASP B 181 -2.82 14.96 -8.34
C ASP B 181 -1.55 15.79 -8.39
N VAL B 182 -1.56 16.91 -7.64
CA VAL B 182 -0.41 17.82 -7.66
C VAL B 182 0.84 17.11 -7.14
N GLY B 183 0.70 16.34 -6.07
CA GLY B 183 1.84 15.70 -5.44
C GLY B 183 2.42 16.56 -4.33
N LYS B 184 3.15 15.90 -3.44
CA LYS B 184 3.72 16.55 -2.27
C LYS B 184 5.14 17.00 -2.61
N SER B 185 5.22 17.98 -3.52
CA SER B 185 6.48 18.55 -3.98
C SER B 185 6.81 19.79 -3.18
N PRO B 186 8.00 19.86 -2.57
CA PRO B 186 8.38 21.06 -1.82
C PRO B 186 8.50 22.27 -2.73
N ASN B 187 8.17 23.43 -2.19
CA ASN B 187 8.29 24.69 -2.93
C ASN B 187 9.68 25.30 -2.77
N ILE B 188 10.21 25.80 -3.87
CA ILE B 188 11.52 26.46 -3.89
C ILE B 188 11.28 27.96 -4.04
N PRO B 189 11.46 28.75 -2.97
CA PRO B 189 11.09 30.18 -3.01
C PRO B 189 12.13 31.10 -3.64
N TYR B 190 13.11 30.58 -4.39
CA TYR B 190 14.17 31.44 -4.92
C TYR B 190 14.47 31.07 -6.36
N VAL B 191 14.96 32.05 -7.12
CA VAL B 191 15.46 31.85 -8.47
C VAL B 191 16.71 32.70 -8.64
N TYR B 192 17.58 32.28 -9.56
CA TYR B 192 18.70 33.10 -10.02
C TYR B 192 18.28 33.97 -11.19
N VAL B 193 18.40 35.27 -11.02
CA VAL B 193 18.25 36.25 -12.10
C VAL B 193 19.63 36.79 -12.41
N HIS B 194 20.12 36.55 -13.62
CA HIS B 194 21.42 37.03 -14.00
C HIS B 194 21.35 38.53 -14.34
N HIS B 195 22.52 39.12 -14.58
CA HIS B 195 22.59 40.54 -14.87
C HIS B 195 22.00 40.90 -16.22
N ARG B 196 21.73 39.93 -17.09
CA ARG B 196 21.11 40.17 -18.38
C ARG B 196 19.63 39.80 -18.40
N GLY B 197 19.04 39.51 -17.24
CA GLY B 197 17.65 39.16 -17.15
C GLY B 197 17.37 37.67 -17.16
N GLU B 198 18.33 36.85 -17.53
CA GLU B 198 18.14 35.40 -17.58
C GLU B 198 17.72 34.87 -16.22
N VAL B 199 16.57 34.20 -16.17
CA VAL B 199 16.02 33.66 -14.94
C VAL B 199 16.04 32.14 -15.00
N GLN B 200 16.55 31.52 -13.94
CA GLN B 200 16.63 30.07 -13.84
C GLN B 200 15.75 29.60 -12.70
N ASN B 201 14.88 28.63 -12.96
CA ASN B 201 13.99 28.06 -11.96
C ASN B 201 14.30 26.58 -11.81
N TYR B 202 14.65 26.18 -10.60
CA TYR B 202 14.91 24.78 -10.28
C TYR B 202 13.91 24.33 -9.23
N LYS B 203 13.21 23.23 -9.49
CA LYS B 203 12.25 22.72 -8.54
C LYS B 203 12.12 21.21 -8.68
N PRO B 204 11.91 20.49 -7.58
CA PRO B 204 11.63 19.06 -7.68
C PRO B 204 10.14 18.78 -7.83
N LEU B 205 9.76 17.98 -8.82
CA LEU B 205 8.37 17.73 -9.13
C LEU B 205 8.04 16.27 -8.83
N GLN B 206 7.07 16.06 -7.95
CA GLN B 206 6.53 14.73 -7.68
C GLN B 206 5.22 14.60 -8.45
N LEU B 207 5.25 13.83 -9.54
CA LEU B 207 4.17 13.79 -10.50
C LEU B 207 3.31 12.56 -10.29
N VAL B 208 2.00 12.76 -10.27
CA VAL B 208 1.02 11.67 -10.28
C VAL B 208 0.23 11.83 -11.57
N THR B 209 0.67 11.15 -12.62
CA THR B 209 0.14 11.34 -13.97
C THR B 209 -0.53 10.07 -14.46
N ALA B 210 -1.52 10.25 -15.33
CA ALA B 210 -2.24 9.12 -15.91
C ALA B 210 -1.48 8.54 -17.09
N CYS B 211 -1.60 7.22 -17.27
CA CYS B 211 -0.95 6.51 -18.35
C CYS B 211 -1.91 5.48 -18.92
N SER B 212 -1.39 4.68 -19.86
CA SER B 212 -2.13 3.56 -20.44
C SER B 212 -1.94 2.29 -19.62
N LEU B 213 -0.68 1.91 -19.38
CA LEU B 213 -0.34 0.79 -18.51
C LEU B 213 -0.98 -0.51 -18.98
N ASP B 214 -0.58 -0.95 -20.17
CA ASP B 214 -1.01 -2.24 -20.69
C ASP B 214 -0.25 -3.35 -19.98
N ILE B 215 -0.99 -4.32 -19.42
CA ILE B 215 -0.39 -5.39 -18.66
C ILE B 215 -0.61 -6.72 -19.35
N TYR B 216 -0.76 -6.68 -20.68
CA TYR B 216 -0.96 -7.91 -21.44
C TYR B 216 0.29 -8.79 -21.44
N ASN B 217 1.46 -8.22 -21.15
CA ASN B 217 2.73 -8.94 -21.20
C ASN B 217 3.34 -9.15 -19.83
N PHE B 218 2.55 -9.08 -18.77
CA PHE B 218 3.07 -9.23 -17.43
C PHE B 218 3.70 -10.61 -17.26
N PRO B 219 4.84 -10.73 -16.55
CA PRO B 219 5.62 -9.67 -15.91
C PRO B 219 6.58 -8.95 -16.86
N PHE B 220 6.79 -9.53 -18.05
CA PHE B 220 7.73 -8.98 -19.03
C PHE B 220 7.07 -7.80 -19.74
N ASP B 221 6.92 -6.71 -18.99
CA ASP B 221 6.07 -5.60 -19.37
C ASP B 221 6.91 -4.36 -19.66
N VAL B 222 6.71 -3.78 -20.84
CA VAL B 222 7.36 -2.55 -21.25
C VAL B 222 6.27 -1.51 -21.50
N GLN B 223 6.37 -0.37 -20.83
CA GLN B 223 5.35 0.67 -20.93
C GLN B 223 6.02 2.02 -21.13
N ASN B 224 5.40 2.86 -21.97
CA ASN B 224 5.86 4.22 -22.19
C ASN B 224 4.79 5.21 -21.73
N CYS B 225 5.23 6.29 -21.11
CA CYS B 225 4.33 7.30 -20.57
C CYS B 225 4.76 8.67 -21.07
N SER B 226 3.77 9.51 -21.39
CA SER B 226 4.03 10.85 -21.90
C SER B 226 3.98 11.85 -20.77
N LEU B 227 4.86 12.85 -20.84
CA LEU B 227 4.91 13.98 -19.91
C LEU B 227 4.73 15.24 -20.73
N THR B 228 3.47 15.66 -20.89
CA THR B 228 3.13 16.77 -21.78
C THR B 228 3.25 18.08 -21.01
N PHE B 229 4.26 18.88 -21.34
CA PHE B 229 4.46 20.18 -20.73
C PHE B 229 3.92 21.25 -21.68
N THR B 230 2.88 21.95 -21.25
CA THR B 230 2.34 23.06 -22.03
C THR B 230 1.75 24.08 -21.08
N SER B 231 1.68 25.32 -21.55
CA SER B 231 1.05 26.38 -20.76
C SER B 231 -0.45 26.14 -20.70
N TRP B 232 -1.03 26.40 -19.52
CA TRP B 232 -2.45 26.13 -19.33
C TRP B 232 -3.31 26.99 -20.24
N LEU B 233 -2.95 28.26 -20.41
CA LEU B 233 -3.77 29.17 -21.21
C LEU B 233 -2.98 30.14 -22.08
N HIS B 234 -1.70 29.89 -22.33
CA HIS B 234 -0.88 30.77 -23.17
C HIS B 234 -0.63 30.12 -24.51
N THR B 235 -0.86 30.87 -25.59
CA THR B 235 -0.67 30.38 -26.95
C THR B 235 0.79 30.48 -27.35
N ILE B 236 1.09 30.10 -28.60
CA ILE B 236 2.44 30.22 -29.12
C ILE B 236 2.83 31.69 -29.25
N GLN B 237 1.87 32.56 -29.56
CA GLN B 237 2.16 33.99 -29.64
C GLN B 237 2.51 34.61 -28.29
N ASP B 238 2.30 33.88 -27.20
CA ASP B 238 2.62 34.35 -25.86
C ASP B 238 3.76 33.57 -25.22
N ILE B 239 3.66 32.26 -25.14
CA ILE B 239 4.68 31.41 -24.53
C ILE B 239 5.02 30.28 -25.50
N ASN B 240 6.31 30.16 -25.82
CA ASN B 240 6.82 29.10 -26.68
C ASN B 240 7.77 28.24 -25.86
N ILE B 241 7.61 26.91 -25.93
CA ILE B 241 8.34 25.98 -25.09
C ILE B 241 9.41 25.29 -25.94
N THR B 242 10.65 25.33 -25.45
CA THR B 242 11.76 24.67 -26.13
C THR B 242 12.49 23.73 -25.17
N LEU B 243 13.64 23.22 -25.58
CA LEU B 243 14.43 22.31 -24.78
C LEU B 243 15.73 22.99 -24.35
N TRP B 244 16.05 22.89 -23.06
CA TRP B 244 17.31 23.43 -22.56
C TRP B 244 18.50 22.71 -23.19
N ARG B 245 18.42 21.38 -23.25
CA ARG B 245 19.49 20.54 -23.80
C ARG B 245 19.03 19.95 -25.12
N SER B 246 20.01 19.43 -25.88
CA SER B 246 19.69 18.74 -27.12
C SER B 246 18.92 17.47 -26.82
N PRO B 247 18.06 17.02 -27.75
CA PRO B 247 17.24 15.83 -27.48
C PRO B 247 18.04 14.59 -27.13
N GLU B 248 19.23 14.42 -27.71
CA GLU B 248 20.05 13.25 -27.38
C GLU B 248 20.50 13.28 -25.92
N GLU B 249 20.89 14.46 -25.43
CA GLU B 249 21.32 14.57 -24.04
C GLU B 249 20.17 14.25 -23.08
N VAL B 250 18.96 14.68 -23.42
CA VAL B 250 17.81 14.34 -22.59
C VAL B 250 17.51 12.85 -22.68
N ARG B 251 17.69 12.26 -23.86
CA ARG B 251 17.38 10.85 -24.05
C ARG B 251 18.30 9.97 -23.23
N SER B 252 19.61 10.23 -23.31
CA SER B 252 20.61 9.35 -22.70
C SER B 252 21.14 9.91 -21.38
N ASP B 253 20.28 10.58 -20.60
CA ASP B 253 20.73 11.15 -19.34
C ASP B 253 21.17 10.08 -18.35
N LYS B 254 20.20 9.28 -17.88
CA LYS B 254 20.44 8.20 -16.91
C LYS B 254 21.45 8.59 -15.84
N SER B 255 21.37 9.82 -15.32
CA SER B 255 22.39 10.34 -14.43
C SER B 255 22.09 10.02 -12.96
N ILE B 256 20.94 10.47 -12.46
CA ILE B 256 20.59 10.33 -11.05
C ILE B 256 19.50 9.31 -10.83
N PHE B 257 19.09 8.59 -11.88
CA PHE B 257 18.01 7.62 -11.73
C PHE B 257 18.41 6.50 -10.78
N ILE B 258 17.45 6.03 -9.99
CA ILE B 258 17.70 5.00 -8.98
C ILE B 258 17.50 3.66 -9.69
N ASN B 259 18.61 3.09 -10.17
CA ASN B 259 18.56 1.81 -10.86
C ASN B 259 18.54 0.64 -9.89
N GLN B 260 17.59 0.63 -8.96
CA GLN B 260 17.46 -0.46 -8.02
C GLN B 260 16.02 -0.87 -7.75
N GLY B 261 15.05 -0.28 -8.41
CA GLY B 261 13.65 -0.57 -8.18
C GLY B 261 13.11 -1.63 -9.12
N GLU B 262 11.77 -1.72 -9.15
CA GLU B 262 11.12 -2.70 -10.01
C GLU B 262 11.23 -2.30 -11.49
N TRP B 263 11.20 -1.01 -11.78
CA TRP B 263 11.16 -0.52 -13.14
C TRP B 263 12.50 0.08 -13.53
N GLU B 264 12.96 -0.26 -14.74
CA GLU B 264 14.21 0.25 -15.28
C GLU B 264 13.91 1.28 -16.36
N LEU B 265 14.49 2.47 -16.24
CA LEU B 265 14.26 3.53 -17.20
C LEU B 265 15.03 3.24 -18.48
N LEU B 266 14.31 3.07 -19.59
CA LEU B 266 14.96 2.80 -20.87
C LEU B 266 15.43 4.08 -21.53
N GLU B 267 14.56 5.08 -21.63
CA GLU B 267 14.92 6.35 -22.24
C GLU B 267 13.82 7.37 -21.92
N VAL B 268 14.12 8.63 -22.24
CA VAL B 268 13.14 9.71 -22.22
C VAL B 268 13.19 10.38 -23.57
N PHE B 269 12.07 10.37 -24.29
CA PHE B 269 12.05 10.83 -25.67
C PHE B 269 11.31 12.16 -25.78
N PRO B 270 12.02 13.27 -25.94
CA PRO B 270 11.34 14.57 -26.08
C PRO B 270 11.09 14.95 -27.53
N GLN B 271 9.91 15.51 -27.77
CA GLN B 271 9.58 16.04 -29.09
C GLN B 271 8.51 17.11 -28.94
N PHE B 272 8.66 18.19 -29.71
CA PHE B 272 7.82 19.38 -29.60
C PHE B 272 6.88 19.43 -30.79
N LYS B 273 5.57 19.49 -30.53
CA LYS B 273 4.58 19.66 -31.57
C LYS B 273 3.64 20.79 -31.17
N GLU B 274 3.42 21.72 -32.08
CA GLU B 274 2.46 22.79 -31.82
C GLU B 274 1.05 22.23 -31.87
N PHE B 275 0.25 22.57 -30.86
CA PHE B 275 -1.10 22.07 -30.71
C PHE B 275 -2.09 23.20 -30.92
N SER B 276 -3.01 23.03 -31.86
CA SER B 276 -3.99 24.06 -32.20
C SER B 276 -5.39 23.51 -31.97
N ILE B 277 -6.13 24.13 -31.05
CA ILE B 277 -7.52 23.77 -30.86
C ILE B 277 -8.35 24.26 -32.04
N ASP B 278 -7.95 25.37 -32.66
CA ASP B 278 -8.59 25.88 -33.87
C ASP B 278 -7.53 26.54 -34.73
N ILE B 279 -7.97 27.31 -35.72
CA ILE B 279 -7.04 27.87 -36.71
C ILE B 279 -6.20 29.02 -36.18
N SER B 280 -6.62 29.66 -35.08
CA SER B 280 -5.91 30.84 -34.58
C SER B 280 -5.62 30.76 -33.09
N ASN B 281 -5.61 29.56 -32.52
CA ASN B 281 -5.36 29.37 -31.10
C ASN B 281 -4.36 28.24 -30.88
N SER B 282 -3.26 28.27 -31.64
CA SER B 282 -2.23 27.25 -31.49
C SER B 282 -1.51 27.40 -30.15
N TYR B 283 -1.26 26.26 -29.50
CA TYR B 283 -0.58 26.22 -28.21
C TYR B 283 0.74 25.46 -28.35
N ALA B 284 1.78 25.98 -27.73
CA ALA B 284 3.05 25.26 -27.67
C ALA B 284 2.92 24.06 -26.73
N GLU B 285 3.66 23.00 -27.03
CA GLU B 285 3.51 21.76 -26.29
C GLU B 285 4.77 20.92 -26.42
N MET B 286 5.27 20.43 -25.29
CA MET B 286 6.46 19.58 -25.25
C MET B 286 6.09 18.24 -24.63
N LYS B 287 6.45 17.16 -25.30
CA LYS B 287 6.11 15.81 -24.87
C LYS B 287 7.38 15.03 -24.58
N PHE B 288 7.52 14.58 -23.33
CA PHE B 288 8.59 13.67 -22.93
C PHE B 288 7.99 12.28 -22.79
N TYR B 289 8.56 11.32 -23.51
CA TYR B 289 8.06 9.95 -23.52
C TYR B 289 8.92 9.11 -22.58
N VAL B 290 8.43 8.89 -21.37
CA VAL B 290 9.15 8.10 -20.36
C VAL B 290 8.86 6.63 -20.68
N ILE B 291 9.83 5.94 -21.26
CA ILE B 291 9.71 4.53 -21.60
C ILE B 291 10.44 3.72 -20.53
N ILE B 292 9.69 2.86 -19.85
CA ILE B 292 10.22 2.11 -18.71
C ILE B 292 9.99 0.62 -18.96
N ARG B 293 10.81 -0.20 -18.29
CA ARG B 293 10.78 -1.64 -18.45
C ARG B 293 10.83 -2.29 -17.07
N ARG B 294 9.90 -3.21 -16.82
CA ARG B 294 9.85 -3.89 -15.53
C ARG B 294 11.01 -4.85 -15.38
N ARG B 295 11.38 -5.13 -14.12
CA ARG B 295 12.37 -6.14 -13.81
C ARG B 295 11.63 -7.40 -13.36
N PRO B 296 11.55 -8.44 -14.19
CA PRO B 296 10.69 -9.59 -13.88
C PRO B 296 11.36 -10.74 -13.15
N LEU B 297 12.61 -10.59 -12.68
CA LEU B 297 13.29 -11.70 -12.02
C LEU B 297 12.56 -12.11 -10.76
N PHE B 298 12.15 -11.13 -9.94
CA PHE B 298 11.39 -11.45 -8.74
C PHE B 298 10.07 -12.13 -9.08
N TYR B 299 9.35 -11.59 -10.06
CA TYR B 299 8.08 -12.19 -10.45
C TYR B 299 8.28 -13.55 -11.10
N ALA B 300 9.36 -13.70 -11.87
CA ALA B 300 9.65 -15.00 -12.47
C ALA B 300 9.89 -16.06 -11.40
N VAL B 301 10.67 -15.72 -10.37
CA VAL B 301 10.96 -16.70 -9.33
C VAL B 301 9.72 -16.97 -8.49
N SER B 302 8.95 -15.92 -8.16
CA SER B 302 7.80 -16.08 -7.27
C SER B 302 6.64 -16.80 -7.95
N LEU B 303 6.32 -16.45 -9.18
CA LEU B 303 5.13 -16.96 -9.85
C LEU B 303 5.46 -17.98 -10.95
N LEU B 304 6.43 -17.69 -11.80
CA LEU B 304 6.65 -18.52 -12.98
C LEU B 304 7.20 -19.89 -12.60
N LEU B 305 8.21 -19.93 -11.73
CA LEU B 305 8.79 -21.22 -11.35
C LEU B 305 7.82 -22.12 -10.62
N PRO B 306 7.09 -21.67 -9.59
CA PRO B 306 6.11 -22.58 -8.96
C PRO B 306 4.97 -22.97 -9.88
N SER B 307 4.40 -22.01 -10.62
CA SER B 307 3.30 -22.31 -11.52
C SER B 307 3.75 -23.14 -12.72
N ILE B 308 5.05 -23.29 -12.95
CA ILE B 308 5.53 -24.20 -13.97
C ILE B 308 5.79 -25.58 -13.37
N PHE B 309 6.41 -25.63 -12.19
CA PHE B 309 6.68 -26.90 -11.53
C PHE B 309 5.39 -27.65 -11.23
N LEU B 310 4.35 -26.92 -10.84
CA LEU B 310 3.09 -27.58 -10.47
C LEU B 310 2.43 -28.23 -11.68
N MET B 311 2.40 -27.54 -12.82
CA MET B 311 1.85 -28.17 -14.02
C MET B 311 2.74 -29.29 -14.54
N VAL B 312 4.06 -29.17 -14.35
CA VAL B 312 4.95 -30.26 -14.76
C VAL B 312 4.68 -31.52 -13.93
N VAL B 313 4.54 -31.36 -12.61
CA VAL B 313 4.27 -32.53 -11.78
C VAL B 313 2.87 -33.07 -12.06
N ASP B 314 1.92 -32.19 -12.40
CA ASP B 314 0.60 -32.67 -12.80
C ASP B 314 0.69 -33.51 -14.07
N ILE B 315 1.52 -33.11 -15.03
CA ILE B 315 1.72 -33.93 -16.22
C ILE B 315 2.33 -35.27 -15.86
N VAL B 316 3.42 -35.25 -15.09
CA VAL B 316 4.13 -36.50 -14.79
C VAL B 316 3.33 -37.42 -13.90
N GLY B 317 2.31 -36.89 -13.21
CA GLY B 317 1.47 -37.73 -12.40
C GLY B 317 0.37 -38.47 -13.13
N PHE B 318 0.21 -38.24 -14.43
CA PHE B 318 -0.72 -39.04 -15.22
C PHE B 318 -0.20 -40.44 -15.49
N CYS B 319 1.08 -40.71 -15.20
CA CYS B 319 1.62 -42.05 -15.37
C CYS B 319 1.03 -43.04 -14.38
N LEU B 320 0.44 -42.56 -13.29
CA LEU B 320 -0.24 -43.46 -12.36
C LEU B 320 -1.47 -44.06 -13.03
N PRO B 321 -1.85 -45.28 -12.65
CA PRO B 321 -3.00 -45.93 -13.28
C PRO B 321 -4.26 -45.12 -13.09
N PRO B 322 -5.10 -45.00 -14.13
CA PRO B 322 -6.33 -44.21 -14.00
C PRO B 322 -7.30 -44.78 -12.97
N ASP B 323 -7.37 -46.10 -12.83
CA ASP B 323 -8.33 -46.73 -11.94
C ASP B 323 -7.80 -46.94 -10.53
N SER B 324 -6.50 -46.73 -10.30
CA SER B 324 -5.92 -46.97 -8.99
C SER B 324 -6.30 -45.85 -8.02
N GLY B 325 -6.53 -46.23 -6.77
CA GLY B 325 -6.89 -45.25 -5.75
C GLY B 325 -5.73 -44.38 -5.30
N GLU B 326 -4.49 -44.77 -5.61
CA GLU B 326 -3.34 -43.96 -5.26
C GLU B 326 -3.35 -42.62 -5.98
N ARG B 327 -3.93 -42.58 -7.19
CA ARG B 327 -4.04 -41.31 -7.92
C ARG B 327 -5.09 -40.41 -7.28
N VAL B 328 -6.07 -40.98 -6.59
CA VAL B 328 -7.18 -40.19 -6.04
C VAL B 328 -6.67 -39.26 -4.95
N SER B 329 -5.90 -39.80 -4.01
CA SER B 329 -5.29 -38.95 -2.98
C SER B 329 -4.33 -37.95 -3.60
N PHE B 330 -3.56 -38.39 -4.59
CA PHE B 330 -2.69 -37.51 -5.35
C PHE B 330 -3.48 -36.32 -5.89
N LYS B 331 -4.58 -36.60 -6.59
CA LYS B 331 -5.37 -35.52 -7.17
C LYS B 331 -5.96 -34.63 -6.10
N ILE B 332 -6.41 -35.23 -4.98
CA ILE B 332 -7.06 -34.45 -3.93
C ILE B 332 -6.08 -33.44 -3.32
N THR B 333 -4.89 -33.91 -2.93
CA THR B 333 -3.96 -32.99 -2.26
C THR B 333 -3.33 -32.02 -3.26
N LEU B 334 -3.10 -32.46 -4.51
CA LEU B 334 -2.66 -31.51 -5.53
C LEU B 334 -3.70 -30.43 -5.76
N LEU B 335 -4.98 -30.80 -5.78
CA LEU B 335 -6.05 -29.82 -5.88
C LEU B 335 -6.01 -28.83 -4.73
N LEU B 336 -5.88 -29.33 -3.49
CA LEU B 336 -5.87 -28.42 -2.35
C LEU B 336 -4.72 -27.43 -2.46
N GLY B 337 -3.50 -27.94 -2.66
CA GLY B 337 -2.34 -27.06 -2.71
C GLY B 337 -2.41 -26.08 -3.87
N TYR B 338 -2.81 -26.56 -5.05
CA TYR B 338 -2.84 -25.69 -6.22
C TYR B 338 -3.97 -24.68 -6.13
N SER B 339 -5.08 -25.04 -5.49
CA SER B 339 -6.17 -24.10 -5.28
C SER B 339 -5.71 -22.95 -4.39
N VAL B 340 -5.00 -23.28 -3.30
CA VAL B 340 -4.47 -22.23 -2.44
C VAL B 340 -3.48 -21.36 -3.22
N PHE B 341 -2.60 -22.00 -3.98
CA PHE B 341 -1.61 -21.30 -4.78
C PHE B 341 -2.28 -20.30 -5.71
N LEU B 342 -3.33 -20.74 -6.40
CA LEU B 342 -4.04 -19.87 -7.34
C LEU B 342 -4.82 -18.78 -6.63
N ILE B 343 -5.32 -19.04 -5.42
CA ILE B 343 -5.99 -17.98 -4.68
C ILE B 343 -5.02 -16.82 -4.43
N ILE B 344 -3.84 -17.14 -3.87
CA ILE B 344 -2.90 -16.05 -3.63
C ILE B 344 -2.37 -15.45 -4.93
N VAL B 345 -2.19 -16.27 -5.98
CA VAL B 345 -1.71 -15.72 -7.25
C VAL B 345 -2.71 -14.73 -7.83
N SER B 346 -3.99 -15.11 -7.89
CA SER B 346 -5.02 -14.23 -8.39
C SER B 346 -5.14 -12.96 -7.55
N ASP B 347 -4.88 -13.07 -6.25
CA ASP B 347 -4.75 -11.86 -5.44
C ASP B 347 -3.56 -11.02 -5.90
N THR B 348 -2.46 -11.68 -6.29
CA THR B 348 -1.23 -10.96 -6.60
C THR B 348 -1.28 -10.30 -7.98
N LEU B 349 -1.90 -10.95 -8.96
CA LEU B 349 -1.84 -10.47 -10.33
C LEU B 349 -2.54 -9.13 -10.47
N PRO B 350 -2.02 -8.23 -11.29
CA PRO B 350 -2.71 -6.96 -11.56
C PRO B 350 -3.84 -7.14 -12.56
N ALA B 351 -4.74 -6.16 -12.58
CA ALA B 351 -5.90 -6.21 -13.46
C ALA B 351 -6.27 -4.80 -13.89
N THR B 352 -6.55 -4.62 -15.17
CA THR B 352 -6.97 -3.33 -15.71
C THR B 352 -8.29 -3.45 -16.46
N ALA B 353 -8.67 -2.39 -17.18
CA ALA B 353 -9.93 -2.40 -17.90
C ALA B 353 -9.94 -3.47 -18.99
N ILE B 354 -8.81 -3.65 -19.69
CA ILE B 354 -8.73 -4.65 -20.74
C ILE B 354 -8.92 -6.06 -20.19
N GLY B 355 -8.66 -6.27 -18.90
CA GLY B 355 -8.85 -7.58 -18.31
C GLY B 355 -7.69 -8.06 -17.48
N THR B 356 -7.09 -9.16 -17.89
CA THR B 356 -6.04 -9.85 -17.15
C THR B 356 -4.83 -10.07 -18.04
N PRO B 357 -3.66 -10.27 -17.44
CA PRO B 357 -2.46 -10.57 -18.25
C PRO B 357 -2.62 -11.85 -19.05
N LEU B 358 -1.64 -12.10 -19.92
CA LEU B 358 -1.67 -13.29 -20.75
C LEU B 358 -1.49 -14.58 -19.96
N ILE B 359 -0.88 -14.50 -18.77
CA ILE B 359 -0.69 -15.70 -17.96
C ILE B 359 -1.92 -16.04 -17.12
N GLY B 360 -2.78 -15.06 -16.86
CA GLY B 360 -4.03 -15.37 -16.17
C GLY B 360 -4.92 -16.30 -16.98
N VAL B 361 -4.87 -16.18 -18.31
CA VAL B 361 -5.63 -17.09 -19.16
C VAL B 361 -5.17 -18.53 -18.95
N TYR B 362 -3.85 -18.75 -18.93
CA TYR B 362 -3.34 -20.09 -18.70
C TYR B 362 -3.62 -20.56 -17.28
N PHE B 363 -3.62 -19.64 -16.30
CA PHE B 363 -3.91 -20.03 -14.93
C PHE B 363 -5.35 -20.50 -14.78
N VAL B 364 -6.31 -19.77 -15.37
CA VAL B 364 -7.70 -20.21 -15.28
C VAL B 364 -7.94 -21.46 -16.14
N VAL B 365 -7.21 -21.59 -17.25
CA VAL B 365 -7.31 -22.81 -18.05
C VAL B 365 -6.83 -24.01 -17.25
N CYS B 366 -5.75 -23.85 -16.49
CA CYS B 366 -5.26 -24.94 -15.65
C CYS B 366 -6.22 -25.21 -14.50
N MET B 367 -6.87 -24.17 -13.98
CA MET B 367 -7.96 -24.36 -13.01
C MET B 367 -9.03 -25.29 -13.58
N ALA B 368 -9.52 -24.97 -14.77
CA ALA B 368 -10.57 -25.77 -15.39
C ALA B 368 -10.08 -27.18 -15.68
N LEU B 369 -8.84 -27.31 -16.13
CA LEU B 369 -8.30 -28.62 -16.45
C LEU B 369 -8.17 -29.50 -15.21
N LEU B 370 -7.73 -28.92 -14.09
CA LEU B 370 -7.61 -29.70 -12.87
C LEU B 370 -8.99 -30.09 -12.33
N VAL B 371 -9.96 -29.19 -12.45
CA VAL B 371 -11.33 -29.55 -12.06
C VAL B 371 -11.86 -30.69 -12.92
N ILE B 372 -11.59 -30.63 -14.23
CA ILE B 372 -12.04 -31.68 -15.14
C ILE B 372 -11.35 -33.00 -14.82
N SER B 373 -10.05 -32.95 -14.46
CA SER B 373 -9.34 -34.16 -14.10
C SER B 373 -9.93 -34.78 -12.83
N LEU B 374 -10.27 -33.96 -11.84
CA LEU B 374 -10.88 -34.51 -10.64
C LEU B 374 -12.26 -35.08 -10.95
N ALA B 375 -13.00 -34.45 -11.87
CA ALA B 375 -14.28 -35.01 -12.28
C ALA B 375 -14.10 -36.36 -12.96
N GLU B 376 -13.04 -36.49 -13.76
CA GLU B 376 -12.71 -37.79 -14.36
C GLU B 376 -12.45 -38.83 -13.29
N THR B 377 -11.70 -38.45 -12.24
CA THR B 377 -11.46 -39.37 -11.14
C THR B 377 -12.77 -39.72 -10.43
N ILE B 378 -13.67 -38.75 -10.29
CA ILE B 378 -14.99 -39.02 -9.73
C ILE B 378 -15.68 -40.11 -10.52
N PHE B 379 -15.68 -39.98 -11.84
CA PHE B 379 -16.32 -40.98 -12.69
C PHE B 379 -15.63 -42.34 -12.54
N ILE B 380 -14.30 -42.35 -12.43
CA ILE B 380 -13.56 -43.61 -12.35
C ILE B 380 -13.83 -44.30 -11.01
N VAL B 381 -13.76 -43.55 -9.91
CA VAL B 381 -13.82 -44.17 -8.59
C VAL B 381 -15.18 -44.84 -8.36
N ARG B 382 -16.27 -44.16 -8.73
CA ARG B 382 -17.59 -44.73 -8.53
C ARG B 382 -17.80 -46.03 -9.30
N LEU B 383 -17.00 -46.26 -10.33
CA LEU B 383 -17.14 -47.48 -11.12
C LEU B 383 -16.64 -48.71 -10.36
N VAL B 384 -15.47 -48.59 -9.73
CA VAL B 384 -14.83 -49.76 -9.14
C VAL B 384 -14.84 -49.75 -7.61
N HIS B 385 -14.95 -48.59 -6.96
CA HIS B 385 -14.95 -48.56 -5.51
C HIS B 385 -16.17 -49.27 -4.94
N LYS B 386 -17.34 -49.08 -5.56
CA LYS B 386 -18.57 -49.73 -5.16
C LYS B 386 -19.19 -50.41 -6.38
N GLN B 387 -20.37 -50.99 -6.17
CA GLN B 387 -21.13 -51.63 -7.24
C GLN B 387 -22.20 -50.72 -7.82
N ASP B 388 -22.16 -49.42 -7.50
CA ASP B 388 -23.18 -48.51 -7.99
C ASP B 388 -23.17 -48.40 -9.51
N LEU B 389 -21.98 -48.27 -10.10
CA LEU B 389 -21.87 -48.11 -11.54
C LEU B 389 -21.66 -49.42 -12.29
N GLN B 390 -21.54 -50.54 -11.58
CA GLN B 390 -21.41 -51.82 -12.25
C GLN B 390 -22.70 -52.21 -12.97
N ARG B 391 -23.84 -51.98 -12.33
CA ARG B 391 -25.13 -52.35 -12.93
C ARG B 391 -25.43 -51.61 -14.23
N PRO B 392 -25.29 -50.29 -14.32
CA PRO B 392 -25.59 -49.61 -15.59
C PRO B 392 -24.59 -49.98 -16.68
N VAL B 393 -25.05 -49.91 -17.92
CA VAL B 393 -24.22 -50.22 -19.08
C VAL B 393 -24.11 -48.96 -19.94
N PRO B 394 -23.06 -48.81 -20.74
CA PRO B 394 -22.94 -47.59 -21.58
C PRO B 394 -24.01 -47.50 -22.64
N ASP B 395 -24.92 -46.54 -22.50
CA ASP B 395 -26.01 -46.35 -23.45
C ASP B 395 -25.62 -45.47 -24.63
N TRP B 396 -24.55 -44.70 -24.51
CA TRP B 396 -24.08 -43.87 -25.61
C TRP B 396 -23.16 -44.61 -26.57
N LEU B 397 -22.83 -45.88 -26.27
CA LEU B 397 -22.02 -46.73 -27.12
C LEU B 397 -20.61 -46.20 -27.30
N ARG B 398 -19.78 -46.92 -28.06
CA ARG B 398 -18.38 -46.60 -28.23
C ARG B 398 -18.10 -45.76 -29.47
N HIS B 399 -19.15 -45.32 -30.19
CA HIS B 399 -18.93 -44.56 -31.42
C HIS B 399 -18.14 -43.28 -31.15
N LEU B 400 -18.54 -42.52 -30.13
CA LEU B 400 -17.77 -41.36 -29.74
C LEU B 400 -16.37 -41.75 -29.26
N VAL B 401 -16.28 -42.84 -28.49
CA VAL B 401 -14.98 -43.32 -28.02
C VAL B 401 -14.14 -43.82 -29.20
N LEU B 402 -14.78 -44.46 -30.18
CA LEU B 402 -14.05 -44.88 -31.38
C LEU B 402 -13.50 -43.69 -32.14
N ASP B 403 -14.32 -42.65 -32.31
CA ASP B 403 -13.83 -41.44 -32.98
C ASP B 403 -12.71 -40.79 -32.18
N ARG B 404 -12.79 -40.83 -30.85
CA ARG B 404 -11.73 -40.25 -30.03
C ARG B 404 -10.42 -41.02 -30.18
N ILE B 405 -10.48 -42.36 -30.10
CA ILE B 405 -9.26 -43.15 -30.21
C ILE B 405 -8.67 -43.04 -31.61
N ALA B 406 -9.53 -42.88 -32.63
CA ALA B 406 -9.01 -42.59 -33.96
C ALA B 406 -8.36 -41.21 -34.01
N TRP B 407 -8.92 -40.25 -33.27
CA TRP B 407 -8.40 -38.88 -33.27
C TRP B 407 -7.10 -38.79 -32.49
N ILE B 408 -7.03 -39.43 -31.31
CA ILE B 408 -5.82 -39.36 -30.50
C ILE B 408 -4.66 -40.06 -31.18
N LEU B 409 -4.91 -41.24 -31.76
CA LEU B 409 -3.86 -42.01 -32.41
C LEU B 409 -3.34 -41.29 -33.65
N VAL B 498 -19.38 -55.84 -18.28
CA VAL B 498 -19.46 -54.46 -18.83
C VAL B 498 -18.28 -53.61 -18.36
N ALA B 499 -17.84 -53.78 -17.11
CA ALA B 499 -16.75 -52.94 -16.53
C ALA B 499 -15.70 -52.63 -17.61
N ARG B 500 -15.13 -53.65 -18.24
CA ARG B 500 -14.07 -53.46 -19.24
C ARG B 500 -14.38 -52.26 -20.13
N ASP B 501 -15.64 -52.10 -20.55
CA ASP B 501 -16.01 -50.97 -21.40
C ASP B 501 -15.83 -49.66 -20.65
N TRP B 502 -16.26 -49.62 -19.38
CA TRP B 502 -16.11 -48.40 -18.60
C TRP B 502 -14.64 -48.09 -18.35
N LEU B 503 -13.82 -49.12 -18.12
CA LEU B 503 -12.39 -48.90 -17.94
C LEU B 503 -11.74 -48.39 -19.23
N ARG B 504 -12.18 -48.90 -20.38
CA ARG B 504 -11.67 -48.39 -21.65
C ARG B 504 -12.06 -46.93 -21.86
N VAL B 505 -13.29 -46.58 -21.49
CA VAL B 505 -13.72 -45.18 -21.57
C VAL B 505 -12.86 -44.31 -20.66
N GLY B 506 -12.60 -44.78 -19.45
CA GLY B 506 -11.73 -44.04 -18.55
C GLY B 506 -10.33 -43.87 -19.11
N TYR B 507 -9.80 -44.94 -19.74
CA TYR B 507 -8.47 -44.87 -20.33
C TYR B 507 -8.40 -43.85 -21.46
N VAL B 508 -9.39 -43.86 -22.35
CA VAL B 508 -9.36 -42.92 -23.48
C VAL B 508 -9.55 -41.48 -22.98
N LEU B 509 -10.41 -41.28 -21.98
CA LEU B 509 -10.55 -39.93 -21.42
C LEU B 509 -9.27 -39.48 -20.73
N ASP B 510 -8.60 -40.39 -20.02
CA ASP B 510 -7.33 -40.03 -19.39
C ASP B 510 -6.28 -39.67 -20.42
N ARG B 511 -6.23 -40.42 -21.53
CA ARG B 511 -5.29 -40.10 -22.60
C ARG B 511 -5.61 -38.74 -23.22
N LEU B 512 -6.90 -38.45 -23.42
CA LEU B 512 -7.30 -37.16 -23.96
C LEU B 512 -6.87 -36.03 -23.03
N LEU B 513 -7.09 -36.20 -21.72
CA LEU B 513 -6.65 -35.17 -20.77
C LEU B 513 -5.13 -35.05 -20.74
N PHE B 514 -4.41 -36.16 -20.92
CA PHE B 514 -2.96 -36.07 -21.02
C PHE B 514 -2.53 -35.23 -22.21
N ARG B 515 -3.18 -35.45 -23.35
CA ARG B 515 -2.89 -34.62 -24.53
C ARG B 515 -3.21 -33.16 -24.26
N ILE B 516 -4.33 -32.90 -23.57
CA ILE B 516 -4.73 -31.50 -23.33
C ILE B 516 -3.75 -30.83 -22.38
N TYR B 517 -3.33 -31.51 -21.32
CA TYR B 517 -2.32 -30.95 -20.42
C TYR B 517 -1.01 -30.71 -21.14
N LEU B 518 -0.57 -31.65 -21.98
CA LEU B 518 0.68 -31.45 -22.70
C LEU B 518 0.59 -30.24 -23.62
N LEU B 519 -0.53 -30.10 -24.33
CA LEU B 519 -0.71 -28.94 -25.21
C LEU B 519 -0.75 -27.64 -24.42
N ALA B 520 -1.44 -27.64 -23.28
CA ALA B 520 -1.54 -26.42 -22.48
C ALA B 520 -0.19 -26.00 -21.93
N VAL B 521 0.60 -26.96 -21.44
CA VAL B 521 1.91 -26.62 -20.89
C VAL B 521 2.87 -26.20 -21.99
N LEU B 522 2.80 -26.85 -23.16
CA LEU B 522 3.61 -26.41 -24.29
C LEU B 522 3.25 -24.99 -24.68
N ALA B 523 1.96 -24.67 -24.73
CA ALA B 523 1.54 -23.31 -25.06
C ALA B 523 1.99 -22.31 -24.02
N TYR B 524 1.94 -22.70 -22.74
CA TYR B 524 2.41 -21.81 -21.67
C TYR B 524 3.90 -21.53 -21.81
N SER B 525 4.70 -22.56 -22.09
CA SER B 525 6.13 -22.36 -22.25
C SER B 525 6.43 -21.49 -23.47
N ILE B 526 5.75 -21.73 -24.58
CA ILE B 526 5.97 -20.91 -25.77
C ILE B 526 5.56 -19.47 -25.51
N THR B 527 4.46 -19.27 -24.78
CA THR B 527 4.04 -17.91 -24.44
C THR B 527 5.06 -17.21 -23.58
N LEU B 528 5.61 -17.91 -22.57
CA LEU B 528 6.61 -17.28 -21.71
C LEU B 528 7.87 -16.93 -22.51
N VAL B 529 8.31 -17.83 -23.40
CA VAL B 529 9.48 -17.55 -24.21
C VAL B 529 9.23 -16.36 -25.12
N THR B 530 8.05 -16.29 -25.74
CA THR B 530 7.74 -15.16 -26.62
C THR B 530 7.69 -13.85 -25.85
N LEU B 531 7.07 -13.86 -24.66
CA LEU B 531 7.01 -12.65 -23.84
C LEU B 531 8.41 -12.19 -23.45
N TRP B 532 9.27 -13.13 -23.04
CA TRP B 532 10.62 -12.75 -22.66
C TRP B 532 11.41 -12.23 -23.85
N SER B 533 11.22 -12.83 -25.03
CA SER B 533 11.92 -12.37 -26.22
C SER B 533 11.47 -10.96 -26.62
N ILE B 534 10.18 -10.68 -26.50
CA ILE B 534 9.68 -9.34 -26.78
C ILE B 534 10.25 -8.35 -25.77
N TRP B 535 10.27 -8.73 -24.49
CA TRP B 535 10.73 -7.84 -23.44
C TRP B 535 12.22 -7.53 -23.59
N HIS B 536 13.02 -8.53 -23.94
CA HIS B 536 14.46 -8.33 -24.03
C HIS B 536 14.85 -7.54 -25.28
N SER B 537 14.18 -7.81 -26.41
CA SER B 537 14.55 -7.15 -27.65
C SER B 537 14.34 -5.65 -27.57
N SER B 538 13.23 -5.22 -26.97
CA SER B 538 12.91 -3.80 -26.89
C SER B 538 12.84 -3.34 -25.44
N THR C 84 1.21 50.39 23.59
CA THR C 84 2.62 50.21 23.26
C THR C 84 3.49 50.17 24.51
N GLN C 85 2.84 50.15 25.68
CA GLN C 85 3.57 50.08 26.94
C GLN C 85 4.41 48.81 27.06
N PRO C 86 3.90 47.60 26.75
CA PRO C 86 4.79 46.44 26.72
C PRO C 86 5.90 46.58 25.70
N ALA C 87 5.66 47.30 24.61
CA ALA C 87 6.64 47.63 23.58
C ALA C 87 7.18 46.41 22.85
N LEU C 88 6.57 45.23 23.01
CA LEU C 88 6.91 44.10 22.17
C LEU C 88 6.55 44.37 20.72
N LEU C 89 5.41 45.02 20.50
CA LEU C 89 5.05 45.46 19.16
C LEU C 89 6.07 46.45 18.62
N ARG C 90 6.54 47.37 19.47
CA ARG C 90 7.57 48.31 19.04
C ARG C 90 8.85 47.59 18.65
N LEU C 91 9.28 46.61 19.44
CA LEU C 91 10.50 45.87 19.14
C LEU C 91 10.37 45.11 17.84
N SER C 92 9.23 44.43 17.65
CA SER C 92 9.03 43.65 16.43
C SER C 92 8.97 44.55 15.21
N ASP C 93 8.28 45.69 15.30
CA ASP C 93 8.19 46.59 14.17
C ASP C 93 9.50 47.34 13.91
N HIS C 94 10.35 47.48 14.93
CA HIS C 94 11.67 48.06 14.70
C HIS C 94 12.58 47.07 14.00
N LEU C 95 12.51 45.79 14.39
CA LEU C 95 13.32 44.78 13.71
C LEU C 95 12.84 44.54 12.28
N LEU C 96 11.52 44.60 12.05
CA LEU C 96 10.95 44.32 10.74
C LEU C 96 10.43 45.60 10.06
N ALA C 97 11.14 46.71 10.25
CA ALA C 97 10.75 47.96 9.61
C ALA C 97 11.25 48.02 8.17
N ASN C 98 12.57 48.00 7.98
CA ASN C 98 13.18 48.03 6.65
C ASN C 98 13.67 46.67 6.22
N TYR C 99 13.31 45.61 6.94
CA TYR C 99 13.80 44.27 6.64
C TYR C 99 13.11 43.70 5.41
N LYS C 100 13.91 43.17 4.48
CA LYS C 100 13.40 42.50 3.29
C LYS C 100 13.63 41.00 3.43
N LYS C 101 12.57 40.22 3.25
CA LYS C 101 12.67 38.78 3.45
C LYS C 101 13.51 38.12 2.37
N GLY C 102 13.40 38.60 1.12
CA GLY C 102 14.01 37.90 0.01
C GLY C 102 15.50 38.05 -0.14
N VAL C 103 16.09 39.07 0.48
CA VAL C 103 17.50 39.36 0.33
C VAL C 103 18.29 38.55 1.36
N ARG C 104 19.40 37.97 0.92
CA ARG C 104 20.25 37.22 1.84
C ARG C 104 20.86 38.16 2.86
N PRO C 105 20.83 37.81 4.15
CA PRO C 105 21.32 38.72 5.21
C PRO C 105 22.84 38.68 5.41
N VAL C 106 23.55 39.37 4.52
CA VAL C 106 24.99 39.54 4.61
C VAL C 106 25.33 40.99 4.29
N ARG C 107 26.21 41.59 5.11
CA ARG C 107 26.65 42.94 4.83
C ARG C 107 27.48 43.00 3.56
N ASP C 108 28.33 42.00 3.32
CA ASP C 108 29.11 41.89 2.11
C ASP C 108 28.62 40.68 1.33
N TRP C 109 28.25 40.89 0.07
CA TRP C 109 27.64 39.83 -0.72
C TRP C 109 28.62 38.73 -1.07
N ARG C 110 29.92 38.96 -0.94
CA ARG C 110 30.92 37.96 -1.26
C ARG C 110 31.09 36.90 -0.18
N LYS C 111 30.49 37.10 0.99
CA LYS C 111 30.60 36.15 2.09
C LYS C 111 29.39 35.23 2.10
N PRO C 112 29.55 33.92 1.87
CA PRO C 112 28.41 33.02 1.98
C PRO C 112 27.94 32.89 3.42
N THR C 113 26.63 32.68 3.56
CA THR C 113 26.05 32.45 4.88
C THR C 113 26.22 30.99 5.28
N THR C 114 26.61 30.77 6.53
CA THR C 114 26.90 29.43 7.03
C THR C 114 25.72 28.93 7.86
N VAL C 115 25.19 27.78 7.49
CA VAL C 115 24.04 27.18 8.16
C VAL C 115 24.54 26.02 9.01
N SER C 116 24.12 25.99 10.26
CA SER C 116 24.45 24.90 11.18
C SER C 116 23.27 23.96 11.27
N ILE C 117 23.51 22.68 11.04
CA ILE C 117 22.46 21.67 10.97
C ILE C 117 22.65 20.66 12.09
N ASP C 118 21.57 20.42 12.85
CA ASP C 118 21.51 19.38 13.86
C ASP C 118 20.34 18.47 13.53
N VAL C 119 20.60 17.16 13.50
CA VAL C 119 19.57 16.17 13.18
C VAL C 119 19.57 15.11 14.27
N ILE C 120 18.43 14.96 14.93
CA ILE C 120 18.25 13.97 15.99
C ILE C 120 17.14 13.03 15.58
N MET C 121 17.45 11.74 15.49
CA MET C 121 16.49 10.76 15.01
C MET C 121 15.39 10.51 16.03
N TYR C 122 14.19 10.25 15.52
CA TYR C 122 13.04 9.90 16.35
C TYR C 122 12.52 8.50 16.06
N ALA C 123 12.25 8.18 14.80
CA ALA C 123 11.77 6.85 14.44
C ALA C 123 12.01 6.61 12.95
N ILE C 124 12.00 5.34 12.56
CA ILE C 124 12.14 4.95 11.16
C ILE C 124 10.88 4.19 10.78
N LEU C 125 9.74 4.62 11.34
CA LEU C 125 8.49 3.90 11.15
C LEU C 125 8.11 3.83 9.67
N ASN C 126 7.44 2.73 9.32
CA ASN C 126 6.89 2.51 7.99
C ASN C 126 7.98 2.46 6.91
N VAL C 127 8.90 1.50 7.09
CA VAL C 127 9.85 1.19 6.02
C VAL C 127 9.14 0.58 4.82
N ASP C 128 7.95 0.03 5.03
CA ASP C 128 7.10 -0.59 4.01
C ASP C 128 7.86 -1.30 2.90
N GLU C 129 7.60 -0.94 1.64
CA GLU C 129 8.23 -1.61 0.52
C GLU C 129 9.74 -1.45 0.57
N LYS C 130 10.45 -2.55 0.32
CA LYS C 130 11.90 -2.59 0.36
C LYS C 130 12.55 -2.36 -0.99
N ASN C 131 11.77 -2.11 -2.05
CA ASN C 131 12.38 -1.75 -3.33
C ASN C 131 12.98 -0.36 -3.27
N GLN C 132 12.22 0.61 -2.77
CA GLN C 132 12.67 1.98 -2.57
C GLN C 132 11.94 2.54 -1.35
N VAL C 133 12.12 3.84 -1.11
CA VAL C 133 11.37 4.61 -0.10
C VAL C 133 11.76 4.21 1.31
N LEU C 134 12.01 5.20 2.15
CA LEU C 134 12.29 4.97 3.57
C LEU C 134 11.67 6.11 4.36
N THR C 135 10.67 5.80 5.18
CA THR C 135 9.99 6.81 5.99
C THR C 135 10.67 6.93 7.35
N THR C 136 10.98 8.16 7.74
CA THR C 136 11.67 8.41 9.00
C THR C 136 11.18 9.73 9.58
N TYR C 137 11.38 9.88 10.89
CA TYR C 137 11.03 11.09 11.62
C TYR C 137 12.26 11.59 12.35
N ILE C 138 12.62 12.85 12.11
CA ILE C 138 13.81 13.45 12.71
C ILE C 138 13.42 14.79 13.32
N TRP C 139 14.25 15.24 14.27
CA TRP C 139 14.13 16.56 14.87
C TRP C 139 15.25 17.43 14.31
N TYR C 140 14.88 18.49 13.60
CA TYR C 140 15.81 19.25 12.79
C TYR C 140 15.99 20.65 13.38
N ARG C 141 17.21 21.16 13.31
CA ARG C 141 17.53 22.49 13.79
C ARG C 141 18.39 23.21 12.77
N GLN C 142 18.30 24.54 12.78
CA GLN C 142 19.11 25.39 11.92
C GLN C 142 19.58 26.60 12.71
N TYR C 143 20.85 26.95 12.53
CA TYR C 143 21.45 28.09 13.25
C TYR C 143 22.28 28.88 12.25
N TRP C 144 21.73 30.00 11.79
CA TRP C 144 22.44 30.93 10.94
C TRP C 144 22.33 32.33 11.54
N THR C 145 23.35 33.14 11.28
CA THR C 145 23.44 34.48 11.87
C THR C 145 22.91 35.51 10.87
N ASP C 146 21.88 36.26 11.28
CA ASP C 146 21.35 37.35 10.48
C ASP C 146 22.02 38.65 10.92
N GLU C 147 22.67 39.33 9.97
CA GLU C 147 23.32 40.59 10.27
C GLU C 147 22.35 41.77 10.28
N PHE C 148 21.11 41.56 9.87
CA PHE C 148 20.10 42.63 9.85
C PHE C 148 19.22 42.64 11.09
N LEU C 149 19.45 41.71 12.02
CA LEU C 149 18.70 41.63 13.27
C LEU C 149 19.64 41.68 14.47
N GLN C 150 20.61 42.58 14.43
CA GLN C 150 21.65 42.69 15.46
C GLN C 150 21.35 43.80 16.45
N TRP C 151 20.08 43.97 16.81
CA TRP C 151 19.68 45.05 17.69
C TRP C 151 20.40 44.96 19.04
N THR C 152 20.95 46.07 19.48
CA THR C 152 21.72 46.10 20.72
C THR C 152 20.79 46.28 21.91
N PRO C 153 20.96 45.52 22.99
CA PRO C 153 20.15 45.73 24.20
C PRO C 153 20.55 46.97 24.97
N GLU C 154 19.97 47.15 26.16
CA GLU C 154 20.20 48.22 27.13
C GLU C 154 19.51 49.53 26.74
N ASP C 155 18.88 49.60 25.56
CA ASP C 155 18.03 50.72 25.20
C ASP C 155 16.61 50.31 24.86
N PHE C 156 16.38 49.03 24.56
CA PHE C 156 15.05 48.49 24.33
C PHE C 156 14.48 48.02 25.67
N ASP C 157 13.44 47.18 25.62
CA ASP C 157 12.77 46.68 26.82
C ASP C 157 13.70 45.84 27.70
N ASN C 158 14.97 45.74 27.31
CA ASN C 158 16.01 45.02 28.04
C ASN C 158 15.83 43.52 27.98
N VAL C 159 15.19 43.01 26.92
CA VAL C 159 15.08 41.57 26.73
C VAL C 159 16.31 41.04 26.02
N THR C 160 16.51 39.73 26.10
CA THR C 160 17.61 39.07 25.42
C THR C 160 17.14 38.00 24.45
N LYS C 161 15.83 37.89 24.23
CA LYS C 161 15.28 36.82 23.42
C LYS C 161 13.95 37.28 22.84
N LEU C 162 13.82 37.19 21.51
CA LEU C 162 12.61 37.59 20.82
C LEU C 162 12.21 36.51 19.83
N SER C 163 10.90 36.29 19.71
CA SER C 163 10.35 35.29 18.81
C SER C 163 9.50 35.99 17.75
N ILE C 164 9.84 35.75 16.49
CA ILE C 164 9.13 36.37 15.37
C ILE C 164 8.85 35.32 14.31
N PRO C 165 7.75 35.48 13.57
CA PRO C 165 7.31 34.43 12.64
C PRO C 165 8.34 34.13 11.57
N THR C 166 8.36 32.86 11.15
CA THR C 166 9.29 32.42 10.11
C THR C 166 9.01 33.12 8.78
N ASP C 167 7.77 33.56 8.57
CA ASP C 167 7.38 34.23 7.33
C ASP C 167 7.85 35.66 7.25
N SER C 168 8.77 36.10 8.12
CA SER C 168 9.26 37.47 8.10
C SER C 168 10.76 37.57 7.94
N ILE C 169 11.49 36.46 7.90
CA ILE C 169 12.95 36.48 7.79
C ILE C 169 13.39 35.55 6.68
N TRP C 170 14.63 35.75 6.24
CA TRP C 170 15.22 34.89 5.22
C TRP C 170 15.56 33.53 5.81
N VAL C 171 15.17 32.47 5.11
CA VAL C 171 15.38 31.10 5.55
C VAL C 171 16.16 30.38 4.47
N PRO C 172 17.26 29.70 4.80
CA PRO C 172 18.05 29.02 3.76
C PRO C 172 17.26 27.90 3.09
N ASP C 173 17.58 27.66 1.83
CA ASP C 173 16.89 26.67 1.01
C ASP C 173 17.48 25.27 1.18
N ILE C 174 17.59 24.81 2.42
CA ILE C 174 18.15 23.49 2.69
C ILE C 174 17.10 22.42 2.38
N LEU C 175 17.49 21.43 1.57
CA LEU C 175 16.57 20.40 1.15
C LEU C 175 17.32 19.09 0.99
N ILE C 176 16.58 17.99 0.91
CA ILE C 176 17.13 16.65 0.77
C ILE C 176 17.11 16.27 -0.71
N ASN C 177 18.22 15.69 -1.18
CA ASN C 177 18.24 15.20 -2.56
C ASN C 177 17.23 14.10 -2.78
N GLU C 178 17.10 13.18 -1.82
CA GLU C 178 16.16 12.07 -1.90
C GLU C 178 14.79 12.43 -1.37
N PHE C 179 14.44 13.72 -1.38
CA PHE C 179 13.24 14.19 -0.71
C PHE C 179 12.02 13.79 -1.51
N VAL C 180 11.70 12.49 -1.51
CA VAL C 180 10.63 11.96 -2.34
C VAL C 180 9.29 12.57 -1.94
N ASP C 181 9.00 12.60 -0.65
CA ASP C 181 7.74 13.09 -0.14
C ASP C 181 7.99 14.08 0.99
N VAL C 182 7.23 15.18 0.99
CA VAL C 182 7.31 16.12 2.10
C VAL C 182 6.64 15.55 3.34
N GLY C 183 5.82 14.52 3.19
CA GLY C 183 5.11 13.97 4.32
C GLY C 183 4.04 14.92 4.81
N LYS C 184 3.60 14.66 6.04
CA LYS C 184 2.62 15.50 6.72
C LYS C 184 3.23 15.92 8.05
N SER C 185 3.72 17.15 8.11
CA SER C 185 4.33 17.69 9.31
C SER C 185 3.75 19.06 9.62
N PRO C 186 3.64 19.41 10.90
CA PRO C 186 3.09 20.73 11.27
C PRO C 186 4.14 21.82 11.06
N ASN C 187 3.87 22.70 10.09
CA ASN C 187 4.76 23.83 9.81
C ASN C 187 4.57 24.86 10.91
N ILE C 188 5.63 25.08 11.70
CA ILE C 188 5.51 25.94 12.88
C ILE C 188 6.14 27.30 12.61
N PRO C 189 5.51 28.38 13.05
CA PRO C 189 6.12 29.71 12.94
C PRO C 189 7.04 30.03 14.10
N TYR C 190 7.45 31.30 14.20
CA TYR C 190 8.14 31.83 15.37
C TYR C 190 9.51 31.22 15.64
N VAL C 191 10.45 31.40 14.72
CA VAL C 191 11.85 31.09 15.01
C VAL C 191 12.39 32.10 16.00
N TYR C 192 13.10 31.61 17.02
CA TYR C 192 13.79 32.51 17.95
C TYR C 192 14.83 33.35 17.23
N VAL C 193 14.92 34.61 17.64
CA VAL C 193 15.96 35.53 17.17
C VAL C 193 16.64 36.12 18.40
N HIS C 194 17.93 35.85 18.54
CA HIS C 194 18.68 36.36 19.67
C HIS C 194 19.02 37.84 19.48
N HIS C 195 19.42 38.47 20.58
CA HIS C 195 19.83 39.88 20.55
C HIS C 195 21.16 40.08 19.82
N ARG C 196 21.89 39.02 19.51
CA ARG C 196 23.03 39.06 18.60
C ARG C 196 22.69 38.59 17.20
N GLY C 197 21.42 38.35 16.91
CA GLY C 197 20.99 38.01 15.57
C GLY C 197 20.90 36.53 15.26
N GLU C 198 21.38 35.67 16.15
CA GLU C 198 21.32 34.23 15.91
C GLU C 198 19.87 33.77 15.82
N VAL C 199 19.57 32.94 14.82
CA VAL C 199 18.22 32.47 14.56
C VAL C 199 18.19 30.96 14.77
N GLN C 200 17.24 30.50 15.59
CA GLN C 200 17.05 29.09 15.87
C GLN C 200 15.75 28.63 15.22
N ASN C 201 15.82 27.55 14.46
CA ASN C 201 14.74 27.10 13.60
C ASN C 201 14.37 25.65 13.87
N TYR C 202 14.13 25.33 15.15
CA TYR C 202 13.68 23.99 15.51
C TYR C 202 12.45 23.59 14.71
N LYS C 203 12.48 22.40 14.14
CA LYS C 203 11.39 21.94 13.29
C LYS C 203 11.44 20.43 13.10
N PRO C 204 10.32 19.73 13.30
CA PRO C 204 10.29 18.30 13.00
C PRO C 204 10.11 18.04 11.52
N LEU C 205 10.63 16.90 11.06
CA LEU C 205 10.57 16.51 9.66
C LEU C 205 10.15 15.05 9.56
N GLN C 206 8.96 14.81 9.03
CA GLN C 206 8.49 13.45 8.75
C GLN C 206 8.91 13.10 7.33
N LEU C 207 10.14 12.61 7.20
CA LEU C 207 10.75 12.44 5.90
C LEU C 207 10.35 11.12 5.25
N VAL C 208 10.41 11.12 3.91
CA VAL C 208 10.29 9.91 3.11
C VAL C 208 11.35 10.02 2.02
N THR C 209 12.36 9.16 2.08
CA THR C 209 13.52 9.25 1.21
C THR C 209 13.73 7.94 0.47
N ALA C 210 14.32 8.03 -0.71
CA ALA C 210 14.65 6.87 -1.53
C ALA C 210 16.12 6.53 -1.36
N CYS C 211 16.40 5.29 -0.98
CA CYS C 211 17.75 4.84 -0.70
C CYS C 211 17.92 3.42 -1.21
N SER C 212 19.11 2.87 -0.99
CA SER C 212 19.45 1.52 -1.44
C SER C 212 19.06 0.53 -0.35
N LEU C 213 18.17 -0.41 -0.69
CA LEU C 213 17.71 -1.43 0.24
C LEU C 213 18.08 -2.80 -0.33
N ASP C 214 19.10 -3.43 0.26
CA ASP C 214 19.58 -4.73 -0.18
C ASP C 214 18.93 -5.81 0.69
N ILE C 215 18.03 -6.58 0.11
CA ILE C 215 17.32 -7.63 0.83
C ILE C 215 17.90 -9.02 0.53
N TYR C 216 19.16 -9.08 0.10
CA TYR C 216 19.78 -10.37 -0.17
C TYR C 216 20.00 -11.18 1.09
N ASN C 217 20.14 -10.52 2.23
CA ASN C 217 20.38 -11.19 3.51
C ASN C 217 19.15 -11.26 4.39
N PHE C 218 17.96 -11.09 3.81
CA PHE C 218 16.74 -11.15 4.57
C PHE C 218 16.60 -12.53 5.24
N PRO C 219 16.13 -12.59 6.49
CA PRO C 219 15.71 -11.48 7.37
C PRO C 219 16.84 -10.79 8.11
N PHE C 220 18.03 -11.40 8.11
CA PHE C 220 19.17 -10.84 8.84
C PHE C 220 19.75 -9.70 8.03
N ASP C 221 19.05 -8.56 8.08
CA ASP C 221 19.28 -7.45 7.16
C ASP C 221 19.84 -6.24 7.91
N VAL C 222 20.84 -5.60 7.30
CA VAL C 222 21.38 -4.34 7.77
C VAL C 222 21.44 -3.40 6.57
N GLN C 223 20.77 -2.26 6.67
CA GLN C 223 20.66 -1.32 5.57
C GLN C 223 21.44 -0.04 5.86
N ASN C 224 21.86 0.63 4.80
CA ASN C 224 22.65 1.86 4.88
C ASN C 224 21.98 2.88 3.96
N CYS C 225 21.13 3.74 4.54
CA CYS C 225 20.40 4.74 3.79
C CYS C 225 20.91 6.13 4.13
N SER C 226 20.91 7.00 3.13
CA SER C 226 21.49 8.33 3.24
C SER C 226 20.39 9.38 3.39
N LEU C 227 20.56 10.27 4.37
CA LEU C 227 19.68 11.42 4.57
C LEU C 227 20.52 12.66 4.33
N THR C 228 20.65 13.05 3.07
CA THR C 228 21.51 14.16 2.70
C THR C 228 20.76 15.48 2.77
N PHE C 229 21.48 16.54 3.15
CA PHE C 229 20.93 17.89 3.19
C PHE C 229 21.80 18.81 2.36
N THR C 230 21.16 19.57 1.47
CA THR C 230 21.89 20.48 0.59
C THR C 230 20.97 21.63 0.21
N SER C 231 21.59 22.71 -0.24
CA SER C 231 20.85 23.85 -0.77
C SER C 231 20.36 23.50 -2.16
N TRP C 232 19.04 23.52 -2.36
CA TRP C 232 18.47 23.08 -3.63
C TRP C 232 18.89 23.99 -4.78
N LEU C 233 18.96 25.29 -4.53
CA LEU C 233 19.29 26.26 -5.57
C LEU C 233 20.47 27.14 -5.23
N HIS C 234 20.72 27.45 -3.96
CA HIS C 234 21.89 28.22 -3.60
C HIS C 234 23.15 27.38 -3.72
N THR C 235 24.23 28.01 -4.19
CA THR C 235 25.50 27.33 -4.39
C THR C 235 26.39 27.51 -3.16
N ILE C 236 27.67 27.14 -3.27
CA ILE C 236 28.60 27.26 -2.15
C ILE C 236 28.82 28.72 -1.79
N GLN C 237 29.04 29.57 -2.79
CA GLN C 237 29.22 30.99 -2.51
C GLN C 237 27.91 31.69 -2.15
N ASP C 238 26.82 30.96 -1.98
CA ASP C 238 25.56 31.51 -1.52
C ASP C 238 25.14 30.95 -0.18
N ILE C 239 25.24 29.64 0.01
CA ILE C 239 24.88 28.98 1.27
C ILE C 239 25.89 27.87 1.53
N ASN C 240 26.40 27.81 2.76
CA ASN C 240 27.33 26.77 3.18
C ASN C 240 26.73 26.00 4.36
N ILE C 241 27.07 24.72 4.44
CA ILE C 241 26.49 23.80 5.40
C ILE C 241 27.57 23.31 6.36
N THR C 242 27.30 23.40 7.66
CA THR C 242 28.20 22.87 8.67
C THR C 242 27.41 22.06 9.69
N LEU C 243 28.06 21.67 10.79
CA LEU C 243 27.43 20.91 11.85
C LEU C 243 27.47 21.71 13.15
N TRP C 244 26.37 21.69 13.89
CA TRP C 244 26.33 22.38 15.18
C TRP C 244 27.12 21.64 16.24
N ARG C 245 27.32 20.34 16.08
CA ARG C 245 28.11 19.54 17.00
C ARG C 245 29.02 18.62 16.19
N SER C 246 30.12 18.21 16.82
CA SER C 246 31.12 17.42 16.12
C SER C 246 30.54 16.07 15.70
N PRO C 247 31.07 15.46 14.62
CA PRO C 247 30.49 14.20 14.15
C PRO C 247 30.49 13.08 15.18
N GLU C 248 31.52 13.02 16.03
CA GLU C 248 31.56 11.98 17.04
C GLU C 248 30.42 12.12 18.04
N GLU C 249 29.91 13.34 18.24
CA GLU C 249 28.71 13.50 19.06
C GLU C 249 27.47 13.05 18.30
N VAL C 250 27.41 13.32 17.00
CA VAL C 250 26.24 12.94 16.21
C VAL C 250 26.10 11.43 16.16
N ARG C 251 27.23 10.72 16.06
CA ARG C 251 27.18 9.27 15.90
C ARG C 251 26.54 8.58 17.09
N SER C 252 26.84 9.04 18.31
CA SER C 252 26.44 8.33 19.51
C SER C 252 25.56 9.16 20.43
N ASP C 253 24.55 9.84 19.86
CA ASP C 253 23.59 10.61 20.65
C ASP C 253 22.17 10.23 20.27
N LYS C 254 21.90 8.93 20.19
CA LYS C 254 20.55 8.43 19.96
C LYS C 254 19.80 8.36 21.29
N SER C 255 19.55 9.54 21.85
CA SER C 255 18.96 9.62 23.18
C SER C 255 17.44 9.52 23.14
N ILE C 256 16.79 10.44 22.42
CA ILE C 256 15.33 10.46 22.38
C ILE C 256 14.74 9.38 21.49
N PHE C 257 15.57 8.67 20.73
CA PHE C 257 15.07 7.67 19.80
C PHE C 257 14.29 6.58 20.53
N ILE C 258 13.10 6.27 20.03
CA ILE C 258 12.29 5.21 20.61
C ILE C 258 12.70 3.87 20.01
N ASN C 259 13.03 2.93 20.86
CA ASN C 259 13.56 1.63 20.42
C ASN C 259 12.42 0.60 20.33
N GLN C 260 11.48 0.88 19.44
CA GLN C 260 10.35 0.01 19.14
C GLN C 260 10.36 -0.34 17.65
N GLY C 261 9.40 -1.17 17.26
CA GLY C 261 9.25 -1.54 15.87
C GLY C 261 10.21 -2.64 15.45
N GLU C 262 10.11 -3.00 14.18
CA GLU C 262 10.94 -4.07 13.63
C GLU C 262 12.37 -3.63 13.34
N TRP C 263 12.63 -2.33 13.25
CA TRP C 263 13.92 -1.80 12.86
C TRP C 263 14.55 -1.03 14.01
N GLU C 264 15.86 -1.23 14.20
CA GLU C 264 16.63 -0.56 15.24
C GLU C 264 17.74 0.26 14.62
N LEU C 265 17.81 1.54 14.98
CA LEU C 265 18.87 2.41 14.48
C LEU C 265 20.18 2.11 15.17
N LEU C 266 21.24 1.93 14.38
CA LEU C 266 22.57 1.66 14.92
C LEU C 266 23.47 2.88 14.92
N GLU C 267 23.55 3.59 13.79
CA GLU C 267 24.55 4.64 13.63
C GLU C 267 24.02 5.71 12.69
N VAL C 268 24.46 6.94 12.93
CA VAL C 268 24.23 8.07 12.04
C VAL C 268 25.60 8.69 11.75
N PHE C 269 26.02 8.64 10.50
CA PHE C 269 27.36 9.07 10.12
C PHE C 269 27.31 10.31 9.27
N PRO C 270 27.77 11.46 9.75
CA PRO C 270 27.76 12.68 8.92
C PRO C 270 29.02 12.83 8.07
N GLN C 271 28.84 13.05 6.77
CA GLN C 271 29.96 13.27 5.85
C GLN C 271 29.64 14.49 4.98
N PHE C 272 30.69 15.15 4.52
CA PHE C 272 30.58 16.41 3.78
C PHE C 272 31.22 16.25 2.40
N LYS C 273 30.41 15.84 1.42
CA LYS C 273 30.84 15.71 0.04
C LYS C 273 30.11 16.74 -0.83
N GLU C 274 30.86 17.44 -1.67
CA GLU C 274 30.28 18.45 -2.54
C GLU C 274 29.45 17.80 -3.65
N PHE C 275 28.58 18.59 -4.25
CA PHE C 275 27.67 18.12 -5.29
C PHE C 275 27.85 18.97 -6.55
N SER C 276 27.97 18.29 -7.69
CA SER C 276 28.07 18.97 -8.99
C SER C 276 27.72 17.96 -10.06
N ILE C 277 26.63 18.21 -10.79
CA ILE C 277 26.09 17.23 -11.73
C ILE C 277 26.45 17.57 -13.17
N ASP C 278 26.23 18.81 -13.61
CA ASP C 278 26.40 19.17 -15.00
C ASP C 278 27.49 20.21 -15.23
N ILE C 279 27.41 21.36 -14.55
CA ILE C 279 28.32 22.47 -14.83
C ILE C 279 29.05 22.81 -13.54
N SER C 280 29.93 23.82 -13.60
CA SER C 280 30.90 24.09 -12.54
C SER C 280 30.36 24.99 -11.43
N ASN C 281 29.05 24.99 -11.21
CA ASN C 281 28.46 25.70 -10.06
C ASN C 281 28.51 24.75 -8.87
N SER C 282 29.50 24.93 -8.00
CA SER C 282 29.71 24.01 -6.90
C SER C 282 28.61 24.17 -5.85
N TYR C 283 28.03 23.05 -5.45
CA TYR C 283 27.02 23.02 -4.39
C TYR C 283 27.62 22.52 -3.09
N ALA C 284 26.91 22.76 -1.99
CA ALA C 284 27.31 22.30 -0.68
C ALA C 284 26.32 21.23 -0.23
N GLU C 285 26.83 20.03 0.05
CA GLU C 285 26.01 18.89 0.40
C GLU C 285 26.60 18.17 1.61
N MET C 286 25.74 17.75 2.53
CA MET C 286 26.15 17.02 3.72
C MET C 286 25.37 15.72 3.80
N LYS C 287 26.09 14.62 3.99
CA LYS C 287 25.52 13.27 3.99
C LYS C 287 25.36 12.77 5.41
N PHE C 288 24.17 12.29 5.75
CA PHE C 288 23.92 11.62 7.02
C PHE C 288 23.64 10.15 6.72
N TYR C 289 24.64 9.30 6.92
CA TYR C 289 24.51 7.87 6.63
C TYR C 289 23.80 7.21 7.80
N VAL C 290 22.53 6.87 7.62
CA VAL C 290 21.72 6.27 8.67
C VAL C 290 21.88 4.75 8.55
N ILE C 291 22.75 4.18 9.38
CA ILE C 291 22.91 2.73 9.42
C ILE C 291 21.81 2.16 10.30
N ILE C 292 21.06 1.20 9.75
CA ILE C 292 19.89 0.65 10.42
C ILE C 292 19.99 -0.87 10.41
N ARG C 293 19.28 -1.48 11.36
CA ARG C 293 19.30 -2.93 11.53
C ARG C 293 17.87 -3.43 11.73
N ARG C 294 17.65 -4.69 11.38
CA ARG C 294 16.33 -5.31 11.49
C ARG C 294 16.36 -6.39 12.56
N ARG C 295 15.26 -6.49 13.31
CA ARG C 295 15.11 -7.54 14.31
C ARG C 295 14.40 -8.72 13.66
N PRO C 296 15.07 -9.86 13.46
CA PRO C 296 14.44 -10.99 12.76
C PRO C 296 13.73 -11.99 13.65
N LEU C 297 13.49 -11.68 14.92
CA LEU C 297 12.90 -12.65 15.84
C LEU C 297 11.53 -13.11 15.35
N PHE C 298 10.64 -12.17 15.04
CA PHE C 298 9.33 -12.53 14.52
C PHE C 298 9.45 -13.26 13.19
N TYR C 299 10.31 -12.76 12.29
CA TYR C 299 10.47 -13.42 11.01
C TYR C 299 11.07 -14.81 11.17
N ALA C 300 12.04 -14.96 12.08
CA ALA C 300 12.60 -16.28 12.33
C ALA C 300 11.53 -17.26 12.80
N VAL C 301 10.75 -16.85 13.80
CA VAL C 301 9.71 -17.74 14.34
C VAL C 301 8.68 -18.07 13.28
N SER C 302 8.26 -17.08 12.49
CA SER C 302 7.16 -17.27 11.56
C SER C 302 7.56 -18.06 10.32
N LEU C 303 8.77 -17.84 9.80
CA LEU C 303 9.17 -18.39 8.51
C LEU C 303 10.33 -19.36 8.60
N LEU C 304 11.32 -19.10 9.45
CA LEU C 304 12.49 -19.96 9.50
C LEU C 304 12.17 -21.31 10.13
N LEU C 305 11.70 -21.30 11.38
CA LEU C 305 11.43 -22.56 12.08
C LEU C 305 10.53 -23.51 11.31
N PRO C 306 9.43 -23.08 10.69
CA PRO C 306 8.70 -24.01 9.80
C PRO C 306 9.56 -24.52 8.65
N SER C 307 10.44 -23.69 8.11
CA SER C 307 11.28 -24.13 6.98
C SER C 307 12.19 -25.27 7.39
N ILE C 308 12.88 -25.14 8.53
CA ILE C 308 13.71 -26.24 9.02
C ILE C 308 12.87 -27.46 9.32
N PHE C 309 11.62 -27.27 9.77
CA PHE C 309 10.75 -28.42 9.98
C PHE C 309 10.47 -29.15 8.68
N LEU C 310 10.24 -28.41 7.59
CA LEU C 310 10.05 -29.08 6.30
C LEU C 310 11.34 -29.73 5.82
N MET C 311 12.50 -29.13 6.10
CA MET C 311 13.77 -29.78 5.75
C MET C 311 13.91 -31.12 6.47
N VAL C 312 13.62 -31.14 7.78
CA VAL C 312 13.81 -32.37 8.54
C VAL C 312 12.72 -33.39 8.18
N VAL C 313 11.57 -32.93 7.72
CA VAL C 313 10.55 -33.85 7.21
C VAL C 313 11.01 -34.46 5.88
N ASP C 314 11.63 -33.65 5.03
CA ASP C 314 12.16 -34.17 3.76
C ASP C 314 13.30 -35.15 3.99
N ILE C 315 14.16 -34.88 4.98
CA ILE C 315 15.32 -35.73 5.20
C ILE C 315 14.89 -37.15 5.54
N VAL C 316 13.87 -37.30 6.39
CA VAL C 316 13.35 -38.64 6.66
C VAL C 316 12.48 -39.10 5.50
N GLY C 317 11.85 -38.18 4.77
CA GLY C 317 10.94 -38.57 3.71
C GLY C 317 11.62 -39.26 2.54
N PHE C 318 12.83 -38.83 2.22
CA PHE C 318 13.55 -39.46 1.10
C PHE C 318 13.92 -40.90 1.41
N CYS C 319 14.33 -41.18 2.65
CA CYS C 319 14.89 -42.48 2.99
C CYS C 319 13.93 -43.40 3.74
N LEU C 320 13.12 -42.86 4.65
CA LEU C 320 12.31 -43.73 5.50
C LEU C 320 11.15 -44.37 4.73
N PRO C 321 10.29 -43.62 4.04
CA PRO C 321 9.25 -44.27 3.22
C PRO C 321 9.86 -44.91 2.00
N PRO C 322 9.61 -46.19 1.77
CA PRO C 322 10.12 -46.86 0.58
C PRO C 322 9.22 -46.58 -0.62
N ASP C 323 9.66 -47.05 -1.79
CA ASP C 323 8.87 -46.88 -3.00
C ASP C 323 7.61 -47.75 -2.94
N SER C 324 6.69 -47.46 -3.85
CA SER C 324 5.37 -48.12 -3.87
C SER C 324 4.64 -47.92 -2.54
N GLY C 325 4.76 -46.72 -1.97
CA GLY C 325 4.12 -46.37 -0.72
C GLY C 325 3.35 -45.07 -0.84
N GLU C 326 3.46 -44.24 0.19
CA GLU C 326 2.80 -42.95 0.26
C GLU C 326 3.69 -41.81 -0.23
N ARG C 327 4.86 -42.13 -0.78
CA ARG C 327 5.79 -41.08 -1.21
C ARG C 327 5.18 -40.20 -2.30
N VAL C 328 4.27 -40.75 -3.10
CA VAL C 328 3.66 -39.96 -4.17
C VAL C 328 2.92 -38.76 -3.60
N SER C 329 2.16 -38.96 -2.53
CA SER C 329 1.52 -37.84 -1.85
C SER C 329 2.50 -37.05 -1.00
N PHE C 330 3.49 -37.73 -0.41
CA PHE C 330 4.43 -37.06 0.48
C PHE C 330 5.21 -35.97 -0.24
N LYS C 331 5.82 -36.33 -1.37
CA LYS C 331 6.69 -35.38 -2.07
C LYS C 331 5.90 -34.20 -2.59
N ILE C 332 4.70 -34.44 -3.11
CA ILE C 332 3.90 -33.34 -3.64
C ILE C 332 3.41 -32.44 -2.50
N THR C 333 3.08 -33.03 -1.34
CA THR C 333 2.67 -32.20 -0.21
C THR C 333 3.80 -31.29 0.25
N LEU C 334 5.02 -31.84 0.35
CA LEU C 334 6.15 -30.99 0.74
C LEU C 334 6.50 -29.99 -0.34
N LEU C 335 6.30 -30.34 -1.61
CA LEU C 335 6.48 -29.39 -2.70
C LEU C 335 5.49 -28.23 -2.60
N LEU C 336 4.23 -28.53 -2.28
CA LEU C 336 3.26 -27.47 -2.07
C LEU C 336 3.62 -26.62 -0.86
N GLY C 337 4.16 -27.25 0.20
CA GLY C 337 4.64 -26.47 1.33
C GLY C 337 5.76 -25.51 0.95
N TYR C 338 6.69 -25.97 0.12
CA TYR C 338 7.76 -25.09 -0.35
C TYR C 338 7.22 -23.98 -1.22
N SER C 339 6.23 -24.28 -2.06
CA SER C 339 5.58 -23.23 -2.85
C SER C 339 4.90 -22.21 -1.96
N VAL C 340 4.27 -22.67 -0.88
CA VAL C 340 3.66 -21.75 0.08
C VAL C 340 4.73 -20.89 0.74
N PHE C 341 5.89 -21.48 1.03
CA PHE C 341 7.00 -20.69 1.57
C PHE C 341 7.45 -19.61 0.60
N LEU C 342 7.55 -19.95 -0.68
CA LEU C 342 7.88 -18.95 -1.69
C LEU C 342 6.83 -17.85 -1.74
N ILE C 343 5.56 -18.23 -1.62
CA ILE C 343 4.48 -17.25 -1.58
C ILE C 343 4.65 -16.31 -0.39
N ILE C 344 4.92 -16.88 0.78
CA ILE C 344 5.03 -16.09 2.00
C ILE C 344 6.21 -15.12 1.91
N VAL C 345 7.33 -15.58 1.36
CA VAL C 345 8.47 -14.69 1.16
C VAL C 345 8.11 -13.59 0.16
N SER C 346 7.32 -13.94 -0.87
CA SER C 346 7.03 -12.99 -1.94
C SER C 346 6.17 -11.82 -1.46
N ASP C 347 5.16 -12.09 -0.63
CA ASP C 347 4.19 -11.05 -0.29
C ASP C 347 4.83 -9.91 0.49
N THR C 348 5.71 -10.24 1.44
CA THR C 348 6.37 -9.21 2.26
C THR C 348 7.56 -8.57 1.57
N LEU C 349 8.07 -9.17 0.50
CA LEU C 349 9.24 -8.64 -0.19
C LEU C 349 8.85 -8.15 -1.58
N PRO C 350 8.93 -6.87 -1.88
CA PRO C 350 8.53 -6.37 -3.19
C PRO C 350 9.59 -6.67 -4.25
N ALA C 351 9.22 -6.42 -5.50
CA ALA C 351 10.14 -6.64 -6.61
C ALA C 351 11.34 -5.73 -6.50
N THR C 352 12.51 -6.24 -6.89
CA THR C 352 13.76 -5.51 -6.76
C THR C 352 14.72 -6.03 -7.84
N ALA C 353 15.81 -5.29 -8.05
CA ALA C 353 16.84 -5.75 -8.97
C ALA C 353 17.31 -7.15 -8.62
N ILE C 354 17.48 -7.43 -7.34
CA ILE C 354 17.71 -8.79 -6.88
C ILE C 354 16.38 -9.55 -6.90
N GLY C 355 16.37 -10.71 -7.52
CA GLY C 355 15.14 -11.49 -7.63
C GLY C 355 14.57 -11.89 -6.29
N THR C 356 15.27 -12.76 -5.58
CA THR C 356 14.86 -13.23 -4.26
C THR C 356 16.08 -13.30 -3.36
N PRO C 357 15.88 -13.24 -2.05
CA PRO C 357 17.02 -13.43 -1.13
C PRO C 357 17.60 -14.83 -1.21
N LEU C 358 18.67 -15.08 -0.47
CA LEU C 358 19.32 -16.40 -0.53
C LEU C 358 18.38 -17.49 -0.03
N ILE C 359 17.55 -17.19 0.97
CA ILE C 359 16.59 -18.18 1.46
C ILE C 359 15.60 -18.55 0.36
N GLY C 360 15.16 -17.57 -0.43
CA GLY C 360 14.28 -17.87 -1.55
C GLY C 360 14.97 -18.73 -2.60
N VAL C 361 16.26 -18.46 -2.85
CA VAL C 361 17.01 -19.29 -3.79
C VAL C 361 17.07 -20.73 -3.29
N TYR C 362 17.30 -20.91 -2.00
CA TYR C 362 17.35 -22.27 -1.45
C TYR C 362 15.98 -22.94 -1.49
N PHE C 363 14.90 -22.18 -1.28
CA PHE C 363 13.57 -22.74 -1.42
C PHE C 363 13.32 -23.19 -2.85
N VAL C 364 13.75 -22.40 -3.83
CA VAL C 364 13.59 -22.79 -5.24
C VAL C 364 14.41 -24.05 -5.54
N VAL C 365 15.63 -24.12 -5.00
CA VAL C 365 16.47 -25.29 -5.22
C VAL C 365 15.82 -26.53 -4.62
N CYS C 366 15.25 -26.42 -3.42
CA CYS C 366 14.58 -27.55 -2.80
C CYS C 366 13.33 -27.95 -3.57
N MET C 367 12.61 -26.97 -4.12
CA MET C 367 11.46 -27.29 -4.98
C MET C 367 11.91 -28.07 -6.20
N ALA C 368 13.01 -27.66 -6.83
CA ALA C 368 13.52 -28.38 -8.00
C ALA C 368 13.94 -29.79 -7.62
N LEU C 369 14.59 -29.95 -6.47
CA LEU C 369 14.98 -31.28 -6.02
C LEU C 369 13.76 -32.17 -5.76
N LEU C 370 12.70 -31.61 -5.18
CA LEU C 370 11.48 -32.37 -4.98
C LEU C 370 10.84 -32.76 -6.31
N VAL C 371 10.85 -31.86 -7.29
CA VAL C 371 10.33 -32.21 -8.62
C VAL C 371 11.13 -33.35 -9.22
N ILE C 372 12.46 -33.28 -9.09
CA ILE C 372 13.31 -34.34 -9.64
C ILE C 372 13.03 -35.67 -8.94
N SER C 373 12.87 -35.64 -7.61
CA SER C 373 12.58 -36.86 -6.87
C SER C 373 11.23 -37.44 -7.28
N LEU C 374 10.22 -36.59 -7.46
CA LEU C 374 8.91 -37.06 -7.90
C LEU C 374 8.99 -37.69 -9.29
N ALA C 375 9.72 -37.05 -10.20
CA ALA C 375 9.89 -37.62 -11.53
C ALA C 375 10.58 -38.97 -11.46
N GLU C 376 11.62 -39.07 -10.61
CA GLU C 376 12.29 -40.34 -10.39
C GLU C 376 11.33 -41.42 -9.91
N THR C 377 10.56 -41.11 -8.86
CA THR C 377 9.66 -42.10 -8.29
C THR C 377 8.63 -42.56 -9.33
N ILE C 378 8.00 -41.62 -10.01
CA ILE C 378 6.96 -41.98 -10.97
C ILE C 378 7.55 -42.77 -12.14
N PHE C 379 8.72 -42.36 -12.63
CA PHE C 379 9.28 -42.99 -13.82
C PHE C 379 9.89 -44.35 -13.54
N ILE C 380 10.32 -44.61 -12.31
CA ILE C 380 10.98 -45.88 -12.01
C ILE C 380 10.13 -46.79 -11.13
N VAL C 381 8.96 -46.34 -10.69
CA VAL C 381 8.06 -47.15 -9.88
C VAL C 381 6.66 -47.01 -10.49
N ARG C 382 5.73 -47.83 -9.99
CA ARG C 382 4.32 -47.76 -10.36
C ARG C 382 4.11 -48.23 -11.81
N LEU C 383 3.17 -47.59 -12.51
CA LEU C 383 2.76 -48.10 -13.82
C LEU C 383 3.89 -48.06 -14.83
N VAL C 384 4.81 -47.10 -14.72
CA VAL C 384 5.85 -46.95 -15.72
C VAL C 384 6.80 -48.16 -15.70
N HIS C 385 7.22 -48.58 -14.51
CA HIS C 385 8.19 -49.66 -14.39
C HIS C 385 7.71 -50.82 -13.53
N LYS C 386 7.06 -50.55 -12.40
CA LYS C 386 6.64 -51.64 -11.51
C LYS C 386 5.54 -52.47 -12.15
N GLN C 387 4.53 -51.83 -12.75
CA GLN C 387 3.45 -52.57 -13.36
C GLN C 387 3.79 -53.01 -14.78
N ASP C 388 4.56 -52.19 -15.50
CA ASP C 388 4.98 -52.56 -16.85
C ASP C 388 5.98 -53.71 -16.78
N LEU C 389 5.91 -54.59 -17.78
CA LEU C 389 6.72 -55.79 -17.84
C LEU C 389 7.32 -55.96 -19.22
N GLN C 390 8.47 -56.64 -19.28
CA GLN C 390 9.17 -56.95 -20.51
C GLN C 390 9.49 -55.68 -21.31
N ARG C 391 9.94 -54.65 -20.59
CA ARG C 391 10.42 -53.43 -21.22
C ARG C 391 11.94 -53.37 -21.10
N PRO C 392 12.67 -53.46 -22.20
CA PRO C 392 14.14 -53.52 -22.11
C PRO C 392 14.73 -52.17 -21.73
N VAL C 393 15.45 -52.14 -20.62
CA VAL C 393 16.15 -50.93 -20.17
C VAL C 393 17.65 -51.19 -20.20
N PRO C 394 18.36 -50.65 -21.19
CA PRO C 394 19.81 -50.88 -21.27
C PRO C 394 20.61 -49.68 -20.79
N ASP C 395 21.23 -48.96 -21.74
CA ASP C 395 21.96 -47.73 -21.50
C ASP C 395 23.28 -48.00 -20.77
N TRP C 396 24.13 -46.98 -20.68
CA TRP C 396 25.44 -47.09 -20.04
C TRP C 396 25.42 -46.70 -18.58
N LEU C 397 24.24 -46.46 -18.00
CA LEU C 397 24.18 -46.08 -16.59
C LEU C 397 24.66 -47.21 -15.69
N ARG C 398 24.41 -48.46 -16.10
CA ARG C 398 24.93 -49.59 -15.34
C ARG C 398 26.45 -49.60 -15.35
N HIS C 399 27.07 -49.09 -16.42
CA HIS C 399 28.51 -48.92 -16.42
C HIS C 399 28.93 -47.84 -15.43
N LEU C 400 28.09 -46.82 -15.24
CA LEU C 400 28.40 -45.75 -14.30
C LEU C 400 28.24 -46.21 -12.85
N VAL C 401 27.20 -46.99 -12.56
CA VAL C 401 26.96 -47.44 -11.18
C VAL C 401 28.05 -48.39 -10.71
N LEU C 402 28.81 -48.98 -11.63
CA LEU C 402 29.95 -49.80 -11.23
C LEU C 402 31.10 -48.97 -10.67
N ASP C 403 31.07 -47.65 -10.87
CA ASP C 403 32.11 -46.76 -10.39
C ASP C 403 31.59 -45.71 -9.42
N ARG C 404 30.39 -45.15 -9.68
CA ARG C 404 29.89 -44.10 -8.79
C ARG C 404 29.49 -44.66 -7.44
N ILE C 405 29.05 -45.92 -7.38
CA ILE C 405 28.76 -46.53 -6.07
C ILE C 405 30.04 -46.75 -5.29
N ALA C 406 31.16 -46.98 -5.99
CA ALA C 406 32.44 -47.09 -5.29
C ALA C 406 32.94 -45.74 -4.82
N TRP C 407 32.73 -44.69 -5.63
CA TRP C 407 33.11 -43.35 -5.20
C TRP C 407 32.28 -42.89 -4.01
N ILE C 408 30.98 -43.22 -4.00
CA ILE C 408 30.10 -42.74 -2.94
C ILE C 408 30.15 -43.66 -1.71
N LEU C 409 30.51 -44.93 -1.89
CA LEU C 409 30.54 -45.87 -0.78
C LEU C 409 31.78 -46.76 -0.84
N VAL C 498 13.69 -57.82 -15.38
CA VAL C 498 14.11 -56.42 -15.41
C VAL C 498 13.63 -55.69 -14.16
N ALA C 499 12.79 -56.36 -13.38
CA ALA C 499 12.28 -55.76 -12.14
C ALA C 499 13.41 -55.48 -11.16
N ARG C 500 14.34 -56.44 -11.02
CA ARG C 500 15.47 -56.23 -10.11
C ARG C 500 16.35 -55.08 -10.59
N ASP C 501 16.58 -54.98 -11.90
CA ASP C 501 17.38 -53.89 -12.44
C ASP C 501 16.70 -52.54 -12.19
N TRP C 502 15.39 -52.48 -12.41
CA TRP C 502 14.66 -51.23 -12.17
C TRP C 502 14.72 -50.84 -10.70
N LEU C 503 14.53 -51.81 -9.80
CA LEU C 503 14.60 -51.53 -8.37
C LEU C 503 16.00 -51.04 -7.98
N ARG C 504 17.04 -51.68 -8.52
CA ARG C 504 18.41 -51.28 -8.17
C ARG C 504 18.72 -49.88 -8.67
N VAL C 505 18.35 -49.56 -9.92
CA VAL C 505 18.66 -48.24 -10.45
C VAL C 505 17.85 -47.18 -9.71
N GLY C 506 16.59 -47.47 -9.38
CA GLY C 506 15.81 -46.54 -8.58
C GLY C 506 16.43 -46.29 -7.22
N TYR C 507 16.89 -47.36 -6.56
CA TYR C 507 17.50 -47.22 -5.25
C TYR C 507 18.79 -46.40 -5.31
N VAL C 508 19.65 -46.66 -6.30
CA VAL C 508 20.92 -45.94 -6.34
C VAL C 508 20.70 -44.47 -6.69
N LEU C 509 19.80 -44.18 -7.62
CA LEU C 509 19.52 -42.78 -7.93
C LEU C 509 18.82 -42.09 -6.77
N ASP C 510 17.98 -42.81 -6.01
CA ASP C 510 17.37 -42.23 -4.82
C ASP C 510 18.43 -41.91 -3.77
N ARG C 511 19.43 -42.77 -3.63
CA ARG C 511 20.54 -42.47 -2.72
C ARG C 511 21.31 -41.25 -3.18
N LEU C 512 21.51 -41.11 -4.49
CA LEU C 512 22.18 -39.92 -5.01
C LEU C 512 21.38 -38.66 -4.71
N LEU C 513 20.06 -38.72 -4.88
CA LEU C 513 19.20 -37.59 -4.52
C LEU C 513 19.25 -37.31 -3.03
N PHE C 514 19.33 -38.36 -2.21
CA PHE C 514 19.49 -38.20 -0.77
C PHE C 514 20.76 -37.41 -0.46
N ARG C 515 21.87 -37.77 -1.09
CA ARG C 515 23.12 -37.06 -0.84
C ARG C 515 23.02 -35.60 -1.28
N ILE C 516 22.42 -35.36 -2.45
CA ILE C 516 22.27 -33.98 -2.93
C ILE C 516 21.44 -33.16 -1.95
N TYR C 517 20.32 -33.73 -1.47
CA TYR C 517 19.45 -32.98 -0.59
C TYR C 517 20.08 -32.78 0.79
N LEU C 518 20.84 -33.76 1.28
CA LEU C 518 21.56 -33.56 2.53
C LEU C 518 22.57 -32.43 2.40
N LEU C 519 23.28 -32.38 1.27
CA LEU C 519 24.20 -31.27 1.04
C LEU C 519 23.45 -29.94 0.99
N ALA C 520 22.27 -29.92 0.35
CA ALA C 520 21.50 -28.70 0.26
C ALA C 520 21.06 -28.21 1.63
N VAL C 521 20.60 -29.13 2.50
CA VAL C 521 20.16 -28.75 3.83
C VAL C 521 21.35 -28.28 4.67
N LEU C 522 22.49 -28.95 4.55
CA LEU C 522 23.68 -28.49 5.25
C LEU C 522 24.08 -27.09 4.81
N ALA C 523 24.02 -26.82 3.51
CA ALA C 523 24.33 -25.48 3.01
C ALA C 523 23.33 -24.46 3.51
N TYR C 524 22.05 -24.83 3.59
CA TYR C 524 21.03 -23.92 4.10
C TYR C 524 21.30 -23.55 5.56
N SER C 525 21.60 -24.55 6.39
CA SER C 525 21.91 -24.26 7.79
C SER C 525 23.18 -23.43 7.91
N ILE C 526 24.21 -23.76 7.12
CA ILE C 526 25.46 -23.01 7.18
C ILE C 526 25.24 -21.56 6.78
N THR C 527 24.44 -21.32 5.74
CA THR C 527 24.23 -19.94 5.31
C THR C 527 23.33 -19.18 6.27
N LEU C 528 22.38 -19.86 6.95
CA LEU C 528 21.64 -19.17 8.00
C LEU C 528 22.54 -18.76 9.15
N VAL C 529 23.47 -19.64 9.53
CA VAL C 529 24.42 -19.30 10.59
C VAL C 529 25.29 -18.13 10.14
N THR C 530 25.75 -18.15 8.88
CA THR C 530 26.59 -17.06 8.38
C THR C 530 25.83 -15.74 8.35
N LEU C 531 24.58 -15.75 7.90
CA LEU C 531 23.77 -14.53 7.89
C LEU C 531 23.55 -14.02 9.30
N TRP C 532 23.28 -14.90 10.26
CA TRP C 532 23.12 -14.47 11.64
C TRP C 532 24.41 -13.86 12.18
N SER C 533 25.55 -14.47 11.86
CA SER C 533 26.83 -13.93 12.32
C SER C 533 27.08 -12.55 11.73
N ILE C 534 26.79 -12.37 10.44
CA ILE C 534 27.00 -11.06 9.82
C ILE C 534 26.06 -10.02 10.43
N TRP C 535 24.80 -10.39 10.65
CA TRP C 535 23.84 -9.45 11.20
C TRP C 535 24.20 -9.06 12.63
N HIS C 536 24.65 -10.02 13.44
CA HIS C 536 25.02 -9.71 14.82
C HIS C 536 26.31 -8.89 14.87
N SER C 537 27.28 -9.23 14.03
CA SER C 537 28.55 -8.50 13.98
C SER C 537 28.45 -7.30 13.03
N SER C 538 27.53 -6.40 13.37
CA SER C 538 27.29 -5.21 12.56
C SER C 538 27.63 -3.94 13.33
N LEU D 89 -17.60 44.74 6.94
CA LEU D 89 -16.37 44.82 6.14
C LEU D 89 -15.36 45.75 6.81
N ARG D 90 -15.81 46.98 7.12
CA ARG D 90 -14.93 47.94 7.76
C ARG D 90 -14.59 47.57 9.20
N LEU D 91 -15.35 46.65 9.80
CA LEU D 91 -15.03 46.19 11.15
C LEU D 91 -13.67 45.48 11.18
N SER D 92 -13.39 44.66 10.17
CA SER D 92 -12.12 43.95 10.13
C SER D 92 -10.95 44.90 9.97
N ASP D 93 -11.12 45.95 9.18
CA ASP D 93 -10.02 46.88 8.92
C ASP D 93 -9.57 47.58 10.20
N HIS D 94 -10.52 47.99 11.04
CA HIS D 94 -10.17 48.66 12.29
C HIS D 94 -9.43 47.73 13.24
N LEU D 95 -9.88 46.48 13.35
CA LEU D 95 -9.30 45.56 14.31
C LEU D 95 -7.93 45.05 13.86
N LEU D 96 -7.75 44.82 12.56
CA LEU D 96 -6.49 44.28 12.06
C LEU D 96 -5.35 45.30 12.14
N ALA D 97 -5.66 46.59 12.22
CA ALA D 97 -4.61 47.61 12.25
C ALA D 97 -3.82 47.54 13.55
N ASN D 98 -4.51 47.50 14.68
CA ASN D 98 -3.85 47.48 15.99
C ASN D 98 -3.71 46.06 16.54
N TYR D 99 -3.01 45.20 15.79
CA TYR D 99 -2.79 43.83 16.22
C TYR D 99 -1.58 43.27 15.48
N LYS D 100 -0.65 42.69 16.23
CA LYS D 100 0.52 42.04 15.68
C LYS D 100 0.51 40.56 16.05
N LYS D 101 0.77 39.71 15.05
CA LYS D 101 0.71 38.27 15.27
C LYS D 101 1.89 37.77 16.09
N GLY D 102 3.08 38.33 15.86
CA GLY D 102 4.28 37.78 16.44
C GLY D 102 4.43 38.00 17.93
N VAL D 103 3.69 38.94 18.50
CA VAL D 103 3.83 39.30 19.91
C VAL D 103 2.73 38.63 20.71
N ARG D 104 3.07 38.22 21.93
CA ARG D 104 2.10 37.65 22.86
C ARG D 104 1.25 38.75 23.48
N PRO D 105 -0.05 38.51 23.65
CA PRO D 105 -0.89 39.51 24.32
C PRO D 105 -0.62 39.57 25.81
N VAL D 106 0.11 40.59 26.25
CA VAL D 106 0.48 40.77 27.65
C VAL D 106 0.55 42.25 27.95
N ARG D 107 0.09 42.64 29.14
CA ARG D 107 0.34 43.99 29.61
C ARG D 107 1.83 44.21 29.85
N ASP D 108 2.51 43.21 30.41
CA ASP D 108 3.95 43.19 30.55
C ASP D 108 4.45 41.79 30.17
N TRP D 109 5.61 41.74 29.51
CA TRP D 109 6.12 40.45 29.05
C TRP D 109 6.52 39.54 30.20
N ARG D 110 6.67 40.08 31.42
CA ARG D 110 6.95 39.24 32.58
C ARG D 110 5.78 38.31 32.89
N LYS D 111 4.56 38.81 32.74
CA LYS D 111 3.38 38.00 33.05
C LYS D 111 3.27 36.84 32.08
N PRO D 112 2.98 35.62 32.57
CA PRO D 112 2.81 34.48 31.66
C PRO D 112 1.37 34.31 31.21
N THR D 113 1.22 34.04 29.91
CA THR D 113 -0.10 33.79 29.35
C THR D 113 -0.61 32.41 29.77
N THR D 114 -1.93 32.26 29.74
CA THR D 114 -2.59 30.99 30.07
C THR D 114 -3.38 30.51 28.87
N VAL D 115 -3.20 29.24 28.53
CA VAL D 115 -3.89 28.63 27.39
C VAL D 115 -4.60 27.37 27.89
N SER D 116 -5.81 27.15 27.40
CA SER D 116 -6.63 26.01 27.78
C SER D 116 -7.07 25.25 26.54
N ILE D 117 -7.00 23.91 26.62
CA ILE D 117 -7.41 23.04 25.53
C ILE D 117 -8.18 21.86 26.13
N ASP D 118 -9.29 21.50 25.48
CA ASP D 118 -10.07 20.34 25.87
C ASP D 118 -10.16 19.40 24.69
N VAL D 119 -9.65 18.19 24.86
CA VAL D 119 -9.55 17.25 23.75
C VAL D 119 -10.82 16.41 23.70
N ILE D 120 -11.37 16.26 22.51
CA ILE D 120 -12.63 15.55 22.29
C ILE D 120 -12.36 14.41 21.32
N MET D 121 -12.58 13.18 21.77
CA MET D 121 -12.37 11.99 20.95
C MET D 121 -13.64 11.66 20.19
N TYR D 122 -13.49 11.04 19.03
CA TYR D 122 -14.63 10.60 18.23
C TYR D 122 -14.15 9.67 17.14
N ALA D 123 -14.81 8.52 17.01
CA ALA D 123 -14.59 7.59 15.90
C ALA D 123 -13.13 7.15 15.84
N ILE D 124 -12.73 6.39 16.86
CA ILE D 124 -11.41 5.78 16.87
C ILE D 124 -11.19 5.00 15.58
N LEU D 125 -9.99 5.11 15.03
CA LEU D 125 -9.70 4.62 13.69
C LEU D 125 -8.67 3.49 13.75
N ASN D 126 -8.21 3.08 12.57
CA ASN D 126 -7.31 1.95 12.46
C ASN D 126 -6.01 2.19 13.22
N VAL D 127 -5.52 1.14 13.89
CA VAL D 127 -4.27 1.18 14.63
C VAL D 127 -3.30 0.25 13.93
N ASP D 128 -2.18 0.79 13.45
CA ASP D 128 -1.19 -0.03 12.76
C ASP D 128 -0.48 -0.91 13.79
N GLU D 129 -0.76 -2.21 13.73
CA GLU D 129 -0.34 -3.14 14.78
C GLU D 129 1.17 -3.38 14.80
N LYS D 130 1.91 -2.86 13.83
CA LYS D 130 3.35 -3.03 13.74
C LYS D 130 4.09 -2.40 14.93
N ASN D 131 3.36 -1.72 15.83
CA ASN D 131 3.94 -1.02 16.99
C ASN D 131 4.76 0.18 16.53
N GLN D 132 4.22 0.94 15.60
CA GLN D 132 4.87 2.14 15.08
C GLN D 132 4.00 3.39 15.19
N VAL D 133 2.69 3.27 14.95
CA VAL D 133 1.83 4.44 14.88
C VAL D 133 0.38 3.98 14.93
N LEU D 134 -0.50 4.85 15.43
CA LEU D 134 -1.95 4.63 15.39
C LEU D 134 -2.64 5.91 14.96
N THR D 135 -3.72 5.77 14.20
CA THR D 135 -4.47 6.89 13.66
C THR D 135 -5.82 7.00 14.36
N THR D 136 -6.18 8.22 14.78
CA THR D 136 -7.46 8.47 15.43
C THR D 136 -8.02 9.80 14.98
N TYR D 137 -9.34 9.93 15.03
CA TYR D 137 -10.03 11.17 14.72
C TYR D 137 -10.27 11.95 16.01
N ILE D 138 -9.93 13.24 15.99
CA ILE D 138 -9.95 14.04 17.22
C ILE D 138 -10.57 15.40 16.91
N TRP D 139 -11.00 16.09 17.95
CA TRP D 139 -11.44 17.48 17.88
C TRP D 139 -10.60 18.30 18.85
N TYR D 140 -10.18 19.49 18.41
CA TYR D 140 -9.15 20.23 19.14
C TYR D 140 -9.74 21.11 20.24
N ARG D 141 -10.60 22.05 19.86
CA ARG D 141 -11.34 22.89 20.81
C ARG D 141 -10.41 23.66 21.75
N GLN D 142 -9.68 24.65 21.22
CA GLN D 142 -8.75 25.45 22.01
C GLN D 142 -9.44 26.72 22.47
N TYR D 143 -9.30 27.05 23.76
CA TYR D 143 -9.90 28.24 24.35
C TYR D 143 -8.77 29.15 24.84
N TRP D 144 -8.87 30.43 24.51
CA TRP D 144 -7.89 31.40 24.99
C TRP D 144 -8.37 32.08 26.27
N THR D 145 -7.48 32.87 26.87
CA THR D 145 -7.77 33.58 28.10
C THR D 145 -7.68 35.09 28.00
N ASP D 146 -6.61 35.63 27.43
CA ASP D 146 -6.39 37.08 27.43
C ASP D 146 -5.81 37.53 26.10
N GLU D 147 -6.47 38.49 25.45
CA GLU D 147 -5.98 39.12 24.25
C GLU D 147 -6.30 40.62 24.30
N PHE D 148 -5.47 41.42 23.64
CA PHE D 148 -5.70 42.86 23.59
C PHE D 148 -6.50 43.26 22.35
N LEU D 149 -7.63 42.59 22.15
CA LEU D 149 -8.50 42.85 21.00
C LEU D 149 -9.91 43.08 21.51
N GLN D 150 -10.38 44.32 21.45
CA GLN D 150 -11.70 44.69 21.91
C GLN D 150 -12.34 45.66 20.93
N TRP D 151 -13.67 45.62 20.85
CA TRP D 151 -14.42 46.56 20.03
C TRP D 151 -15.85 46.60 20.52
N LYS D 161 -20.78 38.87 17.03
CA LYS D 161 -19.85 37.81 16.67
C LYS D 161 -19.12 38.17 15.39
N LEU D 162 -17.81 37.94 15.37
CA LEU D 162 -16.96 38.26 14.24
C LEU D 162 -16.25 37.01 13.73
N SER D 163 -16.23 36.84 12.42
CA SER D 163 -15.56 35.73 11.76
C SER D 163 -14.37 36.27 10.97
N ILE D 164 -13.19 35.73 11.24
CA ILE D 164 -11.96 36.20 10.60
C ILE D 164 -11.16 35.01 10.10
N PRO D 165 -10.33 35.18 9.07
CA PRO D 165 -9.45 34.08 8.65
C PRO D 165 -8.42 33.76 9.71
N THR D 166 -7.96 32.51 9.69
CA THR D 166 -6.99 32.05 10.68
C THR D 166 -5.66 32.78 10.57
N ASP D 167 -5.39 33.43 9.44
CA ASP D 167 -4.17 34.21 9.26
C ASP D 167 -4.28 35.63 9.80
N SER D 168 -5.45 36.02 10.32
CA SER D 168 -5.64 37.35 10.87
C SER D 168 -5.59 37.37 12.40
N ILE D 169 -5.58 36.22 13.06
CA ILE D 169 -5.50 36.14 14.51
C ILE D 169 -4.39 35.17 14.88
N TRP D 170 -3.79 35.40 16.04
CA TRP D 170 -2.70 34.54 16.50
C TRP D 170 -3.24 33.20 17.01
N VAL D 171 -2.53 32.12 16.67
CA VAL D 171 -2.84 30.79 17.18
C VAL D 171 -1.54 30.21 17.72
N PRO D 172 -1.47 29.83 19.00
CA PRO D 172 -0.23 29.29 19.54
C PRO D 172 0.09 27.92 18.94
N ASP D 173 1.39 27.62 18.88
CA ASP D 173 1.87 26.38 18.26
C ASP D 173 1.93 25.25 19.29
N ILE D 174 0.78 24.95 19.88
CA ILE D 174 0.67 23.84 20.81
C ILE D 174 0.49 22.56 19.99
N LEU D 175 1.48 21.67 20.05
CA LEU D 175 1.46 20.44 19.27
C LEU D 175 1.64 19.21 20.15
N ILE D 176 1.88 18.07 19.53
CA ILE D 176 2.03 16.80 20.22
C ILE D 176 3.48 16.36 20.10
N ASN D 177 4.07 15.95 21.21
CA ASN D 177 5.47 15.51 21.19
C ASN D 177 5.66 14.28 20.32
N GLU D 178 4.82 13.27 20.51
CA GLU D 178 4.85 12.05 19.69
C GLU D 178 3.81 12.21 18.59
N PHE D 179 4.21 12.89 17.52
CA PHE D 179 3.31 13.28 16.45
C PHE D 179 3.94 12.97 15.09
N VAL D 180 3.17 12.33 14.22
CA VAL D 180 3.63 11.94 12.89
C VAL D 180 2.45 12.05 11.93
N ASP D 181 2.71 12.51 10.70
CA ASP D 181 1.72 12.49 9.63
C ASP D 181 0.46 13.27 10.03
N PRO D 189 -10.98 28.21 7.92
CA PRO D 189 -10.29 29.47 8.18
C PRO D 189 -11.07 30.40 9.09
N TYR D 190 -12.38 30.24 9.19
CA TYR D 190 -13.19 31.12 10.04
C TYR D 190 -12.84 30.89 11.50
N VAL D 191 -12.68 31.98 12.24
CA VAL D 191 -12.29 31.94 13.65
C VAL D 191 -13.42 32.54 14.47
N TYR D 192 -13.86 31.82 15.49
CA TYR D 192 -15.00 32.21 16.33
C TYR D 192 -14.46 33.07 17.47
N VAL D 193 -14.44 34.38 17.26
CA VAL D 193 -13.88 35.33 18.22
C VAL D 193 -15.01 36.20 18.75
N HIS D 194 -15.01 36.42 20.06
CA HIS D 194 -16.02 37.23 20.73
C HIS D 194 -15.45 38.59 21.11
N HIS D 195 -16.33 39.60 21.11
CA HIS D 195 -15.89 40.95 21.45
C HIS D 195 -15.59 41.11 22.93
N ARG D 196 -16.02 40.17 23.77
CA ARG D 196 -15.77 40.28 25.20
C ARG D 196 -14.31 40.01 25.55
N GLY D 197 -13.58 39.27 24.72
CA GLY D 197 -12.18 38.98 25.00
C GLY D 197 -11.83 37.51 24.95
N GLU D 198 -12.70 36.70 24.36
CA GLU D 198 -12.48 35.26 24.24
C GLU D 198 -12.59 34.86 22.78
N VAL D 199 -11.84 33.83 22.40
CA VAL D 199 -11.81 33.34 21.03
C VAL D 199 -12.00 31.82 21.05
N GLN D 200 -12.54 31.29 19.96
CA GLN D 200 -12.79 29.87 19.82
C GLN D 200 -12.17 29.38 18.52
N ASN D 201 -11.58 28.18 18.58
CA ASN D 201 -10.96 27.54 17.42
C ASN D 201 -11.61 26.19 17.21
N TYR D 202 -12.13 25.97 16.00
CA TYR D 202 -12.76 24.70 15.62
C TYR D 202 -11.96 24.10 14.47
N LYS D 203 -11.41 22.91 14.70
CA LYS D 203 -10.69 22.20 13.64
C LYS D 203 -10.55 20.72 13.98
N PRO D 204 -11.01 19.82 13.11
CA PRO D 204 -10.78 18.40 13.33
C PRO D 204 -9.38 17.99 12.88
N LEU D 205 -8.80 17.02 13.59
CA LEU D 205 -7.45 16.56 13.29
C LEU D 205 -7.38 15.05 13.44
N GLN D 206 -6.35 14.47 12.85
CA GLN D 206 -5.96 13.09 13.08
C GLN D 206 -4.56 13.07 13.67
N LEU D 207 -4.42 12.45 14.84
CA LEU D 207 -3.10 12.41 15.49
C LEU D 207 -2.09 11.66 14.65
N VAL D 208 -2.43 10.43 14.26
CA VAL D 208 -1.50 9.51 13.62
C VAL D 208 -0.25 9.49 14.48
N THR D 209 -0.41 9.25 15.78
CA THR D 209 0.65 9.41 16.75
C THR D 209 1.42 8.11 16.95
N ALA D 210 2.72 8.27 17.23
CA ALA D 210 3.57 7.12 17.53
C ALA D 210 3.40 6.72 18.99
N CYS D 211 3.33 5.42 19.23
CA CYS D 211 3.11 4.90 20.57
C CYS D 211 3.71 3.51 20.68
N SER D 212 3.69 2.97 21.89
CA SER D 212 4.16 1.61 22.16
C SER D 212 2.96 0.67 22.20
N LEU D 213 3.00 -0.35 21.35
CA LEU D 213 1.88 -1.27 21.18
C LEU D 213 2.21 -2.62 21.80
N ASP D 214 1.22 -3.22 22.45
CA ASP D 214 1.36 -4.52 23.09
C ASP D 214 0.63 -5.56 22.25
N ILE D 215 1.35 -6.57 21.78
CA ILE D 215 0.78 -7.63 20.97
C ILE D 215 0.65 -8.94 21.76
N TYR D 216 1.28 -9.04 22.93
CA TYR D 216 1.40 -10.29 23.67
C TYR D 216 0.04 -10.86 24.11
N ASN D 217 -1.04 -10.14 23.82
CA ASN D 217 -2.39 -10.62 24.12
C ASN D 217 -3.26 -10.70 22.88
N PHE D 218 -2.67 -10.83 21.70
CA PHE D 218 -3.45 -10.87 20.47
C PHE D 218 -4.35 -12.09 20.46
N PRO D 219 -5.60 -11.96 19.99
CA PRO D 219 -6.25 -10.72 19.53
C PRO D 219 -7.02 -10.00 20.64
N PHE D 220 -7.01 -10.55 21.84
CA PHE D 220 -7.73 -9.98 22.98
C PHE D 220 -6.79 -9.03 23.74
N ASP D 221 -6.49 -7.91 23.11
CA ASP D 221 -5.50 -6.96 23.62
C ASP D 221 -6.19 -5.66 24.05
N VAL D 222 -5.83 -5.19 25.23
CA VAL D 222 -6.29 -3.90 25.75
C VAL D 222 -5.03 -3.10 26.07
N GLN D 223 -4.59 -2.29 25.11
CA GLN D 223 -3.33 -1.57 25.23
C GLN D 223 -3.55 -0.11 25.55
N ASN D 224 -2.50 0.51 26.08
CA ASN D 224 -2.53 1.90 26.53
C ASN D 224 -1.59 2.75 25.69
N CYS D 225 -2.02 3.96 25.36
CA CYS D 225 -1.22 4.88 24.57
C CYS D 225 -1.40 6.30 25.10
N SER D 226 -0.41 7.14 24.83
CA SER D 226 -0.33 8.47 25.41
C SER D 226 -0.46 9.54 24.33
N LEU D 227 -1.03 10.68 24.73
CA LEU D 227 -1.14 11.87 23.89
C LEU D 227 -0.55 13.04 24.68
N THR D 228 0.72 13.35 24.43
CA THR D 228 1.42 14.43 25.11
C THR D 228 1.24 15.73 24.33
N PHE D 229 0.92 16.80 25.04
CA PHE D 229 0.69 18.10 24.43
C PHE D 229 1.76 19.09 24.90
N THR D 230 2.33 19.83 23.95
CA THR D 230 3.39 20.79 24.23
C THR D 230 3.51 21.74 23.04
N SER D 231 4.51 22.62 23.11
CA SER D 231 4.87 23.49 22.00
C SER D 231 6.27 23.14 21.54
N TRP D 232 6.43 22.95 20.22
CA TRP D 232 7.68 22.41 19.70
C TRP D 232 8.85 23.36 19.92
N LEU D 233 8.63 24.66 19.72
CA LEU D 233 9.72 25.62 19.78
C LEU D 233 9.66 26.56 20.97
N HIS D 234 8.47 26.91 21.43
CA HIS D 234 8.33 27.88 22.51
C HIS D 234 8.98 27.36 23.79
N THR D 235 9.63 28.26 24.53
CA THR D 235 10.20 27.91 25.82
C THR D 235 9.12 27.72 26.88
N ILE D 236 7.92 28.27 26.66
CA ILE D 236 6.73 27.98 27.45
C ILE D 236 6.93 28.46 28.88
N GLN D 237 7.93 29.32 29.09
CA GLN D 237 8.03 30.01 30.38
C GLN D 237 6.92 31.04 30.56
N ASP D 238 6.17 31.35 29.50
CA ASP D 238 5.07 32.30 29.58
C ASP D 238 3.78 31.80 28.94
N ILE D 239 3.77 30.63 28.31
CA ILE D 239 2.60 30.14 27.60
C ILE D 239 2.19 28.78 28.17
N ASN D 240 2.38 28.60 29.48
CA ASN D 240 2.05 27.36 30.17
C ASN D 240 0.63 26.88 29.83
N ILE D 241 0.45 25.56 29.91
CA ILE D 241 -0.75 24.92 29.38
C ILE D 241 -1.67 24.49 30.52
N THR D 242 -1.57 25.17 31.66
CA THR D 242 -2.48 24.90 32.76
C THR D 242 -3.92 25.05 32.30
N LEU D 243 -4.74 24.04 32.58
CA LEU D 243 -6.01 23.90 31.90
C LEU D 243 -7.10 24.72 32.58
N TRP D 244 -8.28 24.74 31.94
CA TRP D 244 -9.42 25.50 32.44
C TRP D 244 -10.24 24.69 33.43
N ARG D 245 -10.45 23.40 33.15
CA ARG D 245 -11.06 22.49 34.09
C ARG D 245 -10.29 21.17 34.12
N SER D 246 -10.64 20.32 35.08
CA SER D 246 -10.00 19.02 35.19
C SER D 246 -10.80 17.98 34.40
N PRO D 247 -10.23 17.44 33.32
CA PRO D 247 -10.98 16.45 32.54
C PRO D 247 -11.11 15.10 33.22
N GLU D 248 -10.39 14.88 34.32
CA GLU D 248 -10.36 13.58 34.98
C GLU D 248 -11.75 13.11 35.39
N GLU D 249 -12.50 13.99 36.07
CA GLU D 249 -13.81 13.59 36.57
C GLU D 249 -14.85 13.50 35.46
N VAL D 250 -14.84 14.46 34.54
CA VAL D 250 -15.94 14.58 33.58
C VAL D 250 -15.73 13.65 32.40
N ARG D 251 -14.52 13.66 31.83
CA ARG D 251 -14.27 12.93 30.59
C ARG D 251 -14.30 11.42 30.79
N SER D 252 -13.84 10.96 31.94
CA SER D 252 -13.64 9.52 32.14
C SER D 252 -14.97 8.76 32.11
N ASP D 253 -16.00 9.32 32.73
CA ASP D 253 -17.26 8.60 32.90
C ASP D 253 -17.93 8.27 31.57
N LYS D 254 -17.96 9.21 30.64
CA LYS D 254 -18.64 9.02 29.37
C LYS D 254 -17.97 9.86 28.29
N SER D 255 -18.14 9.42 27.05
CA SER D 255 -17.62 10.12 25.88
C SER D 255 -18.61 9.95 24.73
N ILE D 256 -18.22 10.45 23.56
CA ILE D 256 -19.12 10.47 22.41
C ILE D 256 -18.66 9.50 21.32
N PHE D 257 -17.94 8.44 21.67
CA PHE D 257 -17.49 7.48 20.68
C PHE D 257 -18.67 6.73 20.07
N GLU D 262 -13.11 -0.78 13.63
CA GLU D 262 -12.66 -2.07 14.14
C GLU D 262 -12.09 -1.98 15.55
N TRP D 263 -11.94 -0.78 16.10
CA TRP D 263 -11.41 -0.58 17.43
C TRP D 263 -12.45 0.08 18.33
N GLU D 264 -12.29 -0.12 19.63
CA GLU D 264 -13.19 0.45 20.63
C GLU D 264 -12.42 1.43 21.50
N LEU D 265 -12.97 2.62 21.69
CA LEU D 265 -12.39 3.60 22.59
C LEU D 265 -13.02 3.42 23.97
N LEU D 266 -12.17 3.32 25.00
CA LEU D 266 -12.62 2.96 26.33
C LEU D 266 -12.47 4.10 27.33
N GLU D 267 -11.27 4.66 27.49
CA GLU D 267 -11.04 5.65 28.52
C GLU D 267 -9.86 6.54 28.13
N VAL D 268 -10.03 7.85 28.31
CA VAL D 268 -8.97 8.83 28.14
C VAL D 268 -8.93 9.68 29.40
N PHE D 269 -7.77 9.74 30.06
CA PHE D 269 -7.64 10.50 31.29
C PHE D 269 -6.35 11.32 31.27
N PRO D 270 -6.33 12.48 31.91
CA PRO D 270 -5.18 13.38 31.83
C PRO D 270 -4.17 13.16 32.95
N GLN D 271 -3.01 13.80 32.78
CA GLN D 271 -1.93 13.77 33.77
C GLN D 271 -0.92 14.87 33.41
N PHE D 272 -0.48 15.63 34.41
CA PHE D 272 0.39 16.79 34.18
C PHE D 272 1.59 16.75 35.12
N LYS D 273 2.71 17.29 34.62
CA LYS D 273 3.85 17.62 35.45
C LYS D 273 4.58 18.79 34.82
N GLU D 274 5.36 19.51 35.62
CA GLU D 274 5.86 20.82 35.21
C GLU D 274 6.97 20.70 34.17
N PHE D 275 8.09 20.09 34.55
CA PHE D 275 9.29 20.08 33.73
C PHE D 275 9.33 18.78 32.93
N SER D 276 9.32 18.89 31.61
CA SER D 276 9.38 17.74 30.71
C SER D 276 9.71 18.25 29.31
N ILE D 277 9.55 17.35 28.32
CA ILE D 277 9.70 17.63 26.89
C ILE D 277 11.17 17.83 26.55
N ASP D 278 11.65 17.10 25.54
CA ASP D 278 13.07 17.05 25.23
C ASP D 278 13.48 17.98 24.10
N ILE D 279 12.54 18.53 23.33
CA ILE D 279 12.91 19.44 22.25
C ILE D 279 13.50 20.72 22.82
N SER D 280 13.00 21.17 23.96
CA SER D 280 13.51 22.38 24.62
C SER D 280 13.04 22.36 26.07
N ASN D 281 13.44 23.38 26.83
CA ASN D 281 13.03 23.53 28.22
C ASN D 281 11.57 23.98 28.22
N SER D 282 10.67 23.03 28.05
CA SER D 282 9.26 23.30 27.85
C SER D 282 8.47 22.99 29.12
N TYR D 283 7.64 23.94 29.55
CA TYR D 283 6.78 23.77 30.71
C TYR D 283 5.44 23.14 30.38
N ALA D 284 5.13 22.92 29.11
CA ALA D 284 3.82 22.40 28.70
C ALA D 284 3.91 20.89 28.57
N GLU D 285 3.23 20.18 29.46
CA GLU D 285 3.00 18.73 29.32
C GLU D 285 1.77 18.37 30.12
N MET D 286 0.66 18.12 29.43
CA MET D 286 -0.55 17.60 30.06
C MET D 286 -0.91 16.32 29.31
N LYS D 287 -0.32 15.21 29.75
CA LYS D 287 -0.42 13.95 29.02
C LYS D 287 -1.84 13.42 29.05
N PHE D 288 -2.26 12.84 27.92
CA PHE D 288 -3.61 12.30 27.75
C PHE D 288 -3.48 10.82 27.39
N TYR D 289 -3.42 9.97 28.42
CA TYR D 289 -3.39 8.52 28.20
C TYR D 289 -4.68 8.05 27.57
N VAL D 290 -4.59 7.13 26.62
CA VAL D 290 -5.76 6.64 25.88
C VAL D 290 -5.80 5.12 26.00
N ILE D 291 -6.97 4.57 26.32
CA ILE D 291 -7.18 3.13 26.45
C ILE D 291 -8.15 2.70 25.37
N ILE D 292 -7.78 1.69 24.58
CA ILE D 292 -8.59 1.21 23.49
C ILE D 292 -8.69 -0.30 23.54
N ARG D 293 -9.75 -0.82 22.92
CA ARG D 293 -9.98 -2.26 22.81
C ARG D 293 -10.26 -2.62 21.35
N ARG D 294 -9.98 -3.87 21.00
CA ARG D 294 -10.08 -4.34 19.64
C ARG D 294 -11.25 -5.31 19.50
N ARG D 295 -11.97 -5.20 18.39
CA ARG D 295 -12.98 -6.21 18.05
C ARG D 295 -12.27 -7.48 17.62
N PRO D 296 -12.46 -8.61 18.31
CA PRO D 296 -11.79 -9.85 17.93
C PRO D 296 -12.61 -10.80 17.07
N LEU D 297 -13.84 -10.46 16.72
CA LEU D 297 -14.72 -11.40 16.04
C LEU D 297 -14.14 -11.84 14.69
N PHE D 298 -13.75 -10.86 13.86
CA PHE D 298 -13.15 -11.19 12.58
C PHE D 298 -11.84 -11.96 12.77
N TYR D 299 -11.00 -11.49 13.70
CA TYR D 299 -9.75 -12.20 13.98
C TYR D 299 -10.01 -13.58 14.56
N ALA D 300 -11.02 -13.70 15.42
CA ALA D 300 -11.37 -15.01 15.95
C ALA D 300 -11.73 -15.97 14.83
N VAL D 301 -12.65 -15.56 13.95
CA VAL D 301 -13.08 -16.43 12.86
C VAL D 301 -11.91 -16.76 11.93
N SER D 302 -11.04 -15.78 11.67
CA SER D 302 -9.99 -15.97 10.67
C SER D 302 -8.84 -16.82 11.22
N LEU D 303 -8.52 -16.72 12.51
CA LEU D 303 -7.36 -17.39 13.07
C LEU D 303 -7.76 -18.50 14.04
N LEU D 304 -8.51 -18.16 15.08
CA LEU D 304 -8.76 -19.10 16.17
C LEU D 304 -9.67 -20.22 15.72
N LEU D 305 -10.67 -19.92 14.90
CA LEU D 305 -11.60 -20.95 14.46
C LEU D 305 -10.90 -22.02 13.63
N PRO D 306 -10.15 -21.71 12.57
CA PRO D 306 -9.49 -22.80 11.83
C PRO D 306 -8.40 -23.48 12.62
N SER D 307 -7.72 -22.75 13.51
CA SER D 307 -6.62 -23.33 14.27
C SER D 307 -7.13 -24.34 15.29
N ILE D 308 -8.26 -24.04 15.95
CA ILE D 308 -8.76 -24.94 16.99
C ILE D 308 -9.22 -26.26 16.40
N PHE D 309 -9.73 -26.26 15.17
CA PHE D 309 -10.00 -27.54 14.52
C PHE D 309 -8.72 -28.30 14.19
N LEU D 310 -7.65 -27.57 13.88
CA LEU D 310 -6.37 -28.23 13.66
C LEU D 310 -5.83 -28.86 14.94
N MET D 311 -6.39 -28.51 16.10
CA MET D 311 -6.04 -29.17 17.34
C MET D 311 -6.89 -30.40 17.63
N VAL D 312 -8.11 -30.47 17.08
CA VAL D 312 -9.02 -31.55 17.42
C VAL D 312 -8.98 -32.64 16.35
N VAL D 313 -8.64 -32.26 15.11
CA VAL D 313 -8.51 -33.27 14.07
C VAL D 313 -7.31 -34.16 14.35
N ASP D 314 -6.24 -33.58 14.89
CA ASP D 314 -5.06 -34.37 15.23
C ASP D 314 -5.36 -35.36 16.34
N ILE D 315 -6.23 -34.97 17.29
CA ILE D 315 -6.68 -35.91 18.32
C ILE D 315 -7.43 -37.06 17.66
N VAL D 316 -8.29 -36.77 16.68
CA VAL D 316 -9.01 -37.81 15.97
C VAL D 316 -8.05 -38.71 15.21
N GLY D 317 -6.96 -38.15 14.69
CA GLY D 317 -5.98 -38.95 13.96
C GLY D 317 -5.23 -39.94 14.82
N PHE D 318 -5.20 -39.73 16.14
CA PHE D 318 -4.54 -40.68 17.02
C PHE D 318 -5.36 -41.94 17.23
N CYS D 319 -6.65 -41.91 16.91
CA CYS D 319 -7.46 -43.11 17.01
C CYS D 319 -7.15 -44.12 15.91
N LEU D 320 -6.46 -43.69 14.85
CA LEU D 320 -6.10 -44.59 13.78
C LEU D 320 -4.98 -45.54 14.24
N PRO D 321 -4.88 -46.73 13.64
CA PRO D 321 -3.81 -47.64 13.99
C PRO D 321 -2.45 -47.06 13.61
N PRO D 322 -1.53 -46.94 14.57
CA PRO D 322 -0.21 -46.36 14.24
C PRO D 322 0.55 -47.15 13.19
N ASP D 323 0.43 -48.48 13.20
CA ASP D 323 1.15 -49.30 12.23
C ASP D 323 0.56 -49.21 10.82
N SER D 324 -0.72 -48.84 10.71
CA SER D 324 -1.34 -48.72 9.41
C SER D 324 -0.77 -47.52 8.66
N GLY D 325 -0.63 -47.66 7.34
CA GLY D 325 -0.14 -46.58 6.53
C GLY D 325 -1.13 -45.45 6.31
N GLU D 326 -2.40 -45.66 6.66
CA GLU D 326 -3.40 -44.61 6.51
C GLU D 326 -3.10 -43.42 7.42
N ARG D 327 -2.54 -43.67 8.61
CA ARG D 327 -2.20 -42.58 9.51
C ARG D 327 -1.09 -41.70 8.94
N VAL D 328 -0.19 -42.28 8.14
CA VAL D 328 0.85 -41.48 7.50
C VAL D 328 0.23 -40.47 6.56
N SER D 329 -0.74 -40.90 5.75
CA SER D 329 -1.41 -40.00 4.83
C SER D 329 -2.15 -38.90 5.57
N PHE D 330 -2.78 -39.25 6.70
CA PHE D 330 -3.47 -38.26 7.52
C PHE D 330 -2.50 -37.20 8.03
N LYS D 331 -1.34 -37.63 8.51
CA LYS D 331 -0.34 -36.67 9.00
C LYS D 331 0.23 -35.84 7.86
N ILE D 332 0.38 -36.43 6.68
CA ILE D 332 0.84 -35.66 5.52
C ILE D 332 -0.18 -34.57 5.17
N THR D 333 -1.48 -34.92 5.18
CA THR D 333 -2.51 -33.94 4.86
C THR D 333 -2.56 -32.85 5.92
N LEU D 334 -2.38 -33.20 7.20
CA LEU D 334 -2.34 -32.16 8.23
C LEU D 334 -1.08 -31.31 8.13
N LEU D 335 0.03 -31.87 7.66
CA LEU D 335 1.21 -31.06 7.40
C LEU D 335 0.95 -30.06 6.29
N LEU D 336 0.25 -30.50 5.23
CA LEU D 336 -0.17 -29.55 4.19
C LEU D 336 -1.11 -28.50 4.76
N GLY D 337 -1.99 -28.91 5.68
CA GLY D 337 -2.89 -27.96 6.31
C GLY D 337 -2.15 -26.89 7.11
N TYR D 338 -1.13 -27.29 7.87
CA TYR D 338 -0.29 -26.32 8.56
C TYR D 338 0.47 -25.44 7.59
N SER D 339 0.94 -26.01 6.48
CA SER D 339 1.59 -25.19 5.46
C SER D 339 0.64 -24.12 4.94
N VAL D 340 -0.61 -24.47 4.67
CA VAL D 340 -1.58 -23.48 4.22
C VAL D 340 -1.87 -22.46 5.32
N PHE D 341 -2.05 -22.93 6.55
CA PHE D 341 -2.38 -22.05 7.67
C PHE D 341 -1.24 -21.10 8.02
N LEU D 342 -0.01 -21.42 7.60
CA LEU D 342 1.09 -20.49 7.80
C LEU D 342 0.84 -19.17 7.07
N ILE D 343 0.14 -19.22 5.93
CA ILE D 343 -0.22 -17.99 5.22
C ILE D 343 -1.14 -17.14 6.08
N ILE D 344 -2.14 -17.76 6.71
CA ILE D 344 -3.03 -17.03 7.61
C ILE D 344 -2.25 -16.45 8.77
N VAL D 345 -1.32 -17.23 9.34
CA VAL D 345 -0.51 -16.75 10.45
C VAL D 345 0.29 -15.52 10.05
N SER D 346 0.94 -15.58 8.88
CA SER D 346 1.75 -14.46 8.42
C SER D 346 0.89 -13.24 8.13
N ASP D 347 -0.28 -13.42 7.52
CA ASP D 347 -1.08 -12.28 7.09
C ASP D 347 -1.78 -11.61 8.26
N THR D 348 -2.30 -12.40 9.21
CA THR D 348 -3.17 -11.84 10.23
C THR D 348 -2.39 -11.20 11.37
N LEU D 349 -1.59 -11.99 12.10
CA LEU D 349 -0.94 -11.41 13.26
C LEU D 349 0.22 -10.52 12.83
N PRO D 350 0.49 -9.44 13.58
CA PRO D 350 1.48 -8.45 13.13
C PRO D 350 2.91 -8.77 13.53
N ALA D 351 3.82 -7.85 13.20
CA ALA D 351 5.23 -7.97 13.51
C ALA D 351 5.61 -6.95 14.57
N THR D 352 6.41 -7.39 15.54
CA THR D 352 6.87 -6.51 16.61
C THR D 352 8.23 -7.02 17.09
N ALA D 353 8.99 -6.12 17.71
CA ALA D 353 10.28 -6.51 18.28
C ALA D 353 10.12 -7.59 19.34
N ILE D 354 8.99 -7.59 20.06
CA ILE D 354 8.70 -8.65 21.01
C ILE D 354 8.46 -9.97 20.30
N GLY D 355 8.12 -9.95 19.02
CA GLY D 355 7.91 -11.16 18.26
C GLY D 355 6.45 -11.55 18.14
N THR D 356 6.20 -12.84 17.94
CA THR D 356 4.84 -13.33 17.83
C THR D 356 4.14 -13.25 19.19
N PRO D 357 2.81 -13.08 19.19
CA PRO D 357 2.08 -13.05 20.46
C PRO D 357 2.08 -14.39 21.18
N LEU D 358 1.43 -14.46 22.35
CA LEU D 358 1.38 -15.71 23.07
C LEU D 358 0.66 -16.80 22.29
N ILE D 359 -0.24 -16.41 21.39
CA ILE D 359 -0.92 -17.39 20.54
C ILE D 359 0.04 -17.97 19.52
N GLY D 360 0.92 -17.13 18.96
CA GLY D 360 1.83 -17.57 17.92
C GLY D 360 2.83 -18.61 18.36
N VAL D 361 3.14 -18.67 19.66
CA VAL D 361 4.04 -19.69 20.16
C VAL D 361 3.40 -21.07 20.08
N TYR D 362 2.12 -21.16 20.45
CA TYR D 362 1.45 -22.46 20.46
C TYR D 362 1.27 -23.00 19.05
N PHE D 363 1.13 -22.12 18.06
CA PHE D 363 1.04 -22.59 16.68
C PHE D 363 2.29 -23.35 16.26
N VAL D 364 3.47 -22.75 16.49
CA VAL D 364 4.71 -23.41 16.10
C VAL D 364 4.96 -24.63 17.00
N VAL D 365 4.53 -24.57 18.26
CA VAL D 365 4.68 -25.72 19.15
C VAL D 365 3.90 -26.91 18.60
N CYS D 366 2.65 -26.68 18.20
CA CYS D 366 1.82 -27.76 17.67
C CYS D 366 2.34 -28.24 16.32
N MET D 367 2.84 -27.32 15.49
CA MET D 367 3.40 -27.74 14.21
C MET D 367 4.62 -28.63 14.40
N ALA D 368 5.51 -28.24 15.33
CA ALA D 368 6.68 -29.07 15.62
C ALA D 368 6.25 -30.42 16.21
N LEU D 369 5.23 -30.41 17.07
CA LEU D 369 4.76 -31.66 17.65
C LEU D 369 4.21 -32.60 16.58
N LEU D 370 3.45 -32.07 15.63
CA LEU D 370 2.95 -32.91 14.54
C LEU D 370 4.08 -33.38 13.64
N VAL D 371 5.11 -32.56 13.44
CA VAL D 371 6.28 -33.00 12.67
C VAL D 371 6.95 -34.18 13.35
N ILE D 372 7.14 -34.09 14.67
CA ILE D 372 7.74 -35.18 15.42
C ILE D 372 6.86 -36.42 15.35
N SER D 373 5.54 -36.25 15.45
CA SER D 373 4.62 -37.38 15.36
C SER D 373 4.71 -38.06 14.00
N LEU D 374 4.76 -37.26 12.93
CA LEU D 374 4.87 -37.81 11.59
C LEU D 374 6.18 -38.57 11.41
N ALA D 375 7.28 -38.00 11.89
CA ALA D 375 8.56 -38.70 11.79
C ALA D 375 8.55 -40.01 12.55
N GLU D 376 7.99 -40.01 13.76
CA GLU D 376 7.90 -41.24 14.54
C GLU D 376 7.02 -42.27 13.83
N THR D 377 5.90 -41.83 13.26
CA THR D 377 5.01 -42.76 12.56
C THR D 377 5.70 -43.38 11.36
N ILE D 378 6.45 -42.58 10.60
CA ILE D 378 7.15 -43.12 9.43
C ILE D 378 8.23 -44.09 9.87
N PHE D 379 8.95 -43.77 10.94
CA PHE D 379 9.97 -44.69 11.44
C PHE D 379 9.36 -46.01 11.87
N ILE D 380 8.22 -45.97 12.57
CA ILE D 380 7.56 -47.19 12.98
C ILE D 380 7.04 -47.97 11.78
N VAL D 381 6.57 -47.26 10.75
CA VAL D 381 6.10 -47.91 9.52
C VAL D 381 7.25 -48.67 8.87
N ARG D 382 8.43 -48.07 8.83
CA ARG D 382 9.60 -48.81 8.33
C ARG D 382 9.90 -50.02 9.21
N LEU D 383 9.92 -49.83 10.52
CA LEU D 383 10.46 -50.88 11.39
C LEU D 383 9.47 -52.01 11.67
N VAL D 384 8.19 -51.83 11.33
CA VAL D 384 7.23 -52.93 11.40
C VAL D 384 7.38 -53.80 10.17
N HIS D 385 6.67 -54.94 10.14
CA HIS D 385 6.86 -55.97 9.14
C HIS D 385 6.77 -55.46 7.70
N LYS D 386 6.31 -54.22 7.50
CA LYS D 386 6.29 -53.65 6.14
C LYS D 386 7.69 -53.62 5.54
N GLN D 387 8.69 -53.24 6.33
CA GLN D 387 10.08 -53.27 5.86
C GLN D 387 10.98 -53.97 6.85
N ASP D 388 10.55 -54.00 8.13
CA ASP D 388 11.28 -54.68 9.22
C ASP D 388 12.79 -54.72 8.98
N LEU D 389 13.27 -55.72 8.24
CA LEU D 389 14.73 -55.90 8.02
C LEU D 389 15.35 -56.42 9.33
N GLN D 390 14.58 -57.15 10.14
CA GLN D 390 15.16 -57.76 11.35
C GLN D 390 16.13 -56.83 12.08
N ARG D 391 15.80 -55.55 12.11
CA ARG D 391 16.64 -54.58 12.80
C ARG D 391 16.51 -54.74 14.30
N PRO D 392 17.59 -55.02 15.03
CA PRO D 392 17.50 -55.14 16.49
C PRO D 392 17.84 -53.85 17.22
N VAL D 393 17.28 -53.73 18.42
CA VAL D 393 17.53 -52.59 19.29
C VAL D 393 18.72 -52.93 20.20
N PRO D 394 19.44 -51.93 20.73
CA PRO D 394 20.56 -52.23 21.63
C PRO D 394 20.15 -52.92 22.92
N ASP D 395 18.86 -52.92 23.27
CA ASP D 395 18.31 -53.60 24.45
C ASP D 395 18.70 -52.89 25.74
N TRP D 396 19.51 -51.85 25.66
CA TRP D 396 19.88 -51.05 26.82
C TRP D 396 18.98 -49.83 26.96
N LEU D 397 18.94 -48.98 25.93
CA LEU D 397 17.96 -47.90 25.91
C LEU D 397 16.54 -48.46 25.95
N ARG D 398 16.33 -49.67 25.42
CA ARG D 398 15.01 -50.27 25.47
C ARG D 398 14.54 -50.50 26.90
N HIS D 399 15.37 -51.16 27.72
CA HIS D 399 14.95 -51.41 29.09
C HIS D 399 14.96 -50.13 29.91
N LEU D 400 15.83 -49.18 29.60
CA LEU D 400 15.77 -47.88 30.27
C LEU D 400 14.43 -47.20 30.02
N VAL D 401 14.00 -47.16 28.76
CA VAL D 401 12.73 -46.54 28.42
C VAL D 401 11.58 -47.29 29.08
N LEU D 402 11.64 -48.63 29.07
CA LEU D 402 10.60 -49.43 29.71
C LEU D 402 10.51 -49.12 31.20
N ASP D 403 11.66 -48.97 31.86
CA ASP D 403 11.66 -48.57 33.27
C ASP D 403 11.05 -47.19 33.46
N ARG D 404 11.33 -46.27 32.52
CA ARG D 404 10.73 -44.94 32.61
C ARG D 404 9.20 -45.02 32.49
N ILE D 405 8.70 -45.88 31.60
CA ILE D 405 7.26 -46.00 31.40
C ILE D 405 6.59 -46.58 32.65
N ALA D 406 7.34 -47.32 33.47
CA ALA D 406 6.78 -48.09 34.58
C ALA D 406 5.96 -47.23 35.53
N TRP D 407 6.30 -45.94 35.65
CA TRP D 407 5.52 -45.02 36.47
C TRP D 407 5.01 -43.89 35.58
N ILE D 408 3.88 -43.32 35.98
CA ILE D 408 3.13 -42.42 35.11
C ILE D 408 3.92 -41.15 34.78
N GLU D 497 7.41 -62.33 13.16
CA GLU D 497 8.70 -62.17 13.83
C GLU D 497 9.14 -60.71 13.84
N VAL D 498 9.89 -60.32 14.88
CA VAL D 498 10.19 -58.93 15.17
C VAL D 498 8.88 -58.15 15.27
N ALA D 499 8.07 -58.49 16.26
CA ALA D 499 6.79 -57.82 16.48
C ALA D 499 6.76 -57.06 17.80
N ARG D 500 7.05 -57.74 18.92
CA ARG D 500 7.07 -57.07 20.22
C ARG D 500 8.24 -56.09 20.35
N ASP D 501 9.30 -56.29 19.56
CA ASP D 501 10.46 -55.41 19.63
C ASP D 501 10.09 -53.99 19.23
N TRP D 502 9.27 -53.83 18.21
CA TRP D 502 8.95 -52.51 17.65
C TRP D 502 7.52 -52.06 17.90
N LEU D 503 6.56 -52.97 17.86
CA LEU D 503 5.16 -52.57 18.02
C LEU D 503 4.91 -51.96 19.40
N ARG D 504 5.44 -52.59 20.45
CA ARG D 504 5.20 -52.09 21.81
C ARG D 504 5.82 -50.71 22.01
N VAL D 505 7.06 -50.53 21.57
CA VAL D 505 7.73 -49.25 21.76
C VAL D 505 7.06 -48.17 20.91
N GLY D 506 6.64 -48.50 19.70
CA GLY D 506 5.91 -47.53 18.89
C GLY D 506 4.60 -47.13 19.52
N TYR D 507 3.86 -48.10 20.05
CA TYR D 507 2.58 -47.80 20.68
C TYR D 507 2.76 -46.93 21.91
N VAL D 508 3.75 -47.24 22.76
CA VAL D 508 3.92 -46.46 23.98
C VAL D 508 4.43 -45.05 23.66
N LEU D 509 5.31 -44.93 22.65
CA LEU D 509 5.75 -43.60 22.24
C LEU D 509 4.60 -42.79 21.66
N ASP D 510 3.72 -43.45 20.88
CA ASP D 510 2.56 -42.75 20.35
C ASP D 510 1.62 -42.29 21.45
N ARG D 511 1.41 -43.13 22.46
CA ARG D 511 0.58 -42.72 23.59
C ARG D 511 1.21 -41.54 24.34
N LEU D 512 2.53 -41.57 24.54
CA LEU D 512 3.19 -40.46 25.21
C LEU D 512 3.05 -39.17 24.41
N LEU D 513 3.22 -39.25 23.09
CA LEU D 513 3.10 -38.06 22.26
C LEU D 513 1.66 -37.57 22.22
N PHE D 514 0.68 -38.48 22.25
CA PHE D 514 -0.72 -38.08 22.32
C PHE D 514 -1.01 -37.35 23.61
N ARG D 515 -0.46 -37.83 24.73
CA ARG D 515 -0.61 -37.13 26.00
C ARG D 515 0.01 -35.75 25.93
N ILE D 516 1.20 -35.63 25.34
CA ILE D 516 1.85 -34.33 25.20
C ILE D 516 0.99 -33.39 24.36
N TYR D 517 0.42 -33.89 23.27
CA TYR D 517 -0.38 -33.04 22.39
C TYR D 517 -1.67 -32.61 23.07
N LEU D 518 -2.29 -33.51 23.84
CA LEU D 518 -3.48 -33.14 24.59
C LEU D 518 -3.15 -32.09 25.65
N LEU D 519 -1.98 -32.21 26.28
CA LEU D 519 -1.55 -31.17 27.22
C LEU D 519 -1.37 -29.83 26.51
N ALA D 520 -0.81 -29.85 25.30
CA ALA D 520 -0.67 -28.62 24.53
C ALA D 520 -2.04 -28.01 24.20
N VAL D 521 -3.00 -28.86 23.84
CA VAL D 521 -4.36 -28.37 23.54
C VAL D 521 -4.98 -27.75 24.78
N LEU D 522 -4.81 -28.38 25.94
CA LEU D 522 -5.33 -27.82 27.19
C LEU D 522 -4.67 -26.48 27.49
N ALA D 523 -3.36 -26.38 27.27
CA ALA D 523 -2.68 -25.10 27.48
C ALA D 523 -3.22 -24.03 26.55
N TYR D 524 -3.49 -24.39 25.30
CA TYR D 524 -4.08 -23.44 24.35
C TYR D 524 -5.45 -22.97 24.82
N SER D 525 -6.29 -23.91 25.27
CA SER D 525 -7.62 -23.53 25.74
C SER D 525 -7.54 -22.63 26.96
N ILE D 526 -6.64 -22.94 27.89
CA ILE D 526 -6.48 -22.11 29.09
C ILE D 526 -5.99 -20.72 28.71
N THR D 527 -5.06 -20.64 27.75
CA THR D 527 -4.56 -19.35 27.30
C THR D 527 -5.67 -18.50 26.69
N LEU D 528 -6.50 -19.10 25.83
CA LEU D 528 -7.60 -18.34 25.24
C LEU D 528 -8.61 -17.91 26.30
N VAL D 529 -8.91 -18.80 27.25
CA VAL D 529 -9.85 -18.43 28.31
C VAL D 529 -9.31 -17.24 29.12
N THR D 530 -8.03 -17.30 29.49
CA THR D 530 -7.45 -16.20 30.27
C THR D 530 -7.42 -14.91 29.47
N LEU D 531 -7.06 -14.98 28.19
CA LEU D 531 -7.01 -13.77 27.37
C LEU D 531 -8.40 -13.16 27.21
N TRP D 532 -9.41 -13.99 26.97
CA TRP D 532 -10.76 -13.45 26.82
C TRP D 532 -11.26 -12.87 28.14
N SER D 533 -10.92 -13.50 29.26
CA SER D 533 -11.33 -12.97 30.55
C SER D 533 -10.69 -11.62 30.84
N ILE D 534 -9.39 -11.49 30.53
CA ILE D 534 -8.71 -10.22 30.82
C ILE D 534 -9.15 -9.13 29.85
N TRP D 535 -9.46 -9.48 28.60
CA TRP D 535 -9.90 -8.47 27.65
C TRP D 535 -11.34 -8.04 27.92
N HIS D 536 -12.21 -8.97 28.26
CA HIS D 536 -13.59 -8.62 28.57
C HIS D 536 -13.72 -7.94 29.93
N SER D 537 -12.73 -8.10 30.80
CA SER D 537 -12.75 -7.38 32.07
C SER D 537 -12.69 -5.87 31.84
N SER D 538 -11.86 -5.43 30.90
CA SER D 538 -11.78 -4.02 30.56
C SER D 538 -12.97 -3.60 29.72
OH SRO E . -7.96 20.83 -26.69
CZ3 SRO E . -7.35 20.73 -25.43
CH2 SRO E . -7.44 19.50 -24.83
CZ2 SRO E . -6.86 19.30 -23.58
CE2 SRO E . -6.20 20.36 -22.93
NE1 SRO E . -5.57 20.45 -21.72
CD1 SRO E . -5.10 21.71 -21.58
CG SRO E . -5.44 22.41 -22.71
CD2 SRO E . -6.12 21.58 -23.54
CE3 SRO E . -6.70 21.79 -24.81
CB SRO E . -5.02 23.88 -22.79
CA SRO E . -3.54 23.94 -23.13
NZ SRO E . -3.14 25.33 -23.33
OH SRO F . 15.98 20.20 -10.20
CZ3 SRO F . 17.37 20.31 -10.20
CH2 SRO F . 17.97 20.31 -11.45
CZ2 SRO F . 19.35 20.42 -11.54
CE2 SRO F . 20.13 20.53 -10.37
NE1 SRO F . 21.49 20.64 -10.18
CD1 SRO F . 21.72 20.70 -8.84
CG SRO F . 20.50 20.64 -8.20
CD2 SRO F . 19.53 20.52 -9.15
CE3 SRO F . 18.13 20.41 -9.05
CB SRO F . 20.47 20.68 -6.68
CA SRO F . 19.88 19.39 -6.15
NZ SRO F . 19.98 19.36 -4.70
#